data_6W3Z
#
_entry.id   6W3Z
#
_cell.length_a   69.753
_cell.length_b   136.320
_cell.length_c   75.883
_cell.angle_alpha   90.000
_cell.angle_beta   92.920
_cell.angle_gamma   90.000
#
_symmetry.space_group_name_H-M   'P 1 21 1'
#
loop_
_entity.id
_entity.type
_entity.pdbx_description
1 polymer 'BMA-DHPS-1, isoform a'
2 non-polymer NICOTINAMIDE-ADENINE-DINUCLEOTIDE
3 non-polymer GLYCEROL
4 non-polymer 'CHLORIDE ION'
5 water water
#
_entity_poly.entity_id   1
_entity_poly.type   'polypeptide(L)'
_entity_poly.pdbx_seq_one_letter_code
;SMDNGNCKFDVHIAEMSVLKKSSTMPADSTIIKGYDFNEGINYDALLDQYMSTGFQASHFAQAVQQINTMLTIREEQFEG
DHTLPYPEGKQKRACTIFLGYTSNLVTSGVRENIRYLVEHDLVDCIVTSAGGVEEDLIKCLAPSYLGAFDLDGKTLRHNG
LNRAGNIIIPNNNYCQFEDWLMPILDSCELEQKNNDFSWTPSKLIDRLGAEINDKRSICYWAHRNRIPVFSPALTDGSIG
DMLYFHSFRNGGIKLDIVEDLRHINTMAVRSNRTGVILLGGGVMKHHINNANLMRNGSDYAVYVNTGQEFDGSDSGARPD
EAVSWGKVRSDCRPVKIYADATLVFPLLVAKTFARHVQQKHSELQEA
;
_entity_poly.pdbx_strand_id   A,B,C,D
#
# COMPACT_ATOMS: atom_id res chain seq x y z
N ASN A 6 7.64 9.92 43.69
CA ASN A 6 6.34 9.54 44.34
C ASN A 6 5.17 9.93 43.42
N CYS A 7 3.95 9.61 43.83
CA CYS A 7 2.73 9.86 43.07
C CYS A 7 2.49 11.29 42.62
N LYS A 8 2.68 12.24 43.53
CA LYS A 8 2.41 13.65 43.21
C LYS A 8 3.27 14.18 42.09
N PHE A 9 4.54 13.81 42.07
CA PHE A 9 5.43 14.28 41.02
C PHE A 9 5.10 13.68 39.66
N ASP A 10 4.76 12.39 39.66
CA ASP A 10 4.39 11.65 38.42
C ASP A 10 3.33 12.45 37.65
N VAL A 11 2.20 12.74 38.30
CA VAL A 11 0.99 13.35 37.67
C VAL A 11 1.25 14.80 37.25
N HIS A 12 2.06 15.55 38.00
CA HIS A 12 2.34 16.99 37.72
C HIS A 12 3.32 17.13 36.55
N ILE A 13 4.31 16.23 36.42
CA ILE A 13 5.24 16.21 35.25
C ILE A 13 4.42 15.89 34.00
N ALA A 14 3.58 14.86 34.08
CA ALA A 14 2.73 14.36 32.98
C ALA A 14 1.80 15.48 32.49
N GLU A 15 1.14 16.19 33.40
CA GLU A 15 0.17 17.27 33.09
C GLU A 15 0.89 18.39 32.29
N MET A 16 2.14 18.69 32.60
CA MET A 16 2.94 19.76 31.92
C MET A 16 3.14 19.40 30.44
N SER A 17 3.41 18.13 30.13
CA SER A 17 3.64 17.65 28.74
C SER A 17 2.30 17.58 27.99
N VAL A 18 1.28 17.02 28.62
CA VAL A 18 -0.03 16.83 28.00
C VAL A 18 -0.93 18.07 27.90
N LEU A 19 -0.75 19.02 28.80
CA LEU A 19 -1.61 20.20 28.85
C LEU A 19 -1.06 21.48 28.23
N LYS A 20 -0.04 21.34 27.41
CA LYS A 20 0.58 22.47 26.72
C LYS A 20 -0.43 23.38 25.99
N LYS A 21 -0.27 24.68 26.17
CA LYS A 21 -1.12 25.70 25.49
C LYS A 21 -0.70 25.75 24.02
N SER A 22 -1.62 26.09 23.12
CA SER A 22 -1.42 26.09 21.65
C SER A 22 -1.52 27.51 21.09
N SER A 23 -0.71 27.82 20.07
CA SER A 23 -0.75 29.08 19.28
C SER A 23 -2.09 29.21 18.58
N THR A 24 -2.50 30.46 18.28
CA THR A 24 -3.74 30.78 17.53
C THR A 24 -3.57 30.36 16.06
N MET A 25 -4.60 29.75 15.48
CA MET A 25 -4.61 29.39 14.04
C MET A 25 -4.90 30.65 13.22
N PRO A 26 -4.37 30.76 11.97
CA PRO A 26 -4.73 31.86 11.08
C PRO A 26 -6.25 32.02 10.96
N ALA A 27 -6.72 33.25 10.71
CA ALA A 27 -8.16 33.61 10.67
C ALA A 27 -8.85 33.02 9.44
N ASP A 28 -8.08 32.70 8.38
CA ASP A 28 -8.61 32.14 7.11
C ASP A 28 -8.65 30.61 7.18
N SER A 29 -8.20 29.99 8.28
CA SER A 29 -8.07 28.51 8.45
C SER A 29 -9.41 27.84 8.16
N THR A 30 -9.38 26.69 7.45
CA THR A 30 -10.58 25.89 7.08
C THR A 30 -10.92 24.92 8.22
N ILE A 31 -12.14 25.00 8.76
CA ILE A 31 -12.68 24.11 9.82
C ILE A 31 -13.09 22.79 9.16
N ILE A 32 -12.71 21.67 9.80
CA ILE A 32 -13.10 20.31 9.32
C ILE A 32 -14.58 20.07 9.64
N LYS A 33 -15.39 19.94 8.59
CA LYS A 33 -16.85 19.70 8.65
C LYS A 33 -17.27 18.99 7.36
N GLY A 34 -17.77 17.77 7.47
CA GLY A 34 -18.31 17.00 6.33
C GLY A 34 -19.67 17.53 5.92
N TYR A 35 -20.24 16.95 4.86
CA TYR A 35 -21.58 17.29 4.32
C TYR A 35 -22.66 16.69 5.23
N ASP A 36 -23.66 17.48 5.56
CA ASP A 36 -24.82 17.10 6.42
C ASP A 36 -25.97 16.68 5.51
N PHE A 37 -26.31 15.39 5.51
CA PHE A 37 -27.37 14.81 4.64
C PHE A 37 -28.77 15.21 5.15
N ASN A 38 -28.86 15.88 6.31
CA ASN A 38 -30.14 16.51 6.76
C ASN A 38 -30.51 17.62 5.75
N GLU A 39 -29.54 18.17 5.03
CA GLU A 39 -29.78 19.21 3.97
C GLU A 39 -30.28 18.55 2.67
N GLY A 40 -30.38 17.22 2.62
CA GLY A 40 -30.82 16.47 1.42
C GLY A 40 -29.64 16.02 0.57
N ILE A 41 -29.92 15.19 -0.45
CA ILE A 41 -28.90 14.56 -1.34
C ILE A 41 -28.59 15.53 -2.50
N ASN A 42 -27.56 16.36 -2.33
CA ASN A 42 -27.04 17.33 -3.33
C ASN A 42 -25.59 16.96 -3.63
N TYR A 43 -25.32 16.27 -4.74
CA TYR A 43 -23.99 15.69 -5.05
C TYR A 43 -22.97 16.81 -5.28
N ASP A 44 -23.37 17.93 -5.90
CA ASP A 44 -22.45 19.07 -6.21
C ASP A 44 -21.97 19.68 -4.89
N ALA A 45 -22.87 19.90 -3.93
CA ALA A 45 -22.55 20.46 -2.60
C ALA A 45 -21.69 19.48 -1.80
N LEU A 46 -22.09 18.20 -1.78
CA LEU A 46 -21.32 17.10 -1.13
C LEU A 46 -19.86 17.15 -1.59
N LEU A 47 -19.62 17.21 -2.90
CA LEU A 47 -18.24 17.11 -3.47
C LEU A 47 -17.48 18.43 -3.24
N ASP A 48 -18.17 19.58 -3.19
CA ASP A 48 -17.55 20.87 -2.79
C ASP A 48 -17.01 20.74 -1.36
N GLN A 49 -17.80 20.15 -0.45
CA GLN A 49 -17.46 20.06 0.99
C GLN A 49 -16.44 18.95 1.24
N TYR A 50 -16.03 18.21 0.20
CA TYR A 50 -14.82 17.33 0.28
C TYR A 50 -13.62 18.19 0.71
N MET A 51 -13.61 19.48 0.38
CA MET A 51 -12.51 20.42 0.74
C MET A 51 -12.31 20.45 2.26
N SER A 52 -13.41 20.46 3.03
CA SER A 52 -13.36 20.58 4.51
C SER A 52 -13.50 19.19 5.16
N THR A 53 -13.36 18.11 4.40
CA THR A 53 -13.49 16.72 4.90
C THR A 53 -12.11 16.18 5.30
N GLY A 54 -11.04 16.55 4.59
CA GLY A 54 -9.66 16.19 4.94
C GLY A 54 -9.19 14.93 4.23
N PHE A 55 -7.94 14.53 4.50
CA PHE A 55 -7.23 13.40 3.83
C PHE A 55 -7.44 13.54 2.31
N GLN A 56 -7.73 12.45 1.60
CA GLN A 56 -7.77 12.46 0.11
C GLN A 56 -9.00 13.22 -0.40
N ALA A 57 -10.07 13.31 0.40
CA ALA A 57 -11.28 14.09 0.04
C ALA A 57 -10.89 15.54 -0.25
N SER A 58 -10.03 16.13 0.58
CA SER A 58 -9.53 17.52 0.40
C SER A 58 -8.73 17.61 -0.92
N HIS A 59 -7.91 16.60 -1.20
CA HIS A 59 -7.13 16.51 -2.46
C HIS A 59 -8.07 16.44 -3.67
N PHE A 60 -9.19 15.71 -3.56
CA PHE A 60 -10.22 15.65 -4.63
C PHE A 60 -10.69 17.09 -4.94
N ALA A 61 -11.05 17.84 -3.90
CA ALA A 61 -11.61 19.20 -4.03
C ALA A 61 -10.55 20.15 -4.63
N GLN A 62 -9.29 20.00 -4.23
CA GLN A 62 -8.16 20.81 -4.76
C GLN A 62 -7.93 20.47 -6.25
N ALA A 63 -8.11 19.20 -6.64
CA ALA A 63 -7.90 18.72 -8.02
C ALA A 63 -8.98 19.31 -8.94
N VAL A 64 -10.23 19.38 -8.47
CA VAL A 64 -11.36 20.02 -9.19
C VAL A 64 -10.97 21.47 -9.52
N GLN A 65 -10.45 22.21 -8.54
CA GLN A 65 -10.03 23.63 -8.69
C GLN A 65 -8.92 23.75 -9.72
N GLN A 66 -7.91 22.88 -9.66
CA GLN A 66 -6.75 22.90 -10.58
C GLN A 66 -7.20 22.65 -12.04
N ILE A 67 -8.05 21.64 -12.26
CA ILE A 67 -8.52 21.28 -13.64
C ILE A 67 -9.43 22.40 -14.16
N ASN A 68 -10.32 22.94 -13.32
CA ASN A 68 -11.21 24.06 -13.71
C ASN A 68 -10.37 25.30 -14.05
N THR A 69 -9.23 25.50 -13.38
CA THR A 69 -8.27 26.60 -13.71
C THR A 69 -7.70 26.36 -15.11
N MET A 70 -7.22 25.14 -15.40
CA MET A 70 -6.69 24.74 -16.73
C MET A 70 -7.73 25.05 -17.82
N LEU A 71 -8.96 24.56 -17.63
CA LEU A 71 -10.06 24.65 -18.63
C LEU A 71 -10.42 26.13 -18.84
N THR A 72 -10.41 26.93 -17.78
CA THR A 72 -10.73 28.39 -17.81
C THR A 72 -9.67 29.11 -18.63
N ILE A 73 -8.39 28.96 -18.26
CA ILE A 73 -7.24 29.63 -18.95
C ILE A 73 -7.23 29.23 -20.43
N ARG A 74 -7.54 27.96 -20.72
CA ARG A 74 -7.52 27.37 -22.09
C ARG A 74 -8.49 28.12 -23.02
N GLU A 75 -9.55 28.73 -22.49
CA GLU A 75 -10.57 29.48 -23.27
C GLU A 75 -10.11 30.92 -23.52
N GLU A 76 -9.06 31.39 -22.84
CA GLU A 76 -8.62 32.81 -22.89
C GLU A 76 -7.83 33.10 -24.17
N GLN A 77 -7.76 34.39 -24.53
CA GLN A 77 -6.90 34.92 -25.62
C GLN A 77 -5.47 34.98 -25.10
N PHE A 78 -4.49 34.83 -25.98
CA PHE A 78 -3.08 34.88 -25.67
C PHE A 78 -2.31 35.52 -26.82
N GLU A 79 -1.01 35.68 -26.66
CA GLU A 79 -0.16 36.32 -27.66
C GLU A 79 0.79 35.38 -28.37
N GLY A 80 1.04 35.66 -29.65
CA GLY A 80 1.98 34.87 -30.43
C GLY A 80 1.37 33.97 -31.48
N ASP A 81 2.12 32.93 -31.83
CA ASP A 81 1.68 31.93 -32.84
C ASP A 81 0.49 31.14 -32.26
N HIS A 82 -0.63 31.05 -33.00
CA HIS A 82 -1.87 30.32 -32.59
C HIS A 82 -1.95 28.97 -33.29
N THR A 83 -0.83 28.49 -33.83
CA THR A 83 -0.70 27.16 -34.49
C THR A 83 0.44 26.39 -33.81
N LEU A 84 0.32 25.07 -33.74
CA LEU A 84 1.38 24.13 -33.31
C LEU A 84 1.84 23.36 -34.54
N PRO A 85 3.14 22.98 -34.63
CA PRO A 85 3.65 22.30 -35.81
C PRO A 85 3.11 20.86 -36.00
N TYR A 86 2.75 20.16 -34.92
CA TYR A 86 2.37 18.72 -35.00
C TYR A 86 1.16 18.43 -34.12
N PRO A 87 0.10 17.77 -34.65
CA PRO A 87 -0.02 17.48 -36.08
C PRO A 87 -0.15 18.76 -36.94
N GLU A 88 -0.01 18.62 -38.26
CA GLU A 88 -0.13 19.77 -39.22
C GLU A 88 -1.49 20.44 -38.99
N GLY A 89 -1.46 21.77 -38.78
CA GLY A 89 -2.66 22.61 -38.67
C GLY A 89 -3.38 22.50 -37.34
N LYS A 90 -2.71 22.02 -36.29
CA LYS A 90 -3.27 21.99 -34.91
C LYS A 90 -3.31 23.42 -34.36
N GLN A 91 -4.46 23.84 -33.83
CA GLN A 91 -4.67 25.14 -33.15
C GLN A 91 -4.05 25.08 -31.75
N LYS A 92 -3.26 26.09 -31.39
CA LYS A 92 -2.73 26.30 -30.02
C LYS A 92 -3.81 27.05 -29.21
N ARG A 93 -3.98 26.66 -27.94
CA ARG A 93 -4.82 27.36 -26.93
C ARG A 93 -3.90 28.02 -25.91
N ALA A 94 -4.46 28.82 -25.02
CA ALA A 94 -3.73 29.58 -23.98
C ALA A 94 -3.08 28.61 -22.99
N CYS A 95 -3.66 27.41 -22.81
CA CYS A 95 -3.10 26.29 -22.01
C CYS A 95 -3.18 25.00 -22.83
N THR A 96 -2.05 24.32 -23.00
CA THR A 96 -1.98 22.95 -23.58
C THR A 96 -2.16 21.93 -22.46
N ILE A 97 -3.22 21.12 -22.53
CA ILE A 97 -3.49 20.07 -21.52
C ILE A 97 -2.98 18.73 -22.06
N PHE A 98 -2.02 18.14 -21.34
CA PHE A 98 -1.51 16.77 -21.57
C PHE A 98 -2.30 15.81 -20.69
N LEU A 99 -2.99 14.85 -21.31
CA LEU A 99 -3.71 13.78 -20.59
C LEU A 99 -2.88 12.51 -20.72
N GLY A 100 -2.53 11.89 -19.58
CA GLY A 100 -1.84 10.60 -19.50
C GLY A 100 -2.69 9.60 -18.76
N TYR A 101 -2.75 8.28 -19.11
CA TYR A 101 -3.54 7.28 -18.43
C TYR A 101 -2.93 5.92 -18.76
N THR A 102 -3.03 4.97 -17.85
CA THR A 102 -2.46 3.64 -18.05
C THR A 102 -3.41 2.74 -18.86
N SER A 103 -2.90 1.59 -19.30
CA SER A 103 -3.67 0.64 -20.10
C SER A 103 -4.87 0.10 -19.37
N ASN A 104 -4.72 -0.18 -18.07
CA ASN A 104 -5.83 -0.72 -17.29
C ASN A 104 -7.03 0.21 -17.25
N LEU A 105 -6.78 1.51 -17.32
CA LEU A 105 -7.84 2.50 -17.33
C LEU A 105 -8.70 2.36 -18.59
N VAL A 106 -8.06 2.04 -19.72
CA VAL A 106 -8.78 1.84 -20.97
C VAL A 106 -9.51 0.50 -20.90
N THR A 107 -8.90 -0.45 -20.19
CA THR A 107 -9.51 -1.75 -19.92
C THR A 107 -10.77 -1.58 -19.06
N SER A 108 -10.79 -0.57 -18.20
CA SER A 108 -11.94 -0.30 -17.37
C SER A 108 -12.96 0.57 -18.09
N GLY A 109 -14.04 0.89 -17.39
CA GLY A 109 -15.12 1.70 -17.93
C GLY A 109 -14.77 3.17 -18.03
N VAL A 110 -13.57 3.51 -17.58
CA VAL A 110 -13.05 4.88 -17.63
C VAL A 110 -12.91 5.39 -19.05
N ARG A 111 -12.55 4.49 -19.97
CA ARG A 111 -12.43 4.77 -21.39
C ARG A 111 -13.55 5.66 -21.92
N GLU A 112 -14.78 5.41 -21.47
CA GLU A 112 -15.93 6.26 -21.90
C GLU A 112 -15.72 7.70 -21.42
N ASN A 113 -15.07 7.88 -20.26
CA ASN A 113 -14.82 9.21 -19.66
C ASN A 113 -13.69 9.90 -20.43
N ILE A 114 -12.65 9.15 -20.81
CA ILE A 114 -11.55 9.70 -21.58
C ILE A 114 -12.04 10.04 -22.99
N ARG A 115 -12.86 9.16 -23.56
CA ARG A 115 -13.41 9.36 -24.93
C ARG A 115 -14.19 10.68 -24.97
N TYR A 116 -15.04 10.92 -23.98
CA TYR A 116 -15.83 12.18 -23.84
C TYR A 116 -14.88 13.40 -23.87
N LEU A 117 -13.78 13.36 -23.11
CA LEU A 117 -12.79 14.47 -23.05
C LEU A 117 -12.24 14.73 -24.46
N VAL A 118 -11.81 13.68 -25.16
CA VAL A 118 -11.12 13.78 -26.48
C VAL A 118 -12.14 14.20 -27.53
N GLU A 119 -13.33 13.60 -27.50
CA GLU A 119 -14.47 13.89 -28.41
C GLU A 119 -14.80 15.39 -28.39
N HIS A 120 -14.87 16.01 -27.20
CA HIS A 120 -15.24 17.43 -27.04
C HIS A 120 -13.99 18.32 -27.05
N ASP A 121 -12.84 17.78 -27.43
CA ASP A 121 -11.64 18.58 -27.77
C ASP A 121 -11.21 19.40 -26.54
N LEU A 122 -11.20 18.77 -25.36
CA LEU A 122 -10.92 19.41 -24.04
C LEU A 122 -9.48 19.13 -23.59
N VAL A 123 -8.74 18.30 -24.33
CA VAL A 123 -7.27 18.08 -24.11
C VAL A 123 -6.58 18.19 -25.47
N ASP A 124 -5.27 18.45 -25.44
CA ASP A 124 -4.46 18.84 -26.61
C ASP A 124 -3.50 17.70 -26.99
N CYS A 125 -3.10 16.87 -26.02
CA CYS A 125 -2.07 15.82 -26.20
C CYS A 125 -2.37 14.62 -25.30
N ILE A 126 -2.19 13.41 -25.82
CA ILE A 126 -2.36 12.15 -25.06
C ILE A 126 -1.04 11.38 -25.06
N VAL A 127 -0.69 10.82 -23.90
CA VAL A 127 0.36 9.77 -23.79
C VAL A 127 -0.26 8.58 -23.06
N THR A 128 -0.16 7.40 -23.68
CA THR A 128 -0.63 6.12 -23.11
C THR A 128 0.29 5.01 -23.60
N SER A 129 0.14 3.84 -23.01
CA SER A 129 0.94 2.70 -23.33
C SER A 129 0.31 1.94 -24.49
N ALA A 130 0.94 0.85 -24.92
CA ALA A 130 0.39 0.08 -26.02
C ALA A 130 -0.98 -0.44 -25.67
N GLY A 131 -1.15 -0.96 -24.46
CA GLY A 131 -2.43 -1.46 -24.03
C GLY A 131 -3.53 -0.42 -24.14
N GLY A 132 -3.29 0.84 -23.70
CA GLY A 132 -4.22 1.99 -23.76
C GLY A 132 -4.73 2.23 -25.17
N VAL A 133 -3.93 1.96 -26.20
CA VAL A 133 -4.35 2.10 -27.57
C VAL A 133 -5.11 0.85 -28.01
N GLU A 134 -4.56 -0.32 -27.74
CA GLU A 134 -5.19 -1.58 -28.15
C GLU A 134 -6.56 -1.84 -27.61
N GLU A 135 -6.70 -1.74 -26.30
CA GLU A 135 -7.97 -2.08 -25.66
C GLU A 135 -9.09 -1.24 -26.22
N ASP A 136 -8.81 0.03 -26.42
CA ASP A 136 -9.79 0.94 -26.94
C ASP A 136 -10.22 0.53 -28.35
N LEU A 137 -9.27 0.15 -29.18
CA LEU A 137 -9.59 -0.34 -30.53
C LEU A 137 -10.32 -1.68 -30.50
N ILE A 138 -9.87 -2.55 -29.62
CA ILE A 138 -10.42 -3.90 -29.48
C ILE A 138 -11.84 -3.97 -28.94
N LYS A 139 -12.26 -2.89 -28.26
CA LYS A 139 -13.61 -2.74 -27.65
C LYS A 139 -14.63 -2.35 -28.73
N CYS A 140 -14.19 -1.98 -29.92
CA CYS A 140 -15.12 -1.68 -30.97
C CYS A 140 -15.47 -3.02 -31.61
N LEU A 141 -14.47 -3.88 -31.76
CA LEU A 141 -14.66 -5.23 -32.29
C LEU A 141 -15.44 -6.22 -31.39
N ALA A 142 -15.15 -6.21 -30.10
CA ALA A 142 -15.78 -7.11 -29.13
C ALA A 142 -15.69 -6.56 -27.71
N PRO A 143 -16.56 -7.04 -26.80
CA PRO A 143 -16.53 -6.48 -25.46
C PRO A 143 -15.64 -7.19 -24.45
N SER A 144 -15.51 -6.55 -23.29
CA SER A 144 -14.75 -7.04 -22.16
C SER A 144 -15.79 -7.26 -21.06
N TYR A 145 -15.56 -8.24 -20.20
CA TYR A 145 -16.52 -8.57 -19.16
C TYR A 145 -16.00 -8.44 -17.75
N LEU A 146 -16.91 -8.27 -16.81
CA LEU A 146 -16.56 -8.17 -15.41
C LEU A 146 -16.45 -9.57 -14.82
N GLY A 147 -15.30 -9.86 -14.20
CA GLY A 147 -15.07 -11.13 -13.57
C GLY A 147 -14.74 -10.87 -12.12
N ALA A 148 -13.61 -11.41 -11.68
CA ALA A 148 -13.13 -11.23 -10.29
C ALA A 148 -11.60 -11.34 -10.24
N PHE A 149 -10.98 -10.78 -9.19
CA PHE A 149 -9.51 -10.77 -8.99
C PHE A 149 -9.01 -12.18 -8.67
N ASP A 150 -9.84 -13.01 -8.03
CA ASP A 150 -9.44 -14.31 -7.39
C ASP A 150 -9.64 -15.50 -8.36
N LEU A 151 -9.87 -15.27 -9.66
CA LEU A 151 -10.06 -16.35 -10.65
C LEU A 151 -8.72 -17.02 -10.95
N ASP A 152 -8.72 -18.37 -11.05
CA ASP A 152 -7.50 -19.20 -11.17
C ASP A 152 -6.89 -19.08 -12.58
N GLY A 153 -5.58 -18.82 -12.66
CA GLY A 153 -4.82 -18.58 -13.90
C GLY A 153 -4.86 -19.75 -14.87
N LYS A 154 -4.58 -20.97 -14.39
CA LYS A 154 -4.55 -22.22 -15.19
C LYS A 154 -5.94 -22.47 -15.82
N THR A 155 -7.01 -22.33 -15.04
CA THR A 155 -8.42 -22.54 -15.47
C THR A 155 -8.78 -21.51 -16.54
N LEU A 156 -8.46 -20.23 -16.31
CA LEU A 156 -8.71 -19.12 -17.26
C LEU A 156 -7.93 -19.35 -18.56
N ARG A 157 -6.67 -19.77 -18.45
CA ARG A 157 -5.78 -20.00 -19.63
C ARG A 157 -6.36 -21.14 -20.49
N HIS A 158 -6.79 -22.22 -19.88
CA HIS A 158 -7.36 -23.34 -20.62
C HIS A 158 -8.57 -22.87 -21.41
N ASN A 159 -9.24 -21.84 -20.91
CA ASN A 159 -10.41 -21.29 -21.56
C ASN A 159 -10.12 -20.08 -22.46
N GLY A 160 -8.85 -19.70 -22.55
CA GLY A 160 -8.45 -18.58 -23.36
C GLY A 160 -8.99 -17.25 -22.88
N LEU A 161 -9.26 -17.17 -21.58
CA LEU A 161 -9.80 -15.95 -20.94
C LEU A 161 -8.67 -15.23 -20.21
N ASN A 162 -8.29 -14.05 -20.72
CA ASN A 162 -7.19 -13.21 -20.16
C ASN A 162 -7.81 -12.37 -19.04
N ARG A 163 -7.11 -12.26 -17.90
CA ARG A 163 -7.57 -11.50 -16.72
C ARG A 163 -6.74 -10.21 -16.58
N ALA A 164 -7.41 -9.07 -16.35
CA ALA A 164 -6.83 -7.75 -16.11
C ALA A 164 -7.66 -7.31 -14.88
N GLY A 165 -7.08 -7.40 -13.69
CA GLY A 165 -7.80 -7.15 -12.42
C GLY A 165 -9.02 -8.05 -12.32
N ASN A 166 -10.21 -7.46 -12.19
CA ASN A 166 -11.50 -8.19 -12.14
C ASN A 166 -12.22 -8.08 -13.48
N ILE A 167 -11.48 -7.89 -14.57
CA ILE A 167 -12.05 -7.76 -15.91
C ILE A 167 -11.53 -8.88 -16.81
N ILE A 168 -12.42 -9.45 -17.60
CA ILE A 168 -12.09 -10.53 -18.52
C ILE A 168 -12.09 -10.10 -19.98
N ILE A 169 -10.98 -10.33 -20.67
CA ILE A 169 -10.82 -10.05 -22.12
C ILE A 169 -10.63 -11.40 -22.81
N PRO A 170 -11.71 -11.99 -23.37
CA PRO A 170 -11.62 -13.26 -24.09
C PRO A 170 -10.57 -13.17 -25.21
N ASN A 171 -9.76 -14.22 -25.41
CA ASN A 171 -8.62 -14.18 -26.37
C ASN A 171 -9.13 -14.08 -27.83
N ASN A 172 -10.38 -14.46 -28.11
CA ASN A 172 -10.98 -14.28 -29.46
C ASN A 172 -10.98 -12.79 -29.84
N ASN A 173 -11.09 -11.90 -28.84
CA ASN A 173 -11.00 -10.42 -29.02
C ASN A 173 -9.70 -10.07 -29.74
N TYR A 174 -8.58 -10.70 -29.37
CA TYR A 174 -7.23 -10.47 -29.94
C TYR A 174 -7.13 -11.12 -31.33
N CYS A 175 -7.78 -12.25 -31.52
CA CYS A 175 -7.80 -12.92 -32.80
C CYS A 175 -8.50 -12.01 -33.79
N GLN A 176 -9.59 -11.39 -33.35
CA GLN A 176 -10.32 -10.45 -34.18
C GLN A 176 -9.44 -9.25 -34.51
N PHE A 177 -8.70 -8.79 -33.51
CA PHE A 177 -7.81 -7.64 -33.65
C PHE A 177 -6.78 -7.90 -34.75
N GLU A 178 -6.18 -9.08 -34.72
CA GLU A 178 -5.18 -9.53 -35.73
C GLU A 178 -5.79 -9.44 -37.13
N ASP A 179 -6.98 -10.01 -37.35
CA ASP A 179 -7.69 -10.00 -38.65
C ASP A 179 -7.83 -8.56 -39.13
N TRP A 180 -8.20 -7.66 -38.22
CA TRP A 180 -8.47 -6.23 -38.52
C TRP A 180 -7.16 -5.48 -38.81
N LEU A 181 -6.08 -5.76 -38.07
CA LEU A 181 -4.85 -4.93 -38.06
C LEU A 181 -3.93 -5.29 -39.24
N MET A 182 -3.77 -6.57 -39.56
CA MET A 182 -2.79 -7.08 -40.56
C MET A 182 -2.95 -6.34 -41.89
N PRO A 183 -4.17 -6.21 -42.46
CA PRO A 183 -4.35 -5.46 -43.72
C PRO A 183 -3.88 -4.01 -43.63
N ILE A 184 -4.08 -3.34 -42.48
CA ILE A 184 -3.65 -1.93 -42.25
C ILE A 184 -2.12 -1.88 -42.25
N LEU A 185 -1.45 -2.85 -41.60
CA LEU A 185 0.03 -2.92 -41.52
C LEU A 185 0.61 -3.18 -42.92
N ASP A 186 -0.07 -3.97 -43.76
CA ASP A 186 0.32 -4.22 -45.18
C ASP A 186 0.36 -2.88 -45.91
N SER A 187 -0.68 -2.05 -45.77
CA SER A 187 -0.77 -0.71 -46.40
C SER A 187 0.35 0.20 -45.88
N CYS A 188 0.57 0.20 -44.58
CA CYS A 188 1.60 1.03 -43.97
C CYS A 188 2.99 0.71 -44.50
N GLU A 189 3.31 -0.57 -44.56
CA GLU A 189 4.60 -1.01 -45.06
C GLU A 189 4.79 -0.59 -46.50
N LEU A 190 3.71 -0.68 -47.27
CA LEU A 190 3.75 -0.29 -48.67
C LEU A 190 4.05 1.20 -48.80
N GLU A 191 3.45 2.00 -47.93
CA GLU A 191 3.67 3.44 -47.93
C GLU A 191 5.09 3.75 -47.50
N GLN A 192 5.64 2.92 -46.62
CA GLN A 192 7.04 3.06 -46.17
C GLN A 192 7.99 2.81 -47.36
N LYS A 193 7.80 1.70 -48.09
CA LYS A 193 8.67 1.24 -49.20
C LYS A 193 8.54 2.20 -50.39
N ASN A 194 7.32 2.56 -50.79
CA ASN A 194 7.07 3.33 -52.05
C ASN A 194 7.31 4.83 -51.82
N ASN A 195 6.83 5.39 -50.72
CA ASN A 195 6.77 6.87 -50.49
C ASN A 195 7.87 7.31 -49.53
N ASP A 196 8.75 6.40 -49.11
CA ASP A 196 9.89 6.69 -48.21
C ASP A 196 9.35 7.34 -46.93
N PHE A 197 8.19 6.89 -46.45
CA PHE A 197 7.48 7.45 -45.26
C PHE A 197 8.08 6.83 -43.98
N SER A 198 8.40 7.66 -42.99
CA SER A 198 8.93 7.24 -41.66
C SER A 198 7.79 7.19 -40.63
N TRP A 199 7.37 5.97 -40.27
CA TRP A 199 6.34 5.72 -39.23
C TRP A 199 6.91 6.02 -37.85
N THR A 200 6.09 6.67 -37.02
CA THR A 200 6.28 6.84 -35.56
C THR A 200 5.03 6.28 -34.87
N PRO A 201 5.09 5.96 -33.57
CA PRO A 201 3.90 5.52 -32.84
C PRO A 201 2.69 6.45 -33.05
N SER A 202 2.88 7.77 -32.91
CA SER A 202 1.80 8.79 -33.02
C SER A 202 1.16 8.73 -34.41
N LYS A 203 1.99 8.61 -35.46
CA LYS A 203 1.52 8.51 -36.86
C LYS A 203 0.68 7.23 -37.02
N LEU A 204 1.18 6.11 -36.50
CA LEU A 204 0.49 4.79 -36.61
C LEU A 204 -0.84 4.85 -35.84
N ILE A 205 -0.85 5.46 -34.64
CA ILE A 205 -2.07 5.52 -33.78
C ILE A 205 -3.10 6.44 -34.46
N ASP A 206 -2.65 7.53 -35.08
CA ASP A 206 -3.53 8.42 -35.89
C ASP A 206 -4.22 7.58 -36.97
N ARG A 207 -3.47 6.72 -37.65
CA ARG A 207 -3.96 5.87 -38.76
C ARG A 207 -4.99 4.86 -38.22
N LEU A 208 -4.70 4.18 -37.12
CA LEU A 208 -5.60 3.15 -36.53
C LEU A 208 -6.90 3.82 -36.07
N GLY A 209 -6.82 5.05 -35.58
CA GLY A 209 -8.00 5.87 -35.23
C GLY A 209 -8.87 6.12 -36.46
N ALA A 210 -8.25 6.51 -37.59
CA ALA A 210 -8.95 6.78 -38.85
C ALA A 210 -9.62 5.48 -39.34
N GLU A 211 -8.92 4.36 -39.27
CA GLU A 211 -9.38 3.04 -39.77
C GLU A 211 -10.56 2.54 -38.92
N ILE A 212 -10.49 2.64 -37.59
CA ILE A 212 -11.54 2.06 -36.70
C ILE A 212 -12.88 2.76 -37.00
N ASN A 213 -12.86 4.07 -37.24
CA ASN A 213 -14.00 4.85 -37.78
C ASN A 213 -15.24 4.58 -36.92
N ASP A 214 -15.09 4.70 -35.60
CA ASP A 214 -16.10 4.31 -34.58
C ASP A 214 -16.14 5.39 -33.51
N LYS A 215 -17.32 5.98 -33.28
CA LYS A 215 -17.49 7.16 -32.40
C LYS A 215 -17.40 6.75 -30.92
N ARG A 216 -17.23 5.47 -30.62
CA ARG A 216 -17.00 4.94 -29.25
C ARG A 216 -15.50 4.94 -28.91
N SER A 217 -14.62 5.15 -29.90
CA SER A 217 -13.15 4.99 -29.78
C SER A 217 -12.48 6.32 -29.41
N ILE A 218 -11.61 6.31 -28.40
CA ILE A 218 -10.73 7.46 -28.03
C ILE A 218 -9.83 7.80 -29.22
N CYS A 219 -9.21 6.77 -29.82
CA CYS A 219 -8.24 6.91 -30.94
C CYS A 219 -8.92 7.54 -32.16
N TYR A 220 -10.16 7.14 -32.45
CA TYR A 220 -10.97 7.75 -33.53
C TYR A 220 -11.08 9.26 -33.28
N TRP A 221 -11.51 9.67 -32.09
CA TRP A 221 -11.74 11.10 -31.77
C TRP A 221 -10.39 11.85 -31.74
N ALA A 222 -9.32 11.21 -31.28
CA ALA A 222 -7.97 11.82 -31.27
C ALA A 222 -7.55 12.17 -32.70
N HIS A 223 -7.73 11.23 -33.63
CA HIS A 223 -7.49 11.44 -35.09
C HIS A 223 -8.34 12.61 -35.58
N ARG A 224 -9.65 12.55 -35.34
CA ARG A 224 -10.64 13.54 -35.84
C ARG A 224 -10.28 14.95 -35.34
N ASN A 225 -9.86 15.08 -34.09
CA ASN A 225 -9.66 16.40 -33.42
C ASN A 225 -8.17 16.78 -33.44
N ARG A 226 -7.35 16.04 -34.18
CA ARG A 226 -5.90 16.32 -34.36
C ARG A 226 -5.24 16.35 -32.98
N ILE A 227 -5.61 15.41 -32.11
CA ILE A 227 -4.97 15.22 -30.78
C ILE A 227 -3.98 14.08 -30.93
N PRO A 228 -2.65 14.37 -30.90
CA PRO A 228 -1.65 13.33 -31.11
C PRO A 228 -1.64 12.40 -29.89
N VAL A 229 -1.43 11.10 -30.15
CA VAL A 229 -1.29 10.05 -29.10
C VAL A 229 0.14 9.53 -29.19
N PHE A 230 0.95 9.75 -28.17
CA PHE A 230 2.33 9.27 -28.15
C PHE A 230 2.46 8.02 -27.29
N SER A 231 3.12 7.00 -27.83
CA SER A 231 3.36 5.74 -27.13
C SER A 231 4.75 5.18 -27.45
N PRO A 232 5.80 5.68 -26.77
CA PRO A 232 7.19 5.27 -26.99
C PRO A 232 7.45 3.76 -27.04
N ALA A 233 6.78 3.01 -26.18
CA ALA A 233 6.89 1.53 -26.10
C ALA A 233 5.66 0.87 -26.74
N LEU A 234 5.26 1.31 -27.93
CA LEU A 234 4.04 0.80 -28.64
C LEU A 234 4.21 -0.69 -28.98
N THR A 235 5.43 -1.22 -29.04
CA THR A 235 5.74 -2.64 -29.33
C THR A 235 5.39 -3.56 -28.15
N ASP A 236 5.18 -3.00 -26.96
CA ASP A 236 4.86 -3.76 -25.75
C ASP A 236 3.41 -4.20 -25.63
N GLY A 237 2.96 -5.10 -26.51
CA GLY A 237 1.59 -5.57 -26.43
C GLY A 237 1.10 -6.29 -27.67
N SER A 238 -0.21 -6.39 -27.82
CA SER A 238 -0.83 -7.05 -28.96
C SER A 238 -0.40 -6.43 -30.29
N ILE A 239 -0.30 -5.10 -30.31
CA ILE A 239 0.12 -4.41 -31.51
C ILE A 239 1.51 -4.94 -31.77
N GLY A 240 2.36 -5.03 -30.72
CA GLY A 240 3.70 -5.63 -30.77
C GLY A 240 3.65 -7.00 -31.42
N ASP A 241 2.83 -7.90 -30.86
CA ASP A 241 2.63 -9.29 -31.34
C ASP A 241 2.37 -9.26 -32.86
N MET A 242 1.44 -8.40 -33.29
CA MET A 242 1.04 -8.28 -34.72
C MET A 242 2.22 -7.75 -35.54
N LEU A 243 2.93 -6.74 -35.05
CA LEU A 243 4.12 -6.16 -35.75
C LEU A 243 5.19 -7.24 -35.90
N TYR A 244 5.35 -8.08 -34.87
CA TYR A 244 6.30 -9.23 -34.84
C TYR A 244 5.97 -10.17 -36.00
N PHE A 245 4.75 -10.73 -36.03
CA PHE A 245 4.28 -11.69 -37.05
C PHE A 245 4.37 -11.05 -38.45
N HIS A 246 3.93 -9.79 -38.54
CA HIS A 246 3.81 -9.05 -39.82
C HIS A 246 5.19 -8.85 -40.45
N GLY A 252 7.54 -5.71 -41.80
CA GLY A 252 8.82 -5.07 -42.16
C GLY A 252 8.81 -3.57 -41.94
N ILE A 253 7.91 -3.05 -41.07
CA ILE A 253 7.77 -1.59 -40.81
C ILE A 253 8.72 -1.20 -39.68
N LYS A 254 9.29 0.01 -39.77
CA LYS A 254 10.14 0.62 -38.71
C LYS A 254 9.29 1.66 -37.98
N LEU A 255 9.33 1.68 -36.65
CA LEU A 255 8.72 2.74 -35.79
C LEU A 255 9.85 3.54 -35.13
N ASP A 256 10.05 4.78 -35.57
CA ASP A 256 11.06 5.72 -35.00
C ASP A 256 10.46 6.47 -33.82
N ILE A 257 11.10 6.38 -32.65
CA ILE A 257 10.65 7.03 -31.40
C ILE A 257 11.32 8.39 -31.24
N VAL A 258 12.39 8.69 -31.99
CA VAL A 258 13.13 9.97 -31.86
C VAL A 258 12.31 11.10 -32.47
N GLU A 259 11.76 10.93 -33.66
CA GLU A 259 10.87 11.95 -34.29
C GLU A 259 9.70 12.26 -33.34
N ASP A 260 9.08 11.24 -32.73
CA ASP A 260 7.92 11.41 -31.82
C ASP A 260 8.36 12.19 -30.57
N LEU A 261 9.59 12.01 -30.13
CA LEU A 261 10.04 12.73 -28.97
C LEU A 261 10.18 14.20 -29.32
N ARG A 262 10.66 14.50 -30.52
CA ARG A 262 10.78 15.89 -30.95
C ARG A 262 9.42 16.55 -31.00
N HIS A 263 8.41 15.81 -31.48
CA HIS A 263 7.05 16.33 -31.57
C HIS A 263 6.45 16.69 -30.21
N ILE A 264 6.58 15.81 -29.23
CA ILE A 264 5.97 16.06 -27.88
C ILE A 264 6.78 17.17 -27.18
N ASN A 265 8.10 17.25 -27.37
CA ASN A 265 8.91 18.22 -26.64
C ASN A 265 8.65 19.58 -27.19
N THR A 266 8.60 19.65 -28.51
CA THR A 266 8.37 20.94 -29.21
C THR A 266 6.97 21.46 -28.86
N MET A 267 5.98 20.57 -28.76
CA MET A 267 4.59 20.95 -28.36
C MET A 267 4.63 21.64 -26.98
N ALA A 268 5.40 21.10 -26.05
CA ALA A 268 5.61 21.67 -24.70
C ALA A 268 6.34 23.03 -24.82
N VAL A 269 7.47 23.06 -25.52
CA VAL A 269 8.33 24.27 -25.62
C VAL A 269 7.52 25.43 -26.23
N ARG A 270 6.63 25.15 -27.19
CA ARG A 270 5.88 26.19 -27.95
C ARG A 270 4.53 26.50 -27.27
N SER A 271 4.25 25.94 -26.10
CA SER A 271 2.97 26.17 -25.39
C SER A 271 3.05 27.48 -24.61
N ASN A 272 1.93 28.20 -24.55
CA ASN A 272 1.75 29.44 -23.76
C ASN A 272 1.73 29.06 -22.28
N ARG A 273 0.89 28.10 -21.92
CA ARG A 273 0.85 27.43 -20.60
C ARG A 273 0.65 25.93 -20.82
N THR A 274 0.99 25.10 -19.83
CA THR A 274 0.72 23.64 -19.86
C THR A 274 0.10 23.18 -18.53
N GLY A 275 -0.89 22.30 -18.64
CA GLY A 275 -1.43 21.51 -17.52
C GLY A 275 -1.20 20.04 -17.81
N VAL A 276 -0.89 19.26 -16.77
CA VAL A 276 -0.78 17.77 -16.89
C VAL A 276 -1.84 17.14 -16.00
N ILE A 277 -2.58 16.18 -16.57
CA ILE A 277 -3.55 15.30 -15.86
C ILE A 277 -3.07 13.87 -16.10
N LEU A 278 -2.51 13.25 -15.06
CA LEU A 278 -1.85 11.93 -15.13
C LEU A 278 -2.65 10.93 -14.28
N LEU A 279 -3.29 9.94 -14.91
CA LEU A 279 -4.03 8.91 -14.21
C LEU A 279 -3.15 7.64 -14.27
N GLY A 280 -2.41 7.39 -13.21
CA GLY A 280 -1.53 6.25 -13.17
C GLY A 280 -0.10 6.72 -13.19
N GLY A 281 0.81 5.79 -13.38
CA GLY A 281 2.23 6.06 -13.40
C GLY A 281 2.89 5.26 -14.49
N GLY A 282 4.18 5.42 -14.68
CA GLY A 282 4.85 4.64 -15.69
C GLY A 282 5.45 5.51 -16.76
N VAL A 283 5.65 4.95 -17.94
CA VAL A 283 6.28 5.72 -19.06
C VAL A 283 5.44 6.96 -19.34
N MET A 284 4.13 6.80 -19.37
CA MET A 284 3.14 7.89 -19.59
C MET A 284 3.50 9.10 -18.72
N LYS A 285 3.65 8.89 -17.41
CA LYS A 285 3.90 9.97 -16.41
C LYS A 285 5.28 10.57 -16.66
N HIS A 286 6.30 9.75 -16.81
CA HIS A 286 7.71 10.20 -17.00
C HIS A 286 7.83 10.97 -18.32
N HIS A 287 7.14 10.54 -19.37
CA HIS A 287 7.23 11.11 -20.74
C HIS A 287 6.61 12.51 -20.78
N ILE A 288 5.42 12.69 -20.20
CA ILE A 288 4.73 14.00 -20.13
C ILE A 288 5.55 14.95 -19.25
N ASN A 289 6.02 14.47 -18.09
CA ASN A 289 6.81 15.28 -17.15
C ASN A 289 8.11 15.71 -17.83
N ASN A 290 8.73 14.81 -18.60
CA ASN A 290 9.99 15.12 -19.31
C ASN A 290 9.80 16.17 -20.38
N ALA A 291 8.73 16.06 -21.14
CA ALA A 291 8.40 17.06 -22.19
C ALA A 291 8.31 18.44 -21.55
N ASN A 292 7.69 18.52 -20.37
CA ASN A 292 7.44 19.80 -19.65
C ASN A 292 8.75 20.31 -19.01
N LEU A 293 9.74 19.46 -18.77
CA LEU A 293 11.09 19.92 -18.30
C LEU A 293 11.68 20.88 -19.32
N MET A 294 11.48 20.62 -20.62
CA MET A 294 12.02 21.47 -21.67
C MET A 294 11.61 22.93 -21.55
N ARG A 295 10.41 23.18 -21.05
CA ARG A 295 9.88 24.55 -20.86
C ARG A 295 10.04 24.98 -19.39
N ASN A 296 10.85 24.24 -18.62
CA ASN A 296 11.13 24.54 -17.19
C ASN A 296 9.86 24.32 -16.35
N GLY A 297 9.01 23.35 -16.73
CA GLY A 297 7.94 22.81 -15.89
C GLY A 297 6.54 23.16 -16.38
N SER A 298 5.55 22.38 -15.94
CA SER A 298 4.10 22.61 -16.19
C SER A 298 3.57 23.64 -15.18
N ASP A 299 2.53 24.37 -15.56
CA ASP A 299 1.93 25.48 -14.76
C ASP A 299 0.87 24.91 -13.82
N TYR A 300 0.24 23.79 -14.20
CA TYR A 300 -0.82 23.08 -13.45
C TYR A 300 -0.58 21.58 -13.58
N ALA A 301 -0.86 20.84 -12.50
CA ALA A 301 -0.60 19.44 -12.47
C ALA A 301 -1.49 18.69 -11.45
N VAL A 302 -2.26 17.73 -11.93
CA VAL A 302 -3.08 16.79 -11.12
C VAL A 302 -2.59 15.36 -11.38
N TYR A 303 -2.29 14.63 -10.32
CA TYR A 303 -1.85 13.25 -10.39
C TYR A 303 -2.92 12.41 -9.71
N VAL A 304 -3.38 11.37 -10.38
CA VAL A 304 -4.31 10.45 -9.74
C VAL A 304 -3.66 9.09 -9.91
N ASN A 305 -3.18 8.53 -8.81
CA ASN A 305 -2.52 7.23 -8.84
C ASN A 305 -2.43 6.62 -7.46
N THR A 306 -2.07 5.34 -7.43
CA THR A 306 -1.96 4.58 -6.18
C THR A 306 -0.53 4.28 -5.72
N GLY A 307 0.47 4.80 -6.41
CA GLY A 307 1.86 4.52 -6.05
C GLY A 307 2.33 5.14 -4.75
N GLN A 308 3.32 4.51 -4.11
CA GLN A 308 3.87 5.03 -2.85
C GLN A 308 5.32 5.51 -3.02
N GLU A 309 5.73 6.45 -2.19
CA GLU A 309 7.03 7.16 -2.26
C GLU A 309 8.21 6.27 -1.79
N PHE A 310 7.98 5.42 -0.79
CA PHE A 310 9.02 4.74 0.04
C PHE A 310 10.01 3.92 -0.81
N ASP A 311 9.59 3.35 -1.95
CA ASP A 311 10.45 2.45 -2.80
C ASP A 311 11.30 3.27 -3.77
N GLY A 312 11.16 4.60 -3.78
CA GLY A 312 11.93 5.55 -4.61
C GLY A 312 11.54 5.52 -6.08
N SER A 313 10.37 4.96 -6.42
CA SER A 313 9.88 4.80 -7.82
C SER A 313 9.41 6.16 -8.36
N ASP A 314 9.61 6.42 -9.65
CA ASP A 314 9.03 7.61 -10.35
C ASP A 314 7.50 7.53 -10.21
N SER A 315 6.91 6.35 -10.37
CA SER A 315 5.47 6.16 -10.25
C SER A 315 4.90 6.66 -8.93
N GLY A 316 5.59 6.30 -7.84
CA GLY A 316 5.16 6.68 -6.50
C GLY A 316 5.59 8.03 -5.99
N ALA A 317 6.46 8.71 -6.73
CA ALA A 317 6.95 10.02 -6.31
C ALA A 317 5.82 11.04 -6.22
N ARG A 318 5.91 11.95 -5.25
CA ARG A 318 4.90 12.97 -5.10
C ARG A 318 5.23 14.10 -6.07
N PRO A 319 4.28 15.01 -6.30
CA PRO A 319 4.58 16.12 -7.22
C PRO A 319 5.75 17.03 -6.81
N ASP A 320 5.98 17.19 -5.50
CA ASP A 320 7.07 18.02 -4.99
C ASP A 320 8.44 17.53 -5.49
N GLU A 321 8.63 16.22 -5.60
CA GLU A 321 9.87 15.65 -6.12
C GLU A 321 10.11 16.11 -7.56
N ALA A 322 9.05 16.18 -8.36
CA ALA A 322 9.16 16.64 -9.75
C ALA A 322 9.63 18.09 -9.81
N VAL A 323 9.13 18.91 -8.88
CA VAL A 323 9.54 20.31 -8.78
C VAL A 323 11.05 20.42 -8.66
N SER A 324 11.67 19.46 -7.97
CA SER A 324 13.15 19.43 -7.80
C SER A 324 13.86 19.32 -9.16
N TRP A 325 13.26 18.57 -10.10
CA TRP A 325 13.80 18.31 -11.47
C TRP A 325 13.55 19.51 -12.39
N GLY A 326 12.53 20.33 -12.09
CA GLY A 326 12.02 21.39 -12.99
C GLY A 326 11.02 20.87 -14.00
N LYS A 327 10.44 19.68 -13.77
CA LYS A 327 9.39 19.05 -14.62
C LYS A 327 8.01 19.65 -14.26
N VAL A 328 7.92 20.22 -13.06
CA VAL A 328 6.75 20.94 -12.58
C VAL A 328 7.32 22.26 -12.03
N ARG A 329 6.65 23.39 -12.26
CA ARG A 329 7.13 24.75 -11.87
C ARG A 329 7.01 24.91 -10.35
N SER A 330 7.81 25.83 -9.78
CA SER A 330 7.78 26.28 -8.37
C SER A 330 6.46 26.98 -8.04
N ASP A 331 5.95 27.81 -8.97
CA ASP A 331 4.70 28.62 -8.79
C ASP A 331 3.46 27.73 -8.91
N CYS A 332 3.63 26.51 -9.41
CA CYS A 332 2.52 25.58 -9.55
C CYS A 332 2.09 25.06 -8.18
N ARG A 333 0.85 24.59 -8.11
CA ARG A 333 0.30 24.05 -6.89
C ARG A 333 -0.22 22.68 -7.28
N PRO A 334 0.69 21.73 -7.51
CA PRO A 334 0.23 20.43 -7.97
C PRO A 334 -0.53 19.62 -6.92
N VAL A 335 -1.44 18.78 -7.37
CA VAL A 335 -2.25 18.00 -6.47
C VAL A 335 -2.26 16.50 -6.81
N LYS A 336 -2.01 15.65 -5.81
CA LYS A 336 -2.09 14.23 -6.03
C LYS A 336 -3.20 13.55 -5.19
N ILE A 337 -4.16 12.88 -5.83
CA ILE A 337 -5.18 12.05 -5.15
C ILE A 337 -4.67 10.60 -5.12
N TYR A 338 -4.45 10.05 -3.93
CA TYR A 338 -4.05 8.63 -3.74
C TYR A 338 -5.31 7.77 -3.82
N ALA A 339 -5.68 7.32 -5.02
CA ALA A 339 -6.91 6.53 -5.20
C ALA A 339 -6.91 5.78 -6.52
N ASP A 340 -7.82 4.81 -6.61
CA ASP A 340 -8.01 4.06 -7.82
C ASP A 340 -8.76 5.05 -8.71
N ALA A 341 -8.31 5.23 -9.95
CA ALA A 341 -8.93 6.19 -10.85
C ALA A 341 -10.38 5.87 -11.19
N THR A 342 -10.71 4.59 -11.30
CA THR A 342 -12.09 4.21 -11.60
C THR A 342 -13.05 4.78 -10.55
N LEU A 343 -12.61 4.90 -9.30
CA LEU A 343 -13.43 5.52 -8.27
C LEU A 343 -13.50 7.05 -8.39
N VAL A 344 -12.39 7.72 -8.65
CA VAL A 344 -12.41 9.19 -8.67
C VAL A 344 -12.48 9.96 -10.01
N PHE A 345 -11.96 9.41 -11.10
CA PHE A 345 -11.96 10.17 -12.36
C PHE A 345 -13.34 10.51 -12.92
N PRO A 346 -14.30 9.56 -12.86
CA PRO A 346 -15.61 9.94 -13.40
C PRO A 346 -16.25 11.09 -12.63
N LEU A 347 -15.95 11.19 -11.34
CA LEU A 347 -16.50 12.30 -10.50
C LEU A 347 -15.76 13.60 -10.78
N LEU A 348 -14.45 13.54 -11.05
CA LEU A 348 -13.66 14.72 -11.49
C LEU A 348 -14.27 15.27 -12.78
N VAL A 349 -14.60 14.40 -13.73
CA VAL A 349 -15.19 14.77 -15.04
C VAL A 349 -16.55 15.42 -14.79
N ALA A 350 -17.37 14.86 -13.89
CA ALA A 350 -18.68 15.43 -13.49
C ALA A 350 -18.51 16.88 -13.01
N LYS A 351 -17.45 17.18 -12.27
CA LYS A 351 -17.25 18.49 -11.58
C LYS A 351 -16.40 19.46 -12.43
N THR A 352 -15.76 18.99 -13.51
CA THR A 352 -14.81 19.82 -14.31
C THR A 352 -15.23 19.80 -15.78
N PHE A 353 -14.72 18.84 -16.56
CA PHE A 353 -14.87 18.77 -18.04
C PHE A 353 -16.36 18.82 -18.44
N ALA A 354 -17.19 17.98 -17.83
CA ALA A 354 -18.65 17.91 -18.11
C ALA A 354 -19.32 19.25 -17.77
N ARG A 355 -19.02 19.84 -16.61
CA ARG A 355 -19.61 21.15 -16.20
C ARG A 355 -19.25 22.20 -17.27
N HIS A 356 -18.02 22.17 -17.77
CA HIS A 356 -17.46 23.13 -18.76
C HIS A 356 -18.22 23.02 -20.08
N VAL A 357 -18.48 21.80 -20.56
CA VAL A 357 -19.22 21.54 -21.82
C VAL A 357 -20.67 21.99 -21.65
N GLN A 358 -21.27 21.74 -20.48
CA GLN A 358 -22.66 22.15 -20.13
C GLN A 358 -22.76 23.68 -20.10
N GLN A 359 -21.74 24.37 -19.58
CA GLN A 359 -21.70 25.86 -19.48
C GLN A 359 -21.69 26.48 -20.89
N LYS A 360 -20.94 25.89 -21.83
CA LYS A 360 -20.87 26.36 -23.25
C LYS A 360 -22.12 25.90 -24.03
N SER B 29 29.01 13.98 3.16
CA SER B 29 27.89 13.31 2.44
C SER B 29 28.33 11.90 2.00
N THR B 30 27.43 10.92 2.14
CA THR B 30 27.67 9.48 1.82
C THR B 30 27.37 9.21 0.33
N ILE B 31 28.36 8.67 -0.39
CA ILE B 31 28.24 8.28 -1.82
C ILE B 31 27.45 6.97 -1.92
N ILE B 32 26.51 6.92 -2.86
CA ILE B 32 25.71 5.69 -3.17
C ILE B 32 26.61 4.66 -3.87
N LYS B 33 26.85 3.54 -3.18
CA LYS B 33 27.60 2.36 -3.66
C LYS B 33 27.13 1.13 -2.87
N GLY B 34 26.55 0.17 -3.57
CA GLY B 34 26.12 -1.12 -2.98
C GLY B 34 27.30 -2.00 -2.64
N TYR B 35 27.03 -3.17 -2.09
CA TYR B 35 28.06 -4.18 -1.71
C TYR B 35 28.51 -4.91 -2.97
N ASP B 36 29.82 -5.08 -3.11
CA ASP B 36 30.47 -5.76 -4.26
C ASP B 36 30.73 -7.22 -3.87
N PHE B 37 30.01 -8.16 -4.48
CA PHE B 37 30.13 -9.61 -4.17
C PHE B 37 31.44 -10.18 -4.75
N ASN B 38 32.20 -9.40 -5.53
CA ASN B 38 33.58 -9.78 -5.92
C ASN B 38 34.45 -9.88 -4.65
N GLU B 39 34.08 -9.16 -3.58
CA GLU B 39 34.80 -9.20 -2.29
C GLU B 39 34.42 -10.45 -1.48
N GLY B 40 33.50 -11.28 -2.00
CA GLY B 40 33.03 -12.51 -1.31
C GLY B 40 31.77 -12.25 -0.51
N ILE B 41 31.15 -13.32 0.01
CA ILE B 41 29.84 -13.27 0.73
C ILE B 41 30.10 -13.02 2.21
N ASN B 42 30.06 -11.75 2.61
CA ASN B 42 30.21 -11.27 4.02
C ASN B 42 28.93 -10.55 4.42
N TYR B 43 28.04 -11.22 5.13
CA TYR B 43 26.75 -10.64 5.51
C TYR B 43 26.87 -9.39 6.38
N ASP B 44 27.82 -9.38 7.29
CA ASP B 44 28.00 -8.22 8.16
C ASP B 44 28.36 -6.97 7.37
N ALA B 45 29.22 -7.12 6.38
CA ALA B 45 29.65 -6.00 5.54
C ALA B 45 28.52 -5.58 4.62
N LEU B 46 27.88 -6.56 4.00
CA LEU B 46 26.70 -6.35 3.11
C LEU B 46 25.69 -5.44 3.83
N LEU B 47 25.31 -5.79 5.07
CA LEU B 47 24.23 -5.07 5.79
C LEU B 47 24.72 -3.71 6.29
N ASP B 48 26.02 -3.56 6.59
CA ASP B 48 26.62 -2.24 6.91
C ASP B 48 26.45 -1.32 5.69
N GLN B 49 26.73 -1.84 4.49
CA GLN B 49 26.73 -1.04 3.24
C GLN B 49 25.30 -0.82 2.73
N TYR B 50 24.29 -1.34 3.43
CA TYR B 50 22.87 -0.93 3.22
C TYR B 50 22.79 0.60 3.41
N MET B 51 23.66 1.18 4.24
CA MET B 51 23.69 2.64 4.52
C MET B 51 23.90 3.42 3.22
N SER B 52 24.79 2.93 2.35
CA SER B 52 25.15 3.62 1.08
C SER B 52 24.37 3.04 -0.11
N THR B 53 23.32 2.25 0.15
CA THR B 53 22.49 1.61 -0.90
C THR B 53 21.28 2.51 -1.23
N GLY B 54 20.71 3.20 -0.24
CA GLY B 54 19.59 4.16 -0.44
C GLY B 54 18.21 3.51 -0.28
N PHE B 55 17.16 4.29 -0.46
CA PHE B 55 15.75 3.91 -0.18
C PHE B 55 15.67 3.22 1.18
N GLN B 56 14.91 2.13 1.32
CA GLN B 56 14.65 1.48 2.63
C GLN B 56 15.91 0.80 3.15
N ALA B 57 16.85 0.40 2.28
CA ALA B 57 18.13 -0.20 2.71
C ALA B 57 18.87 0.76 3.65
N SER B 58 18.90 2.05 3.31
CA SER B 58 19.54 3.10 4.15
C SER B 58 18.79 3.18 5.49
N HIS B 59 17.46 3.11 5.48
CA HIS B 59 16.62 3.13 6.70
C HIS B 59 16.95 1.92 7.58
N PHE B 60 17.19 0.74 6.99
CA PHE B 60 17.62 -0.47 7.73
C PHE B 60 18.90 -0.13 8.51
N ALA B 61 19.90 0.44 7.84
CA ALA B 61 21.21 0.73 8.42
C ALA B 61 21.08 1.79 9.52
N GLN B 62 20.24 2.79 9.32
CA GLN B 62 19.96 3.85 10.33
C GLN B 62 19.26 3.24 11.55
N ALA B 63 18.38 2.25 11.34
CA ALA B 63 17.62 1.58 12.43
C ALA B 63 18.58 0.75 13.30
N VAL B 64 19.54 0.07 12.68
CA VAL B 64 20.63 -0.68 13.38
C VAL B 64 21.36 0.27 14.33
N GLN B 65 21.73 1.46 13.85
CA GLN B 65 22.46 2.50 14.64
C GLN B 65 21.62 2.96 15.81
N GLN B 66 20.33 3.24 15.59
CA GLN B 66 19.38 3.72 16.64
C GLN B 66 19.25 2.67 17.74
N ILE B 67 19.03 1.40 17.39
CA ILE B 67 18.82 0.30 18.36
C ILE B 67 20.13 0.03 19.12
N ASN B 68 21.26 0.03 18.43
CA ASN B 68 22.60 -0.15 19.06
C ASN B 68 22.87 1.00 20.03
N THR B 69 22.39 2.22 19.73
CA THR B 69 22.49 3.38 20.65
C THR B 69 21.66 3.10 21.91
N MET B 70 20.41 2.66 21.75
CA MET B 70 19.51 2.29 22.88
C MET B 70 20.21 1.25 23.77
N LEU B 71 20.70 0.16 23.17
CA LEU B 71 21.28 -0.99 23.89
C LEU B 71 22.56 -0.55 24.62
N THR B 72 23.34 0.36 24.01
CA THR B 72 24.60 0.91 24.59
C THR B 72 24.26 1.75 25.81
N ILE B 73 23.39 2.76 25.67
CA ILE B 73 22.98 3.68 26.77
C ILE B 73 22.41 2.84 27.91
N ARG B 74 21.61 1.82 27.59
CA ARG B 74 20.90 0.93 28.57
C ARG B 74 21.89 0.23 29.51
N GLU B 75 23.15 0.06 29.11
CA GLU B 75 24.15 -0.59 29.95
C GLU B 75 24.93 0.39 30.81
N GLU B 76 24.68 1.68 30.62
CA GLU B 76 25.41 2.75 31.35
C GLU B 76 24.82 2.92 32.75
N GLN B 77 25.60 3.53 33.65
CA GLN B 77 25.17 3.93 35.01
C GLN B 77 24.40 5.25 34.84
N PHE B 78 23.46 5.54 35.75
CA PHE B 78 22.59 6.73 35.71
C PHE B 78 22.24 7.18 37.13
N GLU B 79 21.75 8.41 37.28
CA GLU B 79 21.40 9.04 38.59
C GLU B 79 19.95 8.73 38.94
N GLY B 80 19.67 8.57 40.23
CA GLY B 80 18.31 8.52 40.80
C GLY B 80 17.91 7.12 41.25
N ASP B 81 16.60 6.90 41.34
CA ASP B 81 15.97 5.61 41.75
C ASP B 81 16.29 4.57 40.68
N HIS B 82 16.82 3.41 41.08
CA HIS B 82 17.19 2.27 40.19
C HIS B 82 16.10 1.19 40.23
N THR B 83 14.91 1.51 40.74
CA THR B 83 13.73 0.61 40.78
C THR B 83 12.57 1.29 40.06
N LEU B 84 11.72 0.49 39.42
CA LEU B 84 10.41 0.92 38.85
C LEU B 84 9.30 0.29 39.70
N PRO B 85 8.16 0.96 39.88
CA PRO B 85 7.12 0.47 40.79
C PRO B 85 6.41 -0.80 40.30
N TYR B 86 6.33 -1.02 38.98
CA TYR B 86 5.53 -2.12 38.39
C TYR B 86 6.30 -2.79 37.25
N PRO B 87 6.41 -4.14 37.24
CA PRO B 87 6.00 -4.99 38.37
C PRO B 87 6.84 -4.73 39.63
N GLU B 88 6.41 -5.25 40.79
CA GLU B 88 7.17 -5.14 42.07
C GLU B 88 8.58 -5.68 41.84
N GLY B 89 9.60 -4.90 42.19
CA GLY B 89 11.01 -5.33 42.16
C GLY B 89 11.62 -5.27 40.76
N LYS B 90 11.02 -4.51 39.85
CA LYS B 90 11.56 -4.36 38.51
C LYS B 90 12.68 -3.33 38.54
N GLN B 91 13.86 -3.74 38.11
CA GLN B 91 15.00 -2.84 38.06
C GLN B 91 14.91 -1.88 36.89
N LYS B 92 15.41 -0.65 37.11
CA LYS B 92 15.41 0.38 36.09
C LYS B 92 16.77 0.40 35.40
N ARG B 93 16.79 0.88 34.16
CA ARG B 93 18.00 0.98 33.36
C ARG B 93 18.15 2.39 32.80
N ALA B 94 19.36 2.75 32.40
CA ALA B 94 19.63 4.07 31.82
C ALA B 94 18.63 4.44 30.73
N CYS B 95 18.22 3.45 29.94
CA CYS B 95 17.20 3.58 28.88
C CYS B 95 16.15 2.49 29.03
N THR B 96 14.88 2.87 29.11
CA THR B 96 13.71 1.95 29.10
C THR B 96 13.31 1.70 27.64
N ILE B 97 13.41 0.46 27.16
CA ILE B 97 13.04 0.09 25.77
C ILE B 97 11.63 -0.51 25.79
N PHE B 98 10.71 0.14 25.09
CA PHE B 98 9.33 -0.34 24.83
C PHE B 98 9.33 -1.09 23.50
N LEU B 99 8.92 -2.35 23.51
CA LEU B 99 8.83 -3.14 22.31
C LEU B 99 7.36 -3.41 22.02
N GLY B 100 6.94 -3.08 20.81
CA GLY B 100 5.57 -3.28 20.37
C GLY B 100 5.52 -4.08 19.10
N TYR B 101 4.59 -5.01 19.02
CA TYR B 101 4.41 -5.85 17.84
C TYR B 101 2.96 -6.27 17.67
N THR B 102 2.56 -6.55 16.44
CA THR B 102 1.21 -6.97 16.14
C THR B 102 1.03 -8.48 16.32
N SER B 103 -0.22 -8.94 16.36
CA SER B 103 -0.54 -10.34 16.55
C SER B 103 0.00 -11.25 15.45
N ASN B 104 -0.05 -10.77 14.20
CA ASN B 104 0.43 -11.57 13.09
C ASN B 104 1.92 -11.88 13.18
N LEU B 105 2.67 -10.98 13.80
CA LEU B 105 4.09 -11.19 14.00
C LEU B 105 4.34 -12.41 14.91
N VAL B 106 3.50 -12.56 15.93
CA VAL B 106 3.62 -13.69 16.83
C VAL B 106 3.16 -14.95 16.10
N THR B 107 2.16 -14.80 15.24
CA THR B 107 1.67 -15.90 14.41
C THR B 107 2.76 -16.38 13.46
N SER B 108 3.59 -15.46 12.95
CA SER B 108 4.73 -15.80 12.09
C SER B 108 5.94 -16.24 12.94
N GLY B 109 7.11 -16.61 12.32
CA GLY B 109 8.36 -17.05 12.95
C GLY B 109 9.08 -15.98 13.75
N VAL B 110 8.71 -14.72 13.55
CA VAL B 110 9.25 -13.60 14.30
C VAL B 110 9.05 -13.80 15.81
N ARG B 111 8.07 -14.59 16.23
CA ARG B 111 7.92 -14.93 17.64
C ARG B 111 9.24 -15.41 18.30
N GLU B 112 10.04 -16.22 17.59
CA GLU B 112 11.34 -16.75 18.09
C GLU B 112 12.32 -15.59 18.29
N ASN B 113 12.22 -14.54 17.46
CA ASN B 113 13.13 -13.37 17.52
C ASN B 113 12.73 -12.49 18.69
N ILE B 114 11.44 -12.30 18.91
CA ILE B 114 10.96 -11.52 20.03
C ILE B 114 11.27 -12.26 21.34
N ARG B 115 11.06 -13.58 21.35
CA ARG B 115 11.31 -14.40 22.55
C ARG B 115 12.77 -14.24 22.98
N TYR B 116 13.71 -14.33 22.04
CA TYR B 116 15.16 -14.15 22.29
C TYR B 116 15.41 -12.81 22.99
N LEU B 117 14.81 -11.72 22.49
CA LEU B 117 14.95 -10.36 23.09
C LEU B 117 14.50 -10.39 24.56
N VAL B 118 13.32 -10.93 24.82
CA VAL B 118 12.67 -10.90 26.16
C VAL B 118 13.46 -11.83 27.10
N GLU B 119 13.82 -13.02 26.60
CA GLU B 119 14.60 -14.07 27.34
C GLU B 119 15.91 -13.46 27.88
N HIS B 120 16.63 -12.69 27.06
CA HIS B 120 17.94 -12.09 27.43
C HIS B 120 17.74 -10.70 28.06
N ASP B 121 16.51 -10.32 28.39
CA ASP B 121 16.23 -9.14 29.24
C ASP B 121 16.77 -7.88 28.54
N LEU B 122 16.55 -7.77 27.24
CA LEU B 122 17.05 -6.66 26.37
C LEU B 122 15.96 -5.60 26.12
N VAL B 123 14.73 -5.83 26.57
CA VAL B 123 13.64 -4.81 26.56
C VAL B 123 12.98 -4.79 27.95
N ASP B 124 12.29 -3.69 28.25
CA ASP B 124 11.80 -3.35 29.61
C ASP B 124 10.27 -3.42 29.65
N CYS B 125 9.59 -3.20 28.53
CA CYS B 125 8.11 -3.13 28.44
C CYS B 125 7.63 -3.67 27.10
N ILE B 126 6.54 -4.43 27.09
CA ILE B 126 5.90 -4.95 25.86
C ILE B 126 4.47 -4.42 25.80
N VAL B 127 4.02 -4.00 24.60
CA VAL B 127 2.62 -3.76 24.30
C VAL B 127 2.27 -4.61 23.03
N THR B 128 1.27 -5.51 23.10
CA THR B 128 0.77 -6.34 21.99
C THR B 128 -0.75 -6.52 22.15
N SER B 129 -1.39 -7.10 21.16
CA SER B 129 -2.80 -7.28 21.22
C SER B 129 -3.12 -8.66 21.80
N ALA B 130 -4.40 -9.02 21.87
CA ALA B 130 -4.80 -10.30 22.42
C ALA B 130 -4.21 -11.44 21.61
N GLY B 131 -4.22 -11.29 20.29
CA GLY B 131 -3.65 -12.27 19.39
C GLY B 131 -2.18 -12.55 19.70
N GLY B 132 -1.36 -11.48 19.90
CA GLY B 132 0.08 -11.54 20.24
C GLY B 132 0.34 -12.34 21.50
N VAL B 133 -0.60 -12.34 22.45
CA VAL B 133 -0.47 -13.11 23.68
C VAL B 133 -0.92 -14.55 23.47
N GLU B 134 -2.12 -14.76 22.96
CA GLU B 134 -2.61 -16.14 22.80
C GLU B 134 -1.84 -17.01 21.81
N GLU B 135 -1.47 -16.51 20.63
CA GLU B 135 -0.73 -17.36 19.69
C GLU B 135 0.59 -17.85 20.29
N ASP B 136 1.26 -17.00 21.07
CA ASP B 136 2.49 -17.37 21.73
C ASP B 136 2.26 -18.52 22.72
N LEU B 137 1.14 -18.49 23.43
CA LEU B 137 0.80 -19.53 24.39
C LEU B 137 0.35 -20.82 23.72
N ILE B 138 -0.48 -20.67 22.69
CA ILE B 138 -1.06 -21.79 21.90
C ILE B 138 0.06 -22.55 21.17
N LYS B 139 1.12 -21.88 20.75
CA LYS B 139 2.23 -22.54 20.08
C LYS B 139 2.95 -23.55 20.98
N CYS B 140 2.85 -23.35 22.28
CA CYS B 140 3.43 -24.31 23.27
C CYS B 140 2.57 -25.57 23.38
N LEU B 141 1.34 -25.54 22.87
CA LEU B 141 0.38 -26.68 22.89
C LEU B 141 0.38 -27.38 21.52
N ALA B 142 0.34 -26.61 20.43
CA ALA B 142 0.21 -27.14 19.05
C ALA B 142 0.79 -26.15 18.06
N PRO B 143 1.35 -26.63 16.92
CA PRO B 143 2.01 -25.77 15.95
C PRO B 143 1.02 -25.13 14.98
N SER B 144 1.52 -24.12 14.29
CA SER B 144 0.86 -23.42 13.18
C SER B 144 1.63 -23.88 11.92
N TYR B 145 1.00 -23.81 10.76
CA TYR B 145 1.60 -24.38 9.53
C TYR B 145 1.65 -23.33 8.42
N LEU B 146 2.60 -23.48 7.49
CA LEU B 146 2.67 -22.70 6.24
C LEU B 146 1.58 -23.18 5.27
N GLY B 147 0.69 -22.28 4.86
CA GLY B 147 -0.31 -22.51 3.82
C GLY B 147 -0.06 -21.58 2.64
N ALA B 148 -1.09 -20.84 2.22
CA ALA B 148 -1.02 -19.83 1.13
C ALA B 148 -2.13 -18.78 1.35
N PHE B 149 -1.95 -17.59 0.76
CA PHE B 149 -2.90 -16.45 0.84
C PHE B 149 -4.20 -16.76 0.09
N ASP B 150 -4.13 -17.57 -0.97
CA ASP B 150 -5.22 -17.75 -1.98
C ASP B 150 -6.09 -18.99 -1.65
N LEU B 151 -5.99 -19.56 -0.45
CA LEU B 151 -6.82 -20.73 -0.03
C LEU B 151 -8.25 -20.27 0.22
N ASP B 152 -9.23 -21.06 -0.24
CA ASP B 152 -10.68 -20.71 -0.26
C ASP B 152 -11.26 -20.76 1.17
N GLY B 153 -11.99 -19.71 1.56
CA GLY B 153 -12.55 -19.52 2.92
C GLY B 153 -13.55 -20.59 3.31
N LYS B 154 -14.52 -20.89 2.43
CA LYS B 154 -15.60 -21.89 2.65
C LYS B 154 -14.98 -23.29 2.86
N THR B 155 -14.00 -23.67 2.04
CA THR B 155 -13.29 -24.97 2.09
C THR B 155 -12.51 -25.07 3.41
N LEU B 156 -11.77 -24.02 3.77
CA LEU B 156 -10.97 -23.94 5.02
C LEU B 156 -11.91 -24.04 6.23
N ARG B 157 -13.04 -23.33 6.20
CA ARG B 157 -14.01 -23.29 7.33
C ARG B 157 -14.62 -24.68 7.54
N HIS B 158 -15.02 -25.36 6.45
CA HIS B 158 -15.58 -26.74 6.47
C HIS B 158 -14.60 -27.66 7.21
N ASN B 159 -13.29 -27.42 7.08
CA ASN B 159 -12.21 -28.26 7.65
C ASN B 159 -11.68 -27.69 8.97
N GLY B 160 -12.32 -26.63 9.50
CA GLY B 160 -11.91 -25.97 10.77
C GLY B 160 -10.47 -25.46 10.73
N LEU B 161 -9.99 -25.02 9.56
CA LEU B 161 -8.63 -24.46 9.38
C LEU B 161 -8.73 -22.94 9.25
N ASN B 162 -8.22 -22.22 10.25
CA ASN B 162 -8.24 -20.74 10.32
C ASN B 162 -7.03 -20.22 9.54
N ARG B 163 -7.22 -19.18 8.72
CA ARG B 163 -6.14 -18.59 7.88
C ARG B 163 -5.75 -17.22 8.45
N ALA B 164 -4.45 -17.03 8.68
CA ALA B 164 -3.81 -15.72 8.97
C ALA B 164 -2.70 -15.50 7.93
N GLY B 165 -2.96 -14.71 6.90
CA GLY B 165 -2.07 -14.55 5.74
C GLY B 165 -1.88 -15.89 5.03
N ASN B 166 -0.64 -16.37 4.93
CA ASN B 166 -0.29 -17.68 4.34
C ASN B 166 0.02 -18.69 5.45
N ILE B 167 -0.57 -18.49 6.62
CA ILE B 167 -0.35 -19.36 7.76
C ILE B 167 -1.69 -20.02 8.19
N ILE B 168 -1.66 -21.32 8.48
CA ILE B 168 -2.84 -22.12 8.93
C ILE B 168 -2.70 -22.38 10.43
N ILE B 169 -3.77 -22.13 11.15
CA ILE B 169 -3.85 -22.40 12.56
C ILE B 169 -5.09 -23.28 12.70
N PRO B 170 -4.91 -24.62 12.78
CA PRO B 170 -6.01 -25.56 12.93
C PRO B 170 -6.85 -25.24 14.17
N ASN B 171 -8.19 -25.35 14.07
CA ASN B 171 -9.10 -24.93 15.18
C ASN B 171 -8.93 -25.84 16.41
N ASN B 172 -8.41 -27.06 16.26
CA ASN B 172 -8.11 -27.96 17.40
C ASN B 172 -7.12 -27.27 18.35
N ASN B 173 -6.21 -26.42 17.81
CA ASN B 173 -5.26 -25.61 18.60
C ASN B 173 -6.02 -24.79 19.65
N TYR B 174 -7.13 -24.19 19.26
CA TYR B 174 -7.91 -23.36 20.17
C TYR B 174 -8.71 -24.22 21.15
N CYS B 175 -9.11 -25.42 20.73
CA CYS B 175 -9.83 -26.33 21.60
C CYS B 175 -8.91 -26.75 22.75
N GLN B 176 -7.64 -27.00 22.43
CA GLN B 176 -6.63 -27.35 23.41
C GLN B 176 -6.40 -26.18 24.36
N PHE B 177 -6.41 -24.98 23.80
CA PHE B 177 -6.22 -23.75 24.56
C PHE B 177 -7.35 -23.59 25.58
N GLU B 178 -8.56 -23.90 25.17
CA GLU B 178 -9.71 -23.80 26.04
C GLU B 178 -9.57 -24.76 27.21
N ASP B 179 -9.10 -25.97 26.90
CA ASP B 179 -8.90 -26.98 27.94
C ASP B 179 -7.85 -26.51 28.92
N TRP B 180 -6.77 -25.92 28.40
CA TRP B 180 -5.71 -25.38 29.23
C TRP B 180 -6.13 -24.15 30.04
N LEU B 181 -6.80 -23.20 29.40
CA LEU B 181 -7.23 -21.95 30.05
C LEU B 181 -8.32 -21.91 31.14
N MET B 182 -9.43 -22.62 30.96
CA MET B 182 -10.52 -22.56 31.94
C MET B 182 -10.11 -22.88 33.38
N PRO B 183 -9.31 -23.98 33.59
CA PRO B 183 -8.90 -24.19 34.98
C PRO B 183 -8.16 -22.99 35.59
N ILE B 184 -7.33 -22.29 34.79
CA ILE B 184 -6.57 -21.08 35.25
C ILE B 184 -7.58 -19.96 35.56
N LEU B 185 -8.59 -19.78 34.71
CA LEU B 185 -9.64 -18.72 34.89
C LEU B 185 -10.47 -19.03 36.13
N ASP B 186 -10.74 -20.31 36.44
CA ASP B 186 -11.43 -20.74 37.69
C ASP B 186 -10.64 -20.24 38.90
N SER B 187 -9.33 -20.46 38.90
CA SER B 187 -8.41 -20.01 39.99
C SER B 187 -8.42 -18.48 40.10
N CYS B 188 -8.35 -17.78 38.96
CA CYS B 188 -8.33 -16.29 38.90
C CYS B 188 -9.62 -15.74 39.50
N GLU B 189 -10.77 -16.32 39.15
CA GLU B 189 -12.11 -15.89 39.67
C GLU B 189 -12.15 -16.11 41.19
N LEU B 190 -11.66 -17.26 41.66
CA LEU B 190 -11.58 -17.60 43.11
C LEU B 190 -10.75 -16.52 43.83
N GLU B 191 -9.59 -16.14 43.26
CA GLU B 191 -8.67 -15.14 43.85
C GLU B 191 -9.33 -13.76 43.84
N GLN B 192 -10.19 -13.47 42.85
CA GLN B 192 -10.96 -12.21 42.79
C GLN B 192 -11.98 -12.18 43.94
N LYS B 193 -12.77 -13.25 44.10
CA LYS B 193 -13.86 -13.35 45.12
C LYS B 193 -13.26 -13.37 46.55
N ASN B 194 -12.25 -14.21 46.80
CA ASN B 194 -11.71 -14.45 48.17
C ASN B 194 -10.76 -13.34 48.61
N ASN B 195 -9.87 -12.89 47.74
CA ASN B 195 -8.75 -11.97 48.11
C ASN B 195 -9.06 -10.54 47.66
N ASP B 196 -10.24 -10.30 47.09
CA ASP B 196 -10.67 -8.96 46.57
C ASP B 196 -9.59 -8.45 45.59
N PHE B 197 -9.02 -9.33 44.77
CA PHE B 197 -7.94 -9.03 43.81
C PHE B 197 -8.54 -8.43 42.52
N SER B 198 -7.97 -7.32 42.05
CA SER B 198 -8.38 -6.61 40.80
C SER B 198 -7.44 -7.02 39.66
N TRP B 199 -7.94 -7.85 38.75
CA TRP B 199 -7.24 -8.28 37.52
C TRP B 199 -7.14 -7.12 36.53
N THR B 200 -5.97 -6.97 35.90
CA THR B 200 -5.70 -6.14 34.70
C THR B 200 -5.14 -7.06 33.63
N PRO B 201 -5.16 -6.65 32.34
CA PRO B 201 -4.53 -7.45 31.29
C PRO B 201 -3.09 -7.87 31.63
N SER B 202 -2.25 -6.93 32.07
CA SER B 202 -0.81 -7.19 32.37
C SER B 202 -0.70 -8.24 33.48
N LYS B 203 -1.53 -8.14 34.53
CA LYS B 203 -1.54 -9.11 35.65
C LYS B 203 -1.93 -10.49 35.13
N LEU B 204 -2.97 -10.56 34.30
CA LEU B 204 -3.45 -11.84 33.72
C LEU B 204 -2.38 -12.44 32.82
N ILE B 205 -1.71 -11.62 32.01
CA ILE B 205 -0.68 -12.10 31.03
C ILE B 205 0.54 -12.58 31.82
N ASP B 206 0.90 -11.89 32.90
CA ASP B 206 1.98 -12.34 33.82
C ASP B 206 1.66 -13.76 34.31
N ARG B 207 0.42 -13.99 34.73
CA ARG B 207 -0.08 -15.28 35.27
C ARG B 207 -0.01 -16.36 34.20
N LEU B 208 -0.49 -16.09 32.98
CA LEU B 208 -0.53 -17.08 31.88
C LEU B 208 0.90 -17.45 31.48
N GLY B 209 1.84 -16.49 31.56
CA GLY B 209 3.28 -16.71 31.36
C GLY B 209 3.82 -17.70 32.39
N ALA B 210 3.48 -17.50 33.67
CA ALA B 210 3.91 -18.38 34.78
C ALA B 210 3.33 -19.79 34.56
N GLU B 211 2.05 -19.88 34.19
CA GLU B 211 1.33 -21.17 33.98
C GLU B 211 1.93 -21.94 32.80
N ILE B 212 2.21 -21.28 31.67
CA ILE B 212 2.67 -22.00 30.44
C ILE B 212 4.01 -22.68 30.73
N ASN B 213 4.89 -22.02 31.50
CA ASN B 213 6.11 -22.62 32.07
C ASN B 213 6.92 -23.29 30.94
N ASP B 214 7.13 -22.55 29.86
CA ASP B 214 7.71 -23.05 28.59
C ASP B 214 8.73 -22.04 28.08
N LYS B 215 9.98 -22.48 27.90
CA LYS B 215 11.12 -21.60 27.55
C LYS B 215 11.04 -21.16 26.08
N ARG B 216 10.04 -21.62 25.32
CA ARG B 216 9.79 -21.18 23.93
C ARG B 216 8.81 -19.99 23.92
N SER B 217 8.20 -19.65 25.06
CA SER B 217 7.10 -18.63 25.17
C SER B 217 7.68 -17.26 25.52
N ILE B 218 7.26 -16.23 24.76
CA ILE B 218 7.57 -14.80 25.05
C ILE B 218 6.99 -14.45 26.43
N CYS B 219 5.73 -14.82 26.67
CA CYS B 219 4.97 -14.51 27.90
C CYS B 219 5.66 -15.13 29.12
N TYR B 220 6.16 -16.37 29.00
CA TYR B 220 6.94 -17.03 30.07
C TYR B 220 8.15 -16.17 30.44
N TRP B 221 8.95 -15.77 29.45
CA TRP B 221 10.19 -14.99 29.70
C TRP B 221 9.84 -13.58 30.21
N ALA B 222 8.75 -12.98 29.74
CA ALA B 222 8.28 -11.66 30.22
C ALA B 222 7.98 -11.76 31.73
N HIS B 223 7.25 -12.79 32.15
CA HIS B 223 6.97 -13.09 33.58
C HIS B 223 8.30 -13.23 34.34
N ARG B 224 9.19 -14.10 33.86
CA ARG B 224 10.47 -14.43 34.53
C ARG B 224 11.32 -13.17 34.73
N ASN B 225 11.37 -12.29 33.73
CA ASN B 225 12.29 -11.12 33.69
C ASN B 225 11.55 -9.85 34.13
N ARG B 226 10.33 -9.98 34.65
CA ARG B 226 9.52 -8.86 35.19
C ARG B 226 9.37 -7.83 34.07
N ILE B 227 9.11 -8.27 32.85
CA ILE B 227 8.80 -7.39 31.70
C ILE B 227 7.29 -7.41 31.54
N PRO B 228 6.63 -6.30 31.89
CA PRO B 228 5.16 -6.27 31.79
C PRO B 228 4.67 -6.25 30.35
N VAL B 229 3.59 -6.99 30.12
CA VAL B 229 2.92 -7.03 28.78
C VAL B 229 1.56 -6.34 28.94
N PHE B 230 1.38 -5.19 28.31
CA PHE B 230 0.12 -4.47 28.38
C PHE B 230 -0.70 -4.72 27.12
N SER B 231 -1.99 -4.96 27.31
CA SER B 231 -2.92 -5.20 26.21
C SER B 231 -4.31 -4.67 26.56
N PRO B 232 -4.56 -3.37 26.31
CA PRO B 232 -5.87 -2.77 26.63
C PRO B 232 -7.09 -3.49 26.03
N ALA B 233 -6.96 -4.05 24.83
CA ALA B 233 -8.08 -4.79 24.19
C ALA B 233 -7.84 -6.31 24.27
N LEU B 234 -7.50 -6.82 25.45
CA LEU B 234 -7.17 -8.27 25.65
C LEU B 234 -8.42 -9.14 25.38
N THR B 235 -9.61 -8.58 25.45
CA THR B 235 -10.90 -9.32 25.21
C THR B 235 -11.10 -9.61 23.72
N ASP B 236 -10.30 -9.01 22.85
CA ASP B 236 -10.46 -9.15 21.41
C ASP B 236 -9.77 -10.36 20.82
N GLY B 237 -10.20 -11.55 21.19
CA GLY B 237 -9.60 -12.77 20.68
C GLY B 237 -10.05 -14.01 21.41
N SER B 238 -9.37 -15.12 21.16
CA SER B 238 -9.67 -16.39 21.82
C SER B 238 -9.75 -16.23 23.33
N ILE B 239 -8.77 -15.54 23.91
CA ILE B 239 -8.81 -15.25 25.38
C ILE B 239 -10.15 -14.56 25.71
N GLY B 240 -10.61 -13.68 24.82
CA GLY B 240 -11.95 -13.07 24.91
C GLY B 240 -13.02 -14.14 24.90
N ASP B 241 -13.02 -14.99 23.87
CA ASP B 241 -13.98 -16.11 23.68
C ASP B 241 -14.06 -16.93 24.97
N MET B 242 -12.91 -17.33 25.52
CA MET B 242 -12.87 -18.13 26.74
C MET B 242 -13.40 -17.35 27.93
N LEU B 243 -13.00 -16.10 28.08
CA LEU B 243 -13.52 -15.31 29.19
C LEU B 243 -15.03 -15.21 29.10
N TYR B 244 -15.54 -15.07 27.87
CA TYR B 244 -16.97 -14.99 27.62
C TYR B 244 -17.67 -16.28 28.02
N PHE B 245 -17.09 -17.42 27.64
CA PHE B 245 -17.65 -18.73 28.00
C PHE B 245 -17.57 -18.97 29.50
N HIS B 246 -16.47 -18.54 30.09
CA HIS B 246 -16.21 -18.69 31.52
C HIS B 246 -17.19 -17.94 32.40
N SER B 247 -17.66 -16.80 31.91
CA SER B 247 -18.60 -15.95 32.64
C SER B 247 -19.90 -16.66 33.00
N PHE B 248 -20.40 -17.53 32.12
CA PHE B 248 -21.64 -18.25 32.40
C PHE B 248 -21.52 -19.12 33.66
N ARG B 249 -20.37 -19.77 33.83
CA ARG B 249 -20.11 -20.61 34.99
C ARG B 249 -20.51 -20.00 36.34
N ASN B 250 -19.90 -18.88 36.69
CA ASN B 250 -20.16 -18.22 37.97
C ASN B 250 -20.13 -16.69 37.99
N GLY B 251 -20.32 -16.08 36.82
CA GLY B 251 -20.32 -14.63 36.72
C GLY B 251 -19.09 -14.07 36.04
N GLY B 252 -17.98 -14.79 36.10
CA GLY B 252 -16.76 -14.36 35.44
C GLY B 252 -15.79 -13.49 36.22
N ILE B 253 -14.81 -12.95 35.50
CA ILE B 253 -13.81 -12.08 36.11
C ILE B 253 -13.88 -10.71 35.48
N LYS B 254 -13.29 -9.73 36.15
CA LYS B 254 -13.25 -8.37 35.67
C LYS B 254 -11.82 -7.96 35.31
N LEU B 255 -11.68 -7.31 34.16
CA LEU B 255 -10.36 -6.81 33.71
C LEU B 255 -10.41 -5.27 33.67
N ASP B 256 -9.71 -4.61 34.60
CA ASP B 256 -9.60 -3.14 34.67
C ASP B 256 -8.45 -2.66 33.78
N ILE B 257 -8.70 -1.73 32.85
CA ILE B 257 -7.65 -1.21 32.00
C ILE B 257 -7.10 0.13 32.51
N VAL B 258 -7.76 0.74 33.50
CA VAL B 258 -7.32 2.02 34.03
C VAL B 258 -6.04 1.84 34.85
N GLU B 259 -6.03 0.86 35.72
CA GLU B 259 -4.83 0.54 36.53
C GLU B 259 -3.64 0.30 35.58
N ASP B 260 -3.85 -0.46 34.50
CA ASP B 260 -2.77 -0.82 33.54
C ASP B 260 -2.28 0.43 32.83
N LEU B 261 -3.14 1.41 32.66
CA LEU B 261 -2.72 2.66 32.05
C LEU B 261 -1.80 3.40 33.02
N ARG B 262 -2.17 3.45 34.29
CA ARG B 262 -1.32 4.06 35.35
C ARG B 262 0.08 3.44 35.28
N HIS B 263 0.15 2.11 35.21
CA HIS B 263 1.42 1.42 35.17
C HIS B 263 2.32 1.81 34.00
N ILE B 264 1.82 1.71 32.78
CA ILE B 264 2.63 2.05 31.63
C ILE B 264 3.03 3.53 31.59
N ASN B 265 2.11 4.42 31.92
CA ASN B 265 2.39 5.85 31.92
C ASN B 265 3.43 6.22 32.97
N THR B 266 3.31 5.66 34.16
CA THR B 266 4.25 5.93 35.25
C THR B 266 5.64 5.44 34.92
N MET B 267 5.72 4.29 34.23
CA MET B 267 7.00 3.72 33.84
C MET B 267 7.74 4.69 32.92
N ALA B 268 7.02 5.31 31.99
CA ALA B 268 7.61 6.27 31.09
C ALA B 268 8.00 7.55 31.83
N VAL B 269 7.12 8.05 32.70
CA VAL B 269 7.41 9.29 33.48
C VAL B 269 8.68 9.11 34.33
N ARG B 270 8.89 7.92 34.88
CA ARG B 270 10.01 7.65 35.84
C ARG B 270 11.27 7.17 35.11
N SER B 271 11.29 7.16 33.79
CA SER B 271 12.44 6.68 33.04
C SER B 271 13.54 7.71 32.84
N ASN B 272 14.78 7.25 32.89
CA ASN B 272 15.96 8.11 32.67
C ASN B 272 16.00 8.49 31.18
N ARG B 273 15.93 7.49 30.30
CA ARG B 273 15.73 7.65 28.84
C ARG B 273 14.73 6.59 28.38
N THR B 274 14.10 6.77 27.22
CA THR B 274 13.21 5.77 26.58
C THR B 274 13.54 5.61 25.09
N GLY B 275 13.51 4.37 24.63
CA GLY B 275 13.51 4.00 23.20
C GLY B 275 12.25 3.23 22.88
N VAL B 276 11.68 3.44 21.70
CA VAL B 276 10.50 2.66 21.22
C VAL B 276 10.90 1.90 19.96
N ILE B 277 10.49 0.64 19.90
CA ILE B 277 10.74 -0.23 18.77
C ILE B 277 9.36 -0.81 18.46
N LEU B 278 8.68 -0.22 17.47
CA LEU B 278 7.29 -0.61 17.13
C LEU B 278 7.14 -1.36 15.79
N LEU B 279 6.80 -2.66 15.82
CA LEU B 279 6.64 -3.50 14.66
C LEU B 279 5.16 -3.57 14.35
N GLY B 280 4.71 -2.88 13.32
CA GLY B 280 3.31 -2.88 13.00
C GLY B 280 2.70 -1.55 13.42
N GLY B 281 1.38 -1.53 13.50
CA GLY B 281 0.65 -0.33 13.84
C GLY B 281 -0.56 -0.69 14.66
N GLY B 282 -1.48 0.23 14.84
CA GLY B 282 -2.67 -0.05 15.61
C GLY B 282 -2.55 0.40 17.05
N VAL B 283 -3.27 -0.25 17.95
CA VAL B 283 -3.29 0.12 19.36
C VAL B 283 -1.91 0.05 19.98
N MET B 284 -1.12 -0.95 19.62
CA MET B 284 0.19 -1.09 20.20
C MET B 284 1.06 0.12 19.95
N LYS B 285 1.05 0.60 18.72
CA LYS B 285 1.86 1.75 18.35
C LYS B 285 1.42 3.02 19.08
N HIS B 286 0.11 3.27 19.12
CA HIS B 286 -0.41 4.45 19.79
C HIS B 286 -0.21 4.44 21.30
N HIS B 287 -0.38 3.29 21.91
CA HIS B 287 -0.24 3.16 23.36
C HIS B 287 1.16 3.47 23.84
N ILE B 288 2.16 2.93 23.17
CA ILE B 288 3.54 3.18 23.54
C ILE B 288 3.90 4.64 23.33
N ASN B 289 3.43 5.21 22.23
CA ASN B 289 3.71 6.60 21.92
C ASN B 289 3.01 7.50 22.92
N ASN B 290 1.79 7.15 23.30
CA ASN B 290 1.03 7.93 24.28
C ASN B 290 1.69 7.94 25.65
N ALA B 291 2.14 6.78 26.11
CA ALA B 291 2.85 6.66 27.40
C ALA B 291 4.05 7.61 27.40
N ASN B 292 4.77 7.71 26.28
CA ASN B 292 6.00 8.54 26.16
C ASN B 292 5.65 10.03 26.07
N LEU B 293 4.42 10.39 25.69
CA LEU B 293 3.95 11.80 25.73
C LEU B 293 4.07 12.30 27.19
N MET B 294 3.80 11.44 28.17
CA MET B 294 3.79 11.80 29.61
C MET B 294 5.16 12.36 30.04
N ARG B 295 6.25 11.95 29.39
CA ARG B 295 7.63 12.45 29.69
C ARG B 295 8.07 13.43 28.59
N ASN B 296 7.14 13.91 27.77
CA ASN B 296 7.42 14.85 26.64
C ASN B 296 8.29 14.17 25.57
N GLY B 297 8.09 12.86 25.34
CA GLY B 297 8.58 12.14 24.14
C GLY B 297 9.69 11.14 24.44
N SER B 298 9.85 10.16 23.55
CA SER B 298 10.93 9.15 23.56
C SER B 298 12.22 9.75 22.97
N ASP B 299 13.37 9.24 23.39
CA ASP B 299 14.71 9.75 23.01
C ASP B 299 15.19 9.05 21.73
N TYR B 300 14.71 7.83 21.49
CA TYR B 300 15.03 6.98 20.32
C TYR B 300 13.76 6.27 19.87
N ALA B 301 13.59 6.11 18.55
CA ALA B 301 12.38 5.54 17.93
C ALA B 301 12.72 4.87 16.60
N VAL B 302 12.37 3.58 16.49
CA VAL B 302 12.39 2.80 15.23
C VAL B 302 10.98 2.25 14.98
N TYR B 303 10.43 2.49 13.78
CA TYR B 303 9.17 1.91 13.37
C TYR B 303 9.53 0.95 12.23
N VAL B 304 8.85 -0.18 12.14
CA VAL B 304 9.02 -1.16 11.10
C VAL B 304 7.58 -1.51 10.74
N ASN B 305 6.99 -0.77 9.82
CA ASN B 305 5.63 -1.05 9.43
C ASN B 305 5.40 -0.82 7.95
N THR B 306 4.31 -1.37 7.44
CA THR B 306 4.00 -1.24 6.03
C THR B 306 2.99 -0.15 5.71
N GLY B 307 2.42 0.56 6.74
CA GLY B 307 1.43 1.61 6.61
C GLY B 307 1.79 2.80 5.75
N GLN B 308 0.81 3.57 5.15
CA GLN B 308 1.09 4.70 4.30
C GLN B 308 0.37 5.91 4.89
N GLU B 309 0.95 7.08 4.67
CA GLU B 309 0.44 8.34 5.16
C GLU B 309 -0.88 8.87 4.59
N PHE B 310 -1.17 8.52 3.35
CA PHE B 310 -2.29 9.09 2.61
C PHE B 310 -3.70 9.01 3.23
N ASP B 311 -4.05 7.93 3.91
CA ASP B 311 -5.38 7.82 4.51
C ASP B 311 -5.59 8.59 5.82
N GLY B 312 -4.51 9.14 6.40
CA GLY B 312 -4.60 9.91 7.63
C GLY B 312 -4.61 9.04 8.88
N SER B 313 -4.29 7.77 8.72
CA SER B 313 -4.28 6.80 9.79
C SER B 313 -3.07 6.94 10.71
N ASP B 314 -3.27 6.68 12.00
CA ASP B 314 -2.19 6.73 12.96
C ASP B 314 -1.22 5.63 12.58
N SER B 315 -1.77 4.52 12.10
CA SER B 315 -0.96 3.37 11.69
C SER B 315 0.08 3.71 10.62
N GLY B 316 -0.33 4.45 9.62
CA GLY B 316 0.55 4.84 8.53
C GLY B 316 1.28 6.15 8.71
N ALA B 317 1.02 6.83 9.82
CA ALA B 317 1.66 8.12 10.10
C ALA B 317 3.17 8.01 10.25
N ARG B 318 3.87 9.04 9.82
CA ARG B 318 5.32 9.05 9.91
C ARG B 318 5.79 9.38 11.33
N PRO B 319 7.06 8.96 11.67
CA PRO B 319 7.51 9.36 13.01
C PRO B 319 7.39 10.86 13.32
N ASP B 320 7.55 11.72 12.30
CA ASP B 320 7.50 13.20 12.48
C ASP B 320 6.10 13.66 12.87
N GLU B 321 5.05 12.89 12.55
CA GLU B 321 3.68 13.17 13.04
C GLU B 321 3.71 13.08 14.58
N ALA B 322 4.32 12.03 15.13
CA ALA B 322 4.41 11.76 16.58
C ALA B 322 5.16 12.90 17.27
N VAL B 323 6.12 13.52 16.57
CA VAL B 323 6.92 14.69 17.09
C VAL B 323 5.97 15.86 17.34
N SER B 324 5.02 16.12 16.43
CA SER B 324 4.02 17.23 16.54
C SER B 324 3.24 17.11 17.85
N TRP B 325 2.93 15.88 18.29
CA TRP B 325 2.16 15.56 19.52
C TRP B 325 3.02 15.69 20.78
N GLY B 326 4.35 15.57 20.63
CA GLY B 326 5.31 15.47 21.76
C GLY B 326 5.47 14.04 22.25
N LYS B 327 5.05 13.06 21.45
CA LYS B 327 5.15 11.61 21.77
C LYS B 327 6.56 11.10 21.41
N VAL B 328 7.22 11.77 20.47
CA VAL B 328 8.66 11.58 20.11
C VAL B 328 9.34 12.96 20.22
N ARG B 329 10.51 13.00 20.85
CA ARG B 329 11.25 14.24 21.04
C ARG B 329 11.77 14.88 19.77
N SER B 330 12.02 16.18 19.84
CA SER B 330 12.53 16.97 18.72
C SER B 330 14.00 16.69 18.41
N ASP B 331 14.78 16.35 19.44
CA ASP B 331 16.23 16.02 19.28
C ASP B 331 16.40 14.55 18.86
N CYS B 332 15.34 13.78 18.87
CA CYS B 332 15.42 12.41 18.43
C CYS B 332 15.48 12.38 16.91
N ARG B 333 16.07 11.33 16.36
CA ARG B 333 16.18 11.20 14.91
C ARG B 333 15.57 9.85 14.59
N PRO B 334 14.24 9.80 14.60
CA PRO B 334 13.48 8.58 14.36
C PRO B 334 13.71 7.99 12.98
N VAL B 335 13.56 6.68 12.92
CA VAL B 335 13.72 5.90 11.66
C VAL B 335 12.47 5.04 11.46
N LYS B 336 11.96 5.01 10.24
CA LYS B 336 10.85 4.14 9.90
C LYS B 336 11.28 3.32 8.69
N ILE B 337 11.13 2.00 8.77
CA ILE B 337 11.46 1.15 7.64
C ILE B 337 10.14 0.66 7.08
N TYR B 338 9.88 0.92 5.80
CA TYR B 338 8.63 0.46 5.19
C TYR B 338 8.87 -0.93 4.66
N ALA B 339 8.55 -1.95 5.45
CA ALA B 339 8.75 -3.33 5.05
C ALA B 339 7.95 -4.27 5.91
N ASP B 340 7.78 -5.49 5.43
CA ASP B 340 7.13 -6.53 6.17
C ASP B 340 8.17 -6.84 7.25
N ALA B 341 7.76 -6.92 8.52
CA ALA B 341 8.71 -7.19 9.59
C ALA B 341 9.32 -8.60 9.55
N THR B 342 8.69 -9.55 8.87
CA THR B 342 9.27 -10.89 8.80
C THR B 342 10.52 -10.87 7.95
N LEU B 343 10.54 -9.98 6.96
CA LEU B 343 11.73 -9.80 6.16
C LEU B 343 12.88 -9.08 6.87
N VAL B 344 12.59 -8.02 7.61
CA VAL B 344 13.67 -7.24 8.22
C VAL B 344 14.00 -7.39 9.71
N PHE B 345 13.03 -7.72 10.55
CA PHE B 345 13.31 -7.81 11.98
C PHE B 345 14.34 -8.87 12.36
N PRO B 346 14.29 -10.06 11.74
CA PRO B 346 15.30 -11.06 12.11
C PRO B 346 16.71 -10.56 11.81
N LEU B 347 16.86 -9.78 10.75
CA LEU B 347 18.17 -9.22 10.35
C LEU B 347 18.56 -8.08 11.29
N LEU B 348 17.60 -7.27 11.75
CA LEU B 348 17.84 -6.22 12.78
C LEU B 348 18.40 -6.88 14.04
N VAL B 349 17.79 -7.99 14.46
CA VAL B 349 18.22 -8.74 15.67
C VAL B 349 19.65 -9.26 15.46
N ALA B 350 19.96 -9.80 14.27
CA ALA B 350 21.31 -10.27 13.91
C ALA B 350 22.34 -9.16 14.10
N LYS B 351 21.98 -7.92 13.77
CA LYS B 351 22.94 -6.76 13.73
C LYS B 351 22.92 -5.95 15.03
N THR B 352 21.94 -6.17 15.93
CA THR B 352 21.77 -5.35 17.16
C THR B 352 21.75 -6.27 18.39
N PHE B 353 20.57 -6.77 18.78
CA PHE B 353 20.33 -7.52 20.03
C PHE B 353 21.28 -8.73 20.12
N ALA B 354 21.36 -9.55 19.08
CA ALA B 354 22.20 -10.76 19.02
C ALA B 354 23.68 -10.38 19.13
N ARG B 355 24.13 -9.35 18.41
CA ARG B 355 25.55 -8.88 18.45
C ARG B 355 25.88 -8.49 19.90
N HIS B 356 24.94 -7.81 20.57
CA HIS B 356 25.08 -7.30 21.97
C HIS B 356 25.27 -8.45 22.94
N VAL B 357 24.46 -9.52 22.81
CA VAL B 357 24.52 -10.71 23.69
C VAL B 357 25.84 -11.45 23.43
N GLN B 358 26.26 -11.54 22.18
CA GLN B 358 27.54 -12.18 21.76
C GLN B 358 28.73 -11.41 22.34
N GLN B 359 28.66 -10.09 22.39
CA GLN B 359 29.74 -9.30 22.92
C GLN B 359 29.89 -9.42 24.39
N LYS B 360 28.80 -9.57 25.10
CA LYS B 360 28.85 -9.69 26.54
C LYS B 360 29.46 -11.00 27.00
N HIS B 361 29.33 -12.04 26.19
CA HIS B 361 29.89 -13.34 26.48
C HIS B 361 31.14 -13.59 25.64
N ASP C 10 9.67 -20.05 -35.90
CA ASP C 10 9.63 -18.92 -34.93
C ASP C 10 8.22 -18.30 -34.90
N VAL C 11 7.76 -17.78 -36.05
CA VAL C 11 6.44 -17.09 -36.20
C VAL C 11 5.28 -18.09 -36.01
N HIS C 12 5.44 -19.35 -36.42
CA HIS C 12 4.39 -20.40 -36.34
C HIS C 12 4.21 -20.84 -34.88
N ILE C 13 5.31 -21.01 -34.12
CA ILE C 13 5.29 -21.37 -32.68
C ILE C 13 4.59 -20.24 -31.92
N ALA C 14 5.00 -19.00 -32.18
CA ALA C 14 4.50 -17.77 -31.53
C ALA C 14 2.98 -17.65 -31.75
N GLU C 15 2.51 -17.84 -32.99
CA GLU C 15 1.07 -17.69 -33.36
C GLU C 15 0.23 -18.68 -32.54
N MET C 16 0.72 -19.90 -32.32
CA MET C 16 0.01 -20.98 -31.56
C MET C 16 -0.25 -20.53 -30.11
N SER C 17 0.73 -19.89 -29.47
CA SER C 17 0.64 -19.41 -28.07
C SER C 17 -0.25 -18.16 -27.98
N VAL C 18 -0.08 -17.19 -28.87
CA VAL C 18 -0.85 -15.95 -28.82
C VAL C 18 -2.21 -15.98 -29.51
N LEU C 19 -2.46 -16.98 -30.36
CA LEU C 19 -3.72 -17.07 -31.10
C LEU C 19 -4.76 -18.03 -30.52
N LYS C 20 -4.53 -18.53 -29.31
CA LYS C 20 -5.45 -19.47 -28.68
C LYS C 20 -6.93 -19.06 -28.72
N LYS C 21 -7.79 -20.02 -29.04
CA LYS C 21 -9.26 -19.82 -29.08
C LYS C 21 -9.79 -19.78 -27.64
N SER C 22 -10.86 -19.03 -27.40
CA SER C 22 -11.46 -18.79 -26.05
C SER C 22 -12.88 -19.36 -25.98
N SER C 23 -13.27 -19.87 -24.81
CA SER C 23 -14.64 -20.33 -24.48
C SER C 23 -15.63 -19.15 -24.59
N THR C 24 -16.90 -19.46 -24.82
CA THR C 24 -18.03 -18.47 -24.78
C THR C 24 -18.26 -18.05 -23.32
N MET C 25 -18.50 -16.76 -23.10
CA MET C 25 -18.81 -16.22 -21.76
C MET C 25 -20.28 -16.53 -21.42
N PRO C 26 -20.63 -16.71 -20.13
CA PRO C 26 -22.03 -16.87 -19.73
C PRO C 26 -22.92 -15.74 -20.29
N ALA C 27 -24.20 -16.04 -20.53
CA ALA C 27 -25.18 -15.13 -21.17
C ALA C 27 -25.53 -13.95 -20.25
N ASP C 28 -25.33 -14.10 -18.93
CA ASP C 28 -25.63 -13.06 -17.91
C ASP C 28 -24.44 -12.09 -17.75
N SER C 29 -23.30 -12.35 -18.40
CA SER C 29 -22.01 -11.64 -18.16
C SER C 29 -22.21 -10.13 -18.37
N THR C 30 -21.60 -9.31 -17.50
CA THR C 30 -21.71 -7.86 -17.57
C THR C 30 -20.64 -7.24 -18.44
N ILE C 31 -21.06 -6.40 -19.37
CA ILE C 31 -20.15 -5.72 -20.29
C ILE C 31 -19.52 -4.48 -19.68
N ILE C 32 -18.21 -4.34 -19.84
CA ILE C 32 -17.49 -3.14 -19.31
C ILE C 32 -17.84 -1.92 -20.18
N LYS C 33 -18.54 -0.95 -19.58
CA LYS C 33 -18.96 0.31 -20.22
C LYS C 33 -19.15 1.35 -19.10
N GLY C 34 -18.36 2.42 -19.12
CA GLY C 34 -18.48 3.53 -18.16
C GLY C 34 -19.68 4.40 -18.47
N TYR C 35 -19.89 5.44 -17.67
CA TYR C 35 -20.98 6.42 -17.85
C TYR C 35 -20.59 7.40 -18.96
N ASP C 36 -21.54 7.65 -19.88
CA ASP C 36 -21.37 8.56 -21.03
C ASP C 36 -21.95 9.93 -20.64
N PHE C 37 -21.08 10.94 -20.49
CA PHE C 37 -21.46 12.31 -20.07
C PHE C 37 -22.18 13.04 -21.23
N ASN C 38 -22.24 12.46 -22.42
CA ASN C 38 -23.12 12.97 -23.52
C ASN C 38 -24.58 12.88 -23.08
N GLU C 39 -24.91 11.96 -22.15
CA GLU C 39 -26.27 11.81 -21.58
C GLU C 39 -26.55 12.88 -20.52
N GLY C 40 -25.58 13.75 -20.20
CA GLY C 40 -25.70 14.80 -19.17
C GLY C 40 -25.18 14.34 -17.82
N ILE C 41 -25.09 15.26 -16.85
CA ILE C 41 -24.56 15.02 -15.48
C ILE C 41 -25.68 14.50 -14.57
N ASN C 42 -25.82 13.19 -14.47
CA ASN C 42 -26.77 12.46 -13.60
C ASN C 42 -25.96 11.59 -12.62
N TYR C 43 -25.78 12.05 -11.38
CA TYR C 43 -24.88 11.39 -10.39
C TYR C 43 -25.41 10.01 -10.02
N ASP C 44 -26.73 9.83 -9.92
CA ASP C 44 -27.34 8.53 -9.53
C ASP C 44 -27.04 7.49 -10.61
N ALA C 45 -27.21 7.85 -11.88
CA ALA C 45 -26.91 6.97 -13.04
C ALA C 45 -25.42 6.67 -13.11
N LEU C 46 -24.59 7.71 -12.99
CA LEU C 46 -23.10 7.60 -12.97
C LEU C 46 -22.69 6.52 -11.96
N LEU C 47 -23.18 6.61 -10.73
CA LEU C 47 -22.73 5.71 -9.62
C LEU C 47 -23.34 4.32 -9.78
N ASP C 48 -24.52 4.19 -10.39
CA ASP C 48 -25.10 2.87 -10.77
C ASP C 48 -24.15 2.19 -11.76
N GLN C 49 -23.66 2.92 -12.75
CA GLN C 49 -22.82 2.37 -13.84
C GLN C 49 -21.37 2.16 -13.37
N TYR C 50 -21.05 2.49 -12.12
CA TYR C 50 -19.79 2.04 -11.46
C TYR C 50 -19.74 0.51 -11.53
N MET C 51 -20.90 -0.17 -11.54
CA MET C 51 -20.99 -1.66 -11.60
C MET C 51 -20.29 -2.17 -12.86
N SER C 52 -20.46 -1.50 -14.00
CA SER C 52 -19.91 -1.94 -15.30
C SER C 52 -18.60 -1.20 -15.61
N THR C 53 -18.00 -0.52 -14.63
CA THR C 53 -16.74 0.25 -14.80
C THR C 53 -15.53 -0.63 -14.45
N GLY C 54 -15.65 -1.52 -13.49
CA GLY C 54 -14.55 -2.41 -13.13
C GLY C 54 -13.68 -1.94 -11.98
N PHE C 55 -12.78 -2.81 -11.55
CA PHE C 55 -11.87 -2.55 -10.44
C PHE C 55 -12.62 -2.16 -9.17
N GLN C 56 -12.20 -1.09 -8.50
CA GLN C 56 -12.85 -0.68 -7.26
C GLN C 56 -14.23 -0.06 -7.49
N ALA C 57 -14.42 0.56 -8.65
CA ALA C 57 -15.73 1.15 -9.02
C ALA C 57 -16.81 0.08 -8.95
N SER C 58 -16.54 -1.12 -9.45
CA SER C 58 -17.49 -2.27 -9.39
C SER C 58 -17.77 -2.63 -7.93
N HIS C 59 -16.72 -2.64 -7.09
CA HIS C 59 -16.83 -2.92 -5.64
C HIS C 59 -17.72 -1.85 -4.97
N PHE C 60 -17.60 -0.59 -5.36
CA PHE C 60 -18.48 0.50 -4.84
C PHE C 60 -19.93 0.12 -5.11
N ALA C 61 -20.26 -0.25 -6.34
CA ALA C 61 -21.64 -0.57 -6.78
C ALA C 61 -22.15 -1.80 -6.04
N GLN C 62 -21.30 -2.81 -5.83
CA GLN C 62 -21.65 -4.05 -5.08
C GLN C 62 -21.91 -3.69 -3.61
N ALA C 63 -21.16 -2.75 -3.05
CA ALA C 63 -21.29 -2.32 -1.64
C ALA C 63 -22.62 -1.59 -1.44
N VAL C 64 -23.03 -0.75 -2.38
CA VAL C 64 -24.35 -0.05 -2.38
C VAL C 64 -25.46 -1.10 -2.27
N GLN C 65 -25.39 -2.16 -3.08
CA GLN C 65 -26.40 -3.26 -3.12
C GLN C 65 -26.44 -3.97 -1.76
N GLN C 66 -25.27 -4.29 -1.19
CA GLN C 66 -25.16 -5.03 0.10
C GLN C 66 -25.78 -4.19 1.24
N ILE C 67 -25.46 -2.90 1.33
CA ILE C 67 -25.95 -2.01 2.41
C ILE C 67 -27.46 -1.80 2.25
N ASN C 68 -27.93 -1.59 1.00
CA ASN C 68 -29.37 -1.43 0.70
C ASN C 68 -30.13 -2.72 1.06
N THR C 69 -29.50 -3.88 0.91
CA THR C 69 -30.08 -5.18 1.33
C THR C 69 -30.23 -5.18 2.86
N MET C 70 -29.18 -4.81 3.60
CA MET C 70 -29.20 -4.71 5.08
C MET C 70 -30.35 -3.80 5.53
N LEU C 71 -30.42 -2.59 4.97
CA LEU C 71 -31.40 -1.55 5.36
C LEU C 71 -32.83 -2.03 5.04
N THR C 72 -33.00 -2.74 3.93
CA THR C 72 -34.32 -3.28 3.48
C THR C 72 -34.77 -4.36 4.48
N ILE C 73 -33.93 -5.38 4.71
CA ILE C 73 -34.24 -6.52 5.62
C ILE C 73 -34.55 -5.97 7.02
N ARG C 74 -33.81 -4.96 7.45
CA ARG C 74 -33.89 -4.35 8.81
C ARG C 74 -35.30 -3.78 9.06
N GLU C 75 -36.03 -3.39 8.01
CA GLU C 75 -37.40 -2.82 8.13
C GLU C 75 -38.44 -3.94 8.22
N GLU C 76 -38.08 -5.19 7.92
CA GLU C 76 -39.04 -6.31 7.78
C GLU C 76 -39.44 -6.86 9.15
N GLN C 77 -40.57 -7.58 9.18
CA GLN C 77 -41.05 -8.37 10.34
C GLN C 77 -40.22 -9.66 10.39
N PHE C 78 -40.07 -10.24 11.59
CA PHE C 78 -39.31 -11.50 11.83
C PHE C 78 -39.94 -12.23 13.03
N GLU C 79 -39.62 -13.51 13.20
CA GLU C 79 -40.14 -14.38 14.29
C GLU C 79 -39.19 -14.31 15.50
N GLY C 80 -39.73 -14.43 16.71
CA GLY C 80 -38.96 -14.64 17.95
C GLY C 80 -38.99 -13.42 18.86
N ASP C 81 -38.04 -13.33 19.79
CA ASP C 81 -37.89 -12.22 20.77
C ASP C 81 -37.55 -10.94 20.01
N HIS C 82 -38.29 -9.85 20.23
CA HIS C 82 -38.09 -8.53 19.56
C HIS C 82 -37.35 -7.56 20.47
N THR C 83 -36.69 -8.06 21.52
CA THR C 83 -35.91 -7.25 22.50
C THR C 83 -34.49 -7.81 22.57
N LEU C 84 -33.52 -6.92 22.79
CA LEU C 84 -32.10 -7.29 23.06
C LEU C 84 -31.82 -6.90 24.51
N PRO C 85 -30.96 -7.67 25.22
CA PRO C 85 -30.70 -7.40 26.64
C PRO C 85 -29.95 -6.09 26.91
N TYR C 86 -29.11 -5.61 25.98
CA TYR C 86 -28.23 -4.44 26.24
C TYR C 86 -28.20 -3.52 25.02
N PRO C 87 -28.41 -2.19 25.19
CA PRO C 87 -28.87 -1.61 26.46
C PRO C 87 -30.28 -2.10 26.86
N GLU C 88 -30.68 -1.84 28.11
CA GLU C 88 -32.01 -2.21 28.65
C GLU C 88 -33.09 -1.65 27.72
N GLY C 89 -34.00 -2.52 27.24
CA GLY C 89 -35.18 -2.13 26.46
C GLY C 89 -34.87 -1.78 25.01
N LYS C 90 -33.75 -2.24 24.48
CA LYS C 90 -33.40 -1.98 23.10
C LYS C 90 -34.17 -2.93 22.18
N GLN C 91 -34.91 -2.37 21.24
CA GLN C 91 -35.69 -3.14 20.29
C GLN C 91 -34.80 -3.84 19.27
N LYS C 92 -35.14 -5.09 18.92
CA LYS C 92 -34.38 -5.85 17.94
C LYS C 92 -35.04 -5.76 16.57
N ARG C 93 -34.24 -5.66 15.52
CA ARG C 93 -34.75 -5.56 14.13
C ARG C 93 -34.41 -6.86 13.41
N ALA C 94 -34.93 -7.05 12.20
CA ALA C 94 -34.75 -8.29 11.40
C ALA C 94 -33.27 -8.46 11.02
N CYS C 95 -32.53 -7.35 10.92
CA CYS C 95 -31.05 -7.34 10.76
C CYS C 95 -30.43 -6.35 11.75
N THR C 96 -29.46 -6.81 12.54
CA THR C 96 -28.60 -5.97 13.42
C THR C 96 -27.40 -5.47 12.61
N ILE C 97 -27.28 -4.15 12.43
CA ILE C 97 -26.14 -3.55 11.67
C ILE C 97 -25.08 -3.08 12.68
N PHE C 98 -23.88 -3.65 12.58
CA PHE C 98 -22.68 -3.23 13.32
C PHE C 98 -21.90 -2.25 12.44
N LEU C 99 -21.75 -1.00 12.90
CA LEU C 99 -20.91 0.02 12.22
C LEU C 99 -19.60 0.13 12.99
N GLY C 100 -18.46 -0.04 12.30
CA GLY C 100 -17.12 0.14 12.84
C GLY C 100 -16.39 1.22 12.06
N TYR C 101 -15.66 2.10 12.75
CA TYR C 101 -14.83 3.17 12.16
C TYR C 101 -13.62 3.43 13.05
N THR C 102 -12.52 3.87 12.44
CA THR C 102 -11.29 4.17 13.13
C THR C 102 -11.33 5.63 13.59
N SER C 103 -10.37 6.00 14.42
CA SER C 103 -10.29 7.34 15.00
C SER C 103 -10.14 8.46 13.99
N ASN C 104 -9.37 8.22 12.93
CA ASN C 104 -9.15 9.25 11.91
C ASN C 104 -10.41 9.63 11.14
N LEU C 105 -11.34 8.68 10.99
CA LEU C 105 -12.62 8.95 10.34
C LEU C 105 -13.53 9.86 11.13
N VAL C 106 -13.26 10.07 12.37
CA VAL C 106 -13.99 11.02 13.26
C VAL C 106 -13.25 12.36 13.27
N THR C 107 -11.93 12.31 13.04
CA THR C 107 -11.05 13.47 12.91
C THR C 107 -11.26 14.18 11.56
N SER C 108 -11.76 13.44 10.57
CA SER C 108 -12.22 13.91 9.25
C SER C 108 -13.68 14.38 9.32
N GLY C 109 -14.19 14.88 8.20
CA GLY C 109 -15.59 15.31 8.04
C GLY C 109 -16.54 14.14 7.92
N VAL C 110 -16.02 12.91 7.84
CA VAL C 110 -16.88 11.67 7.77
C VAL C 110 -17.67 11.56 9.07
N ARG C 111 -17.21 12.22 10.14
CA ARG C 111 -17.93 12.37 11.43
C ARG C 111 -19.39 12.77 11.18
N GLU C 112 -19.62 13.75 10.31
CA GLU C 112 -20.98 14.27 9.98
C GLU C 112 -21.81 13.18 9.31
N ASN C 113 -21.16 12.29 8.54
CA ASN C 113 -21.84 11.19 7.81
C ASN C 113 -22.22 10.09 8.81
N ILE C 114 -21.31 9.74 9.71
CA ILE C 114 -21.57 8.76 10.80
C ILE C 114 -22.71 9.30 11.68
N ARG C 115 -22.63 10.58 12.06
CA ARG C 115 -23.61 11.20 12.98
C ARG C 115 -25.02 11.07 12.38
N TYR C 116 -25.16 11.37 11.09
CA TYR C 116 -26.44 11.25 10.34
C TYR C 116 -26.99 9.82 10.47
N LEU C 117 -26.15 8.80 10.28
CA LEU C 117 -26.56 7.37 10.40
C LEU C 117 -27.13 7.11 11.79
N VAL C 118 -26.41 7.53 12.83
CA VAL C 118 -26.73 7.21 14.25
C VAL C 118 -27.98 8.02 14.64
N GLU C 119 -28.02 9.29 14.28
CA GLU C 119 -29.14 10.17 14.58
C GLU C 119 -30.46 9.65 14.02
N HIS C 120 -30.39 8.99 12.88
CA HIS C 120 -31.57 8.47 12.20
C HIS C 120 -31.88 7.03 12.53
N ASP C 121 -31.16 6.50 13.53
CA ASP C 121 -31.35 5.14 14.03
C ASP C 121 -31.22 4.09 12.93
N LEU C 122 -30.21 4.26 12.07
CA LEU C 122 -29.95 3.34 10.95
C LEU C 122 -29.00 2.19 11.26
N VAL C 123 -28.31 2.25 12.38
CA VAL C 123 -27.40 1.18 12.86
C VAL C 123 -27.75 0.84 14.30
N ASP C 124 -27.36 -0.35 14.75
CA ASP C 124 -27.79 -0.98 16.02
C ASP C 124 -26.63 -1.00 17.02
N CYS C 125 -25.39 -1.03 16.54
CA CYS C 125 -24.18 -1.22 17.36
C CYS C 125 -23.00 -0.48 16.72
N ILE C 126 -22.20 0.19 17.53
CA ILE C 126 -20.98 0.91 17.09
C ILE C 126 -19.77 0.32 17.82
N VAL C 127 -18.68 0.11 17.09
CA VAL C 127 -17.34 -0.13 17.69
C VAL C 127 -16.37 0.87 17.08
N THR C 128 -15.66 1.59 17.94
CA THR C 128 -14.61 2.56 17.54
C THR C 128 -13.55 2.59 18.63
N SER C 129 -12.45 3.29 18.37
CA SER C 129 -11.35 3.38 19.29
C SER C 129 -11.56 4.57 20.22
N ALA C 130 -10.61 4.82 21.13
CA ALA C 130 -10.73 5.95 22.04
C ALA C 130 -10.77 7.25 21.26
N GLY C 131 -9.93 7.36 20.24
CA GLY C 131 -9.88 8.52 19.39
C GLY C 131 -11.23 8.85 18.78
N GLY C 132 -11.94 7.83 18.22
CA GLY C 132 -13.27 7.91 17.60
C GLY C 132 -14.32 8.49 18.55
N VAL C 133 -14.16 8.26 19.86
CA VAL C 133 -15.07 8.81 20.91
C VAL C 133 -14.62 10.25 21.22
N GLU C 134 -13.40 10.43 21.71
CA GLU C 134 -12.90 11.73 22.13
C GLU C 134 -12.95 12.86 21.10
N GLU C 135 -12.58 12.55 19.87
CA GLU C 135 -12.60 13.56 18.82
C GLU C 135 -14.01 14.08 18.56
N ASP C 136 -15.00 13.19 18.61
CA ASP C 136 -16.40 13.55 18.42
C ASP C 136 -16.89 14.51 19.52
N LEU C 137 -16.51 14.23 20.77
CA LEU C 137 -16.89 15.08 21.93
C LEU C 137 -16.16 16.42 21.83
N ILE C 138 -14.85 16.39 21.57
CA ILE C 138 -13.96 17.60 21.54
C ILE C 138 -14.41 18.55 20.43
N LYS C 139 -14.96 18.04 19.33
CA LYS C 139 -15.43 18.88 18.19
C LYS C 139 -16.65 19.72 18.60
N CYS C 140 -17.28 19.40 19.72
CA CYS C 140 -18.40 20.18 20.20
C CYS C 140 -17.85 21.36 21.02
N LEU C 141 -16.62 21.22 21.51
CA LEU C 141 -15.97 22.28 22.27
C LEU C 141 -15.10 23.21 21.41
N ALA C 142 -14.41 22.64 20.42
CA ALA C 142 -13.53 23.40 19.54
C ALA C 142 -13.34 22.68 18.21
N PRO C 143 -13.01 23.43 17.15
CA PRO C 143 -12.89 22.82 15.84
C PRO C 143 -11.47 22.28 15.58
N SER C 144 -11.39 21.33 14.66
CA SER C 144 -10.12 20.88 14.00
C SER C 144 -10.01 21.59 12.66
N TYR C 145 -8.79 21.76 12.14
CA TYR C 145 -8.52 22.58 10.94
C TYR C 145 -7.80 21.77 9.87
N LEU C 146 -7.98 22.17 8.60
CA LEU C 146 -7.22 21.61 7.45
C LEU C 146 -5.80 22.19 7.47
N GLY C 147 -4.79 21.33 7.55
CA GLY C 147 -3.36 21.67 7.43
C GLY C 147 -2.77 21.01 6.20
N ALA C 148 -1.68 20.27 6.38
CA ALA C 148 -0.99 19.49 5.32
C ALA C 148 -0.19 18.35 5.97
N PHE C 149 0.14 17.33 5.21
CA PHE C 149 0.89 16.19 5.71
C PHE C 149 2.38 16.47 5.91
N ASP C 150 2.88 17.48 5.20
CA ASP C 150 4.35 17.78 5.14
C ASP C 150 4.73 18.89 6.14
N LEU C 151 3.88 19.23 7.11
CA LEU C 151 4.18 20.25 8.15
C LEU C 151 5.20 19.65 9.15
N ASP C 152 6.19 20.44 9.56
CA ASP C 152 7.34 20.01 10.39
C ASP C 152 6.90 19.77 11.84
N GLY C 153 7.27 18.61 12.41
CA GLY C 153 6.87 18.14 13.74
C GLY C 153 7.36 19.04 14.86
N LYS C 154 8.65 19.42 14.84
CA LYS C 154 9.30 20.30 15.87
C LYS C 154 8.60 21.67 15.90
N THR C 155 8.34 22.26 14.74
CA THR C 155 7.66 23.58 14.59
C THR C 155 6.23 23.49 15.13
N LEU C 156 5.49 22.44 14.75
CA LEU C 156 4.09 22.21 15.20
C LEU C 156 4.06 22.01 16.71
N ARG C 157 5.01 21.24 17.26
CA ARG C 157 5.07 20.92 18.71
C ARG C 157 5.33 22.21 19.50
N HIS C 158 6.28 23.04 19.05
CA HIS C 158 6.62 24.35 19.67
C HIS C 158 5.34 25.19 19.80
N ASN C 159 4.40 25.07 18.86
CA ASN C 159 3.14 25.86 18.79
C ASN C 159 1.95 25.08 19.37
N GLY C 160 2.19 23.90 19.95
CA GLY C 160 1.14 23.03 20.54
C GLY C 160 0.06 22.64 19.54
N LEU C 161 0.45 22.44 18.27
CA LEU C 161 -0.47 22.04 17.18
C LEU C 161 -0.22 20.57 16.85
N ASN C 162 -1.19 19.70 17.17
CA ASN C 162 -1.09 18.24 16.95
C ASN C 162 -1.52 17.95 15.51
N ARG C 163 -0.83 17.06 14.82
CA ARG C 163 -1.16 16.74 13.45
C ARG C 163 -1.67 15.29 13.31
N ALA C 164 -2.73 15.12 12.54
CA ALA C 164 -3.39 13.84 12.28
C ALA C 164 -3.58 13.93 10.74
N GLY C 165 -2.71 13.28 9.97
CA GLY C 165 -2.67 13.42 8.51
C GLY C 165 -2.49 14.87 8.09
N ASN C 166 -3.43 15.43 7.34
CA ASN C 166 -3.42 16.84 6.90
C ASN C 166 -4.42 17.66 7.73
N ILE C 167 -4.71 17.22 8.96
CA ILE C 167 -5.65 17.90 9.90
C ILE C 167 -4.87 18.35 11.13
N ILE C 168 -5.15 19.57 11.60
CA ILE C 168 -4.55 20.18 12.82
C ILE C 168 -5.62 20.15 13.92
N ILE C 169 -5.26 19.57 15.07
CA ILE C 169 -6.06 19.61 16.33
C ILE C 169 -5.23 20.41 17.35
N PRO C 170 -5.51 21.72 17.50
CA PRO C 170 -4.78 22.54 18.47
C PRO C 170 -4.87 21.94 19.88
N ASN C 171 -3.77 21.96 20.66
CA ASN C 171 -3.73 21.28 21.98
C ASN C 171 -4.68 21.96 22.99
N ASN C 172 -5.07 23.23 22.78
CA ASN C 172 -6.06 23.92 23.64
C ASN C 172 -7.38 23.15 23.62
N ASN C 173 -7.70 22.48 22.49
CA ASN C 173 -8.88 21.59 22.35
C ASN C 173 -8.89 20.55 23.47
N TYR C 174 -7.74 19.96 23.77
CA TYR C 174 -7.55 18.90 24.81
C TYR C 174 -7.60 19.52 26.21
N CYS C 175 -7.07 20.73 26.36
CA CYS C 175 -7.10 21.41 27.65
C CYS C 175 -8.56 21.66 28.01
N GLN C 176 -9.34 22.05 27.01
CA GLN C 176 -10.77 22.29 27.19
C GLN C 176 -11.47 20.98 27.54
N PHE C 177 -11.05 19.90 26.90
CA PHE C 177 -11.61 18.57 27.12
C PHE C 177 -11.43 18.16 28.58
N GLU C 178 -10.24 18.39 29.10
CA GLU C 178 -9.90 18.12 30.53
C GLU C 178 -10.86 18.88 31.45
N ASP C 179 -11.05 20.19 31.24
CA ASP C 179 -11.95 21.04 32.04
C ASP C 179 -13.36 20.42 32.05
N TRP C 180 -13.80 19.96 30.89
CA TRP C 180 -15.17 19.41 30.68
C TRP C 180 -15.30 18.01 31.32
N LEU C 181 -14.26 17.19 31.22
CA LEU C 181 -14.36 15.74 31.53
C LEU C 181 -14.17 15.48 33.04
N MET C 182 -13.23 16.17 33.69
CA MET C 182 -12.85 15.92 35.11
C MET C 182 -14.07 15.93 36.03
N PRO C 183 -14.98 16.93 35.97
CA PRO C 183 -16.18 16.92 36.80
C PRO C 183 -17.07 15.69 36.56
N ILE C 184 -17.18 15.22 35.32
CA ILE C 184 -17.99 14.01 34.95
C ILE C 184 -17.35 12.78 35.60
N LEU C 185 -16.02 12.66 35.55
CA LEU C 185 -15.27 11.51 36.13
C LEU C 185 -15.40 11.52 37.65
N ASP C 186 -15.45 12.69 38.29
CA ASP C 186 -15.69 12.84 39.75
C ASP C 186 -17.04 12.20 40.09
N SER C 187 -18.09 12.51 39.32
CA SER C 187 -19.46 11.95 39.51
C SER C 187 -19.44 10.44 39.30
N CYS C 188 -18.75 9.97 38.26
CA CYS C 188 -18.65 8.52 37.92
C CYS C 188 -17.97 7.77 39.07
N GLU C 189 -16.90 8.31 39.64
CA GLU C 189 -16.15 7.69 40.77
C GLU C 189 -17.06 7.61 42.01
N LEU C 190 -17.81 8.69 42.28
CA LEU C 190 -18.79 8.76 43.40
C LEU C 190 -19.82 7.63 43.23
N GLU C 191 -20.35 7.45 42.02
CA GLU C 191 -21.37 6.43 41.69
C GLU C 191 -20.77 5.03 41.83
N GLN C 192 -19.47 4.87 41.54
CA GLN C 192 -18.75 3.59 41.71
C GLN C 192 -18.65 3.26 43.21
N LYS C 193 -18.20 4.21 44.03
CA LYS C 193 -17.96 4.03 45.49
C LYS C 193 -19.29 3.83 46.23
N ASN C 194 -20.29 4.67 45.97
CA ASN C 194 -21.57 4.71 46.75
C ASN C 194 -22.52 3.61 46.30
N ASN C 195 -22.68 3.40 44.99
CA ASN C 195 -23.75 2.53 44.42
C ASN C 195 -23.15 1.19 43.96
N ASP C 196 -21.85 0.96 44.20
CA ASP C 196 -21.16 -0.30 43.83
C ASP C 196 -21.34 -0.55 42.32
N PHE C 197 -21.32 0.51 41.51
CA PHE C 197 -21.55 0.48 40.04
C PHE C 197 -20.24 0.11 39.34
N SER C 198 -20.31 -0.85 38.40
CA SER C 198 -19.16 -1.30 37.57
C SER C 198 -19.21 -0.63 36.20
N TRP C 199 -18.32 0.34 35.99
CA TRP C 199 -18.13 1.05 34.69
C TRP C 199 -17.51 0.10 33.66
N THR C 200 -18.03 0.16 32.44
CA THR C 200 -17.44 -0.41 31.19
C THR C 200 -17.28 0.73 30.20
N PRO C 201 -16.44 0.59 29.16
CA PRO C 201 -16.34 1.61 28.13
C PRO C 201 -17.70 2.05 27.57
N SER C 202 -18.58 1.11 27.23
CA SER C 202 -19.90 1.39 26.60
C SER C 202 -20.75 2.23 27.56
N LYS C 203 -20.74 1.89 28.86
CA LYS C 203 -21.49 2.64 29.91
C LYS C 203 -20.93 4.06 30.00
N LEU C 204 -19.61 4.21 30.02
CA LEU C 204 -18.93 5.53 30.13
C LEU C 204 -19.24 6.37 28.89
N ILE C 205 -19.21 5.76 27.69
CA ILE C 205 -19.44 6.49 26.41
C ILE C 205 -20.91 6.91 26.35
N ASP C 206 -21.82 6.08 26.82
CA ASP C 206 -23.26 6.44 26.94
C ASP C 206 -23.38 7.71 27.79
N ARG C 207 -22.67 7.77 28.91
CA ARG C 207 -22.70 8.89 29.88
C ARG C 207 -22.14 10.16 29.22
N LEU C 208 -20.99 10.07 28.53
CA LEU C 208 -20.34 11.23 27.88
C LEU C 208 -21.24 11.78 26.77
N GLY C 209 -21.96 10.90 26.09
CA GLY C 209 -22.98 11.29 25.09
C GLY C 209 -24.10 12.10 25.73
N ALA C 210 -24.61 11.65 26.88
CA ALA C 210 -25.68 12.33 27.63
C ALA C 210 -25.18 13.71 28.08
N GLU C 211 -23.95 13.78 28.59
CA GLU C 211 -23.34 15.02 29.15
C GLU C 211 -23.10 16.05 28.02
N ILE C 212 -22.58 15.63 26.87
CA ILE C 212 -22.20 16.58 25.77
C ILE C 212 -23.47 17.30 25.30
N ASN C 213 -24.59 16.59 25.22
CA ASN C 213 -25.94 17.16 25.00
C ASN C 213 -25.92 18.11 23.79
N ASP C 214 -25.36 17.63 22.67
CA ASP C 214 -25.06 18.42 21.45
C ASP C 214 -25.45 17.57 20.23
N LYS C 215 -26.33 18.10 19.38
CA LYS C 215 -26.96 17.37 18.26
C LYS C 215 -25.95 17.18 17.11
N ARG C 216 -24.73 17.72 17.23
CA ARG C 216 -23.63 17.52 16.26
C ARG C 216 -22.82 16.26 16.62
N SER C 217 -23.02 15.67 17.80
CA SER C 217 -22.19 14.57 18.36
C SER C 217 -22.78 13.20 18.01
N ILE C 218 -21.93 12.29 17.50
CA ILE C 218 -22.28 10.87 17.27
C ILE C 218 -22.68 10.24 18.62
N CYS C 219 -21.86 10.47 19.64
CA CYS C 219 -22.03 9.87 21.00
C CYS C 219 -23.35 10.33 21.63
N TYR C 220 -23.72 11.61 21.45
CA TYR C 220 -25.03 12.15 21.90
C TYR C 220 -26.15 11.32 21.28
N TRP C 221 -26.15 11.15 19.95
CA TRP C 221 -27.23 10.43 19.23
C TRP C 221 -27.21 8.93 19.59
N ALA C 222 -26.03 8.34 19.81
CA ALA C 222 -25.90 6.92 20.22
C ALA C 222 -26.61 6.73 21.57
N HIS C 223 -26.36 7.62 22.53
CA HIS C 223 -27.04 7.65 23.85
C HIS C 223 -28.56 7.76 23.64
N ARG C 224 -28.99 8.76 22.88
CA ARG C 224 -30.42 9.09 22.66
C ARG C 224 -31.15 7.88 22.05
N ASN C 225 -30.52 7.19 21.10
CA ASN C 225 -31.16 6.11 20.30
C ASN C 225 -30.80 4.74 20.86
N ARG C 226 -30.18 4.68 22.04
CA ARG C 226 -29.84 3.42 22.74
C ARG C 226 -28.98 2.55 21.80
N ILE C 227 -28.03 3.19 21.11
CA ILE C 227 -27.02 2.48 20.27
C ILE C 227 -25.75 2.39 21.10
N PRO C 228 -25.37 1.18 21.58
CA PRO C 228 -24.18 1.03 22.40
C PRO C 228 -22.93 1.29 21.55
N VAL C 229 -21.92 1.93 22.17
CA VAL C 229 -20.59 2.17 21.56
C VAL C 229 -19.58 1.36 22.37
N PHE C 230 -18.98 0.35 21.75
CA PHE C 230 -17.99 -0.48 22.41
C PHE C 230 -16.58 -0.03 22.02
N SER C 231 -15.71 0.10 23.01
CA SER C 231 -14.32 0.49 22.80
C SER C 231 -13.42 -0.16 23.85
N PRO C 232 -12.98 -1.40 23.61
CA PRO C 232 -12.15 -2.16 24.56
C PRO C 232 -10.86 -1.46 25.01
N ALA C 233 -10.27 -0.68 24.11
CA ALA C 233 -9.07 0.06 24.42
C ALA C 233 -9.40 1.55 24.56
N LEU C 234 -10.34 1.86 25.45
CA LEU C 234 -10.79 3.24 25.72
C LEU C 234 -9.67 4.12 26.31
N THR C 235 -8.74 3.48 27.01
CA THR C 235 -7.63 4.17 27.64
C THR C 235 -6.53 4.65 26.68
N ASP C 236 -6.61 4.22 25.42
CA ASP C 236 -5.61 4.58 24.44
C ASP C 236 -5.88 5.94 23.78
N GLY C 237 -5.65 7.02 24.52
CA GLY C 237 -5.86 8.36 24.00
C GLY C 237 -6.01 9.45 25.04
N SER C 238 -6.60 10.57 24.64
CA SER C 238 -6.83 11.72 25.51
C SER C 238 -7.72 11.33 26.69
N ILE C 239 -8.71 10.49 26.44
CA ILE C 239 -9.61 10.02 27.50
C ILE C 239 -8.79 9.24 28.54
N GLY C 240 -7.84 8.42 28.08
CA GLY C 240 -6.97 7.71 28.97
C GLY C 240 -6.13 8.71 29.74
N ASP C 241 -5.64 9.74 29.08
CA ASP C 241 -4.82 10.75 29.74
C ASP C 241 -5.61 11.41 30.86
N MET C 242 -6.86 11.75 30.59
CA MET C 242 -7.72 12.34 31.59
C MET C 242 -7.96 11.33 32.70
N LEU C 243 -8.18 10.08 32.34
CA LEU C 243 -8.40 9.01 33.31
C LEU C 243 -7.20 8.82 34.20
N TYR C 244 -6.01 8.92 33.61
CA TYR C 244 -4.77 8.79 34.35
C TYR C 244 -4.70 9.87 35.42
N PHE C 245 -4.70 11.13 35.03
CA PHE C 245 -4.59 12.31 35.93
C PHE C 245 -5.67 12.21 37.03
N HIS C 246 -6.88 11.84 36.64
CA HIS C 246 -8.07 11.79 37.53
C HIS C 246 -7.85 10.77 38.65
N SER C 247 -7.11 9.69 38.41
CA SER C 247 -6.92 8.58 39.38
C SER C 247 -6.11 9.09 40.60
N PHE C 248 -5.31 10.12 40.41
CA PHE C 248 -4.49 10.68 41.46
C PHE C 248 -5.31 11.50 42.43
N ARG C 249 -6.45 12.02 41.98
CA ARG C 249 -7.29 12.82 42.86
C ARG C 249 -7.85 12.06 44.05
N ASN C 250 -8.41 10.87 43.79
CA ASN C 250 -9.05 10.09 44.85
C ASN C 250 -8.97 8.58 44.66
N GLY C 251 -8.24 8.13 43.66
CA GLY C 251 -8.08 6.71 43.41
C GLY C 251 -8.49 6.31 42.01
N GLY C 252 -9.50 6.98 41.47
CA GLY C 252 -9.93 6.69 40.11
C GLY C 252 -11.05 5.69 39.86
N ILE C 253 -11.33 5.51 38.58
CA ILE C 253 -12.38 4.65 38.08
C ILE C 253 -11.84 3.35 37.48
N LYS C 254 -12.58 2.26 37.67
CA LYS C 254 -12.24 0.98 37.08
C LYS C 254 -13.13 0.80 35.84
N LEU C 255 -12.53 0.35 34.74
CA LEU C 255 -13.23 0.16 33.48
C LEU C 255 -13.07 -1.33 33.12
N ASP C 256 -14.12 -2.12 33.32
CA ASP C 256 -14.13 -3.58 33.03
C ASP C 256 -14.46 -3.80 31.54
N ILE C 257 -13.58 -4.53 30.83
CA ILE C 257 -13.74 -4.84 29.39
C ILE C 257 -14.47 -6.18 29.21
N VAL C 258 -14.56 -7.01 30.25
CA VAL C 258 -15.14 -8.38 30.13
C VAL C 258 -16.67 -8.27 30.02
N GLU C 259 -17.31 -7.46 30.87
CA GLU C 259 -18.77 -7.24 30.80
C GLU C 259 -19.14 -6.74 29.40
N ASP C 260 -18.38 -5.79 28.84
CA ASP C 260 -18.65 -5.19 27.50
C ASP C 260 -18.50 -6.27 26.43
N LEU C 261 -17.58 -7.21 26.61
CA LEU C 261 -17.45 -8.37 25.69
C LEU C 261 -18.74 -9.21 25.72
N ARG C 262 -19.28 -9.45 26.90
CA ARG C 262 -20.51 -10.21 27.02
C ARG C 262 -21.65 -9.53 26.28
N HIS C 263 -21.74 -8.21 26.42
CA HIS C 263 -22.81 -7.40 25.80
C HIS C 263 -22.74 -7.52 24.27
N ILE C 264 -21.58 -7.30 23.64
CA ILE C 264 -21.49 -7.31 22.16
C ILE C 264 -21.66 -8.73 21.62
N ASN C 265 -21.08 -9.74 22.28
CA ASN C 265 -21.18 -11.15 21.83
C ASN C 265 -22.63 -11.62 21.90
N THR C 266 -23.33 -11.31 22.98
CA THR C 266 -24.73 -11.73 23.20
C THR C 266 -25.63 -11.03 22.17
N MET C 267 -25.36 -9.75 21.87
CA MET C 267 -26.12 -8.97 20.86
C MET C 267 -26.04 -9.70 19.51
N ALA C 268 -24.87 -10.21 19.15
CA ALA C 268 -24.64 -10.99 17.91
C ALA C 268 -25.40 -12.31 18.01
N VAL C 269 -25.22 -13.08 19.08
CA VAL C 269 -25.82 -14.43 19.26
C VAL C 269 -27.35 -14.33 19.15
N ARG C 270 -27.95 -13.26 19.69
CA ARG C 270 -29.43 -13.11 19.77
C ARG C 270 -29.98 -12.38 18.54
N SER C 271 -29.17 -12.09 17.52
CA SER C 271 -29.64 -11.34 16.33
C SER C 271 -30.33 -12.29 15.34
N ASN C 272 -31.36 -11.81 14.66
CA ASN C 272 -32.08 -12.55 13.59
C ASN C 272 -31.16 -12.66 12.36
N ARG C 273 -30.65 -11.52 11.92
CA ARG C 273 -29.57 -11.40 10.90
C ARG C 273 -28.59 -10.33 11.37
N THR C 274 -27.35 -10.35 10.85
CA THR C 274 -26.35 -9.29 11.11
C THR C 274 -25.69 -8.84 9.81
N GLY C 275 -25.49 -7.53 9.69
CA GLY C 275 -24.63 -6.91 8.68
C GLY C 275 -23.50 -6.18 9.36
N VAL C 276 -22.30 -6.19 8.78
CA VAL C 276 -21.13 -5.42 9.29
C VAL C 276 -20.72 -4.41 8.22
N ILE C 277 -20.53 -3.16 8.64
CA ILE C 277 -19.98 -2.04 7.83
C ILE C 277 -18.75 -1.53 8.57
N LEU C 278 -17.56 -1.87 8.04
CA LEU C 278 -16.26 -1.61 8.70
C LEU C 278 -15.46 -0.61 7.86
N LEU C 279 -15.28 0.60 8.39
CA LEU C 279 -14.44 1.67 7.79
C LEU C 279 -13.08 1.66 8.50
N GLY C 280 -12.07 1.07 7.89
CA GLY C 280 -10.78 1.00 8.53
C GLY C 280 -10.50 -0.40 9.03
N GLY C 281 -9.44 -0.52 9.79
CA GLY C 281 -8.99 -1.79 10.34
C GLY C 281 -8.67 -1.63 11.81
N GLY C 282 -7.97 -2.59 12.39
CA GLY C 282 -7.62 -2.51 13.79
C GLY C 282 -8.56 -3.28 14.70
N VAL C 283 -8.64 -2.85 15.94
CA VAL C 283 -9.46 -3.51 16.95
C VAL C 283 -10.94 -3.52 16.59
N MET C 284 -11.42 -2.41 16.05
CA MET C 284 -12.80 -2.28 15.65
C MET C 284 -13.25 -3.39 14.71
N LYS C 285 -12.43 -3.66 13.71
CA LYS C 285 -12.72 -4.70 12.68
C LYS C 285 -12.69 -6.09 13.33
N HIS C 286 -11.65 -6.40 14.07
CA HIS C 286 -11.58 -7.73 14.67
C HIS C 286 -12.65 -7.96 15.71
N HIS C 287 -12.99 -6.95 16.49
CA HIS C 287 -13.98 -7.05 17.59
C HIS C 287 -15.38 -7.35 17.03
N ILE C 288 -15.80 -6.64 15.98
CA ILE C 288 -17.12 -6.85 15.32
C ILE C 288 -17.13 -8.24 14.68
N ASN C 289 -16.05 -8.59 13.95
CA ASN C 289 -15.94 -9.90 13.27
C ASN C 289 -15.99 -11.01 14.33
N ASN C 290 -15.32 -10.81 15.46
CA ASN C 290 -15.22 -11.84 16.53
C ASN C 290 -16.59 -12.04 17.19
N ALA C 291 -17.35 -10.97 17.42
CA ALA C 291 -18.72 -11.04 17.97
C ALA C 291 -19.59 -11.90 17.05
N ASN C 292 -19.44 -11.74 15.72
CA ASN C 292 -20.27 -12.44 14.71
C ASN C 292 -19.82 -13.91 14.58
N LEU C 293 -18.60 -14.26 14.98
CA LEU C 293 -18.15 -15.68 15.04
C LEU C 293 -19.11 -16.46 15.96
N MET C 294 -19.57 -15.82 17.04
CA MET C 294 -20.42 -16.46 18.08
C MET C 294 -21.71 -17.00 17.46
N ARG C 295 -22.20 -16.38 16.38
CA ARG C 295 -23.43 -16.83 15.66
C ARG C 295 -23.05 -17.55 14.36
N ASN C 296 -21.78 -17.92 14.20
CA ASN C 296 -21.25 -18.62 12.99
C ASN C 296 -21.30 -17.69 11.78
N GLY C 297 -21.10 -16.37 11.98
CA GLY C 297 -20.78 -15.40 10.90
C GLY C 297 -21.88 -14.40 10.63
N SER C 298 -21.53 -13.27 10.03
CA SER C 298 -22.45 -12.20 9.58
C SER C 298 -23.06 -12.59 8.22
N ASP C 299 -24.25 -12.09 7.92
CA ASP C 299 -25.05 -12.44 6.72
C ASP C 299 -24.69 -11.48 5.58
N TYR C 300 -24.26 -10.26 5.92
CA TYR C 300 -23.85 -9.18 5.00
C TYR C 300 -22.61 -8.48 5.57
N ALA C 301 -21.68 -8.10 4.70
CA ALA C 301 -20.37 -7.51 5.08
C ALA C 301 -19.88 -6.58 3.98
N VAL C 302 -19.64 -5.32 4.34
CA VAL C 302 -18.90 -4.33 3.52
C VAL C 302 -17.67 -3.84 4.31
N TYR C 303 -16.48 -3.97 3.71
CA TYR C 303 -15.21 -3.36 4.18
C TYR C 303 -14.89 -2.15 3.30
N VAL C 304 -14.37 -1.09 3.89
CA VAL C 304 -13.91 0.06 3.15
C VAL C 304 -12.59 0.40 3.82
N ASN C 305 -11.51 -0.25 3.38
CA ASN C 305 -10.19 0.02 3.95
C ASN C 305 -9.05 0.02 2.94
N THR C 306 -7.95 0.65 3.32
CA THR C 306 -6.77 0.74 2.46
C THR C 306 -5.72 -0.34 2.73
N GLY C 307 -5.99 -1.24 3.65
CA GLY C 307 -5.04 -2.28 4.00
C GLY C 307 -4.68 -3.27 2.90
N GLN C 308 -3.48 -3.84 2.97
CA GLN C 308 -3.01 -4.85 1.98
C GLN C 308 -2.73 -6.17 2.70
N GLU C 309 -2.94 -7.27 1.96
CA GLU C 309 -2.94 -8.68 2.42
C GLU C 309 -1.51 -9.17 2.73
N PHE C 310 -0.51 -8.73 1.96
CA PHE C 310 0.85 -9.33 1.85
C PHE C 310 1.57 -9.43 3.22
N ASP C 311 1.34 -8.50 4.15
CA ASP C 311 2.00 -8.53 5.44
C ASP C 311 1.33 -9.46 6.45
N GLY C 312 0.20 -10.08 6.07
CA GLY C 312 -0.50 -10.99 6.93
C GLY C 312 -1.29 -10.36 8.07
N SER C 313 -1.50 -9.07 8.00
CA SER C 313 -2.19 -8.37 9.05
C SER C 313 -3.68 -8.63 8.95
N ASP C 314 -4.37 -8.62 10.09
CA ASP C 314 -5.82 -8.77 10.10
C ASP C 314 -6.44 -7.57 9.41
N SER C 315 -5.80 -6.41 9.61
CA SER C 315 -6.22 -5.15 9.02
C SER C 315 -6.36 -5.19 7.50
N GLY C 316 -5.32 -5.71 6.84
CA GLY C 316 -5.30 -5.80 5.40
C GLY C 316 -5.89 -7.04 4.79
N ALA C 317 -6.35 -7.95 5.63
CA ALA C 317 -6.94 -9.19 5.14
C ALA C 317 -8.22 -8.97 4.35
N ARG C 318 -8.44 -9.83 3.36
CA ARG C 318 -9.66 -9.83 2.51
C ARG C 318 -10.82 -10.38 3.33
N PRO C 319 -12.09 -10.05 2.98
CA PRO C 319 -13.24 -10.65 3.64
C PRO C 319 -13.24 -12.20 3.66
N ASP C 320 -12.68 -12.84 2.62
CA ASP C 320 -12.66 -14.32 2.48
C ASP C 320 -11.77 -14.93 3.57
N GLU C 321 -10.79 -14.19 4.10
CA GLU C 321 -10.01 -14.66 5.29
C GLU C 321 -10.98 -14.86 6.45
N ALA C 322 -11.87 -13.89 6.69
CA ALA C 322 -12.84 -13.90 7.81
C ALA C 322 -13.80 -15.09 7.64
N VAL C 323 -14.08 -15.50 6.40
CA VAL C 323 -14.94 -16.69 6.08
C VAL C 323 -14.26 -17.95 6.64
N SER C 324 -12.94 -18.10 6.48
CA SER C 324 -12.16 -19.25 6.99
C SER C 324 -12.36 -19.43 8.50
N TRP C 325 -12.50 -18.34 9.24
CA TRP C 325 -12.67 -18.40 10.70
C TRP C 325 -14.13 -18.60 11.13
N GLY C 326 -15.06 -18.38 10.20
CA GLY C 326 -16.51 -18.43 10.50
C GLY C 326 -17.05 -17.11 11.04
N LYS C 327 -16.29 -16.02 10.88
CA LYS C 327 -16.65 -14.65 11.32
C LYS C 327 -17.58 -14.01 10.27
N VAL C 328 -17.47 -14.46 9.02
CA VAL C 328 -18.40 -14.12 7.90
C VAL C 328 -18.91 -15.44 7.31
N ARG C 329 -20.21 -15.53 7.04
CA ARG C 329 -20.87 -16.77 6.55
C ARG C 329 -20.40 -17.10 5.13
N SER C 330 -20.53 -18.36 4.72
CA SER C 330 -20.17 -18.78 3.38
C SER C 330 -21.22 -18.27 2.40
N ASP C 331 -22.46 -18.17 2.86
CA ASP C 331 -23.57 -17.67 2.06
C ASP C 331 -23.35 -16.21 1.68
N CYS C 332 -22.80 -15.46 2.63
CA CYS C 332 -22.53 -14.05 2.45
C CYS C 332 -21.64 -13.75 1.24
N ARG C 333 -21.91 -12.61 0.61
CA ARG C 333 -21.16 -12.18 -0.54
C ARG C 333 -20.51 -10.88 -0.12
N PRO C 334 -19.45 -10.98 0.68
CA PRO C 334 -18.74 -9.82 1.21
C PRO C 334 -18.07 -8.98 0.13
N VAL C 335 -18.07 -7.68 0.37
CA VAL C 335 -17.49 -6.67 -0.55
C VAL C 335 -16.44 -5.86 0.21
N LYS C 336 -15.22 -5.74 -0.34
CA LYS C 336 -14.22 -4.76 0.14
C LYS C 336 -13.97 -3.71 -0.96
N ILE C 337 -14.08 -2.42 -0.61
CA ILE C 337 -13.58 -1.30 -1.45
C ILE C 337 -12.21 -0.88 -0.92
N TYR C 338 -11.16 -0.99 -1.73
CA TYR C 338 -9.79 -0.54 -1.40
C TYR C 338 -9.73 0.96 -1.66
N ALA C 339 -10.03 1.77 -0.65
CA ALA C 339 -10.07 3.23 -0.80
C ALA C 339 -10.04 3.95 0.53
N ASP C 340 -9.71 5.23 0.48
CA ASP C 340 -9.74 6.09 1.64
C ASP C 340 -11.24 6.27 1.88
N ALA C 341 -11.70 6.12 3.11
CA ALA C 341 -13.13 6.22 3.43
C ALA C 341 -13.70 7.62 3.17
N THR C 342 -12.88 8.65 3.35
CA THR C 342 -13.32 10.03 3.08
C THR C 342 -13.73 10.24 1.62
N LEU C 343 -13.15 9.49 0.69
CA LEU C 343 -13.55 9.55 -0.74
C LEU C 343 -14.87 8.81 -0.94
N VAL C 344 -15.03 7.59 -0.42
CA VAL C 344 -16.14 6.69 -0.87
C VAL C 344 -17.31 6.70 0.13
N PHE C 345 -17.08 6.84 1.44
CA PHE C 345 -18.18 6.69 2.43
C PHE C 345 -19.26 7.76 2.24
N PRO C 346 -18.93 9.07 2.08
CA PRO C 346 -19.98 10.08 1.85
C PRO C 346 -20.88 9.70 0.66
N LEU C 347 -20.31 9.09 -0.37
CA LEU C 347 -21.06 8.69 -1.60
C LEU C 347 -21.88 7.44 -1.34
N LEU C 348 -21.37 6.50 -0.53
CA LEU C 348 -22.14 5.31 -0.08
C LEU C 348 -23.40 5.78 0.65
N VAL C 349 -23.24 6.76 1.54
CA VAL C 349 -24.37 7.31 2.35
C VAL C 349 -25.39 7.96 1.39
N ALA C 350 -24.93 8.72 0.39
CA ALA C 350 -25.79 9.33 -0.65
C ALA C 350 -26.65 8.26 -1.34
N LYS C 351 -26.07 7.12 -1.65
CA LYS C 351 -26.78 6.06 -2.36
C LYS C 351 -27.47 5.03 -1.47
N THR C 352 -27.18 5.03 -0.18
CA THR C 352 -27.79 4.05 0.71
C THR C 352 -28.63 4.65 1.84
N PHE C 353 -27.99 4.95 2.95
CA PHE C 353 -28.67 5.49 4.13
C PHE C 353 -29.55 6.71 3.84
N ALA C 354 -28.99 7.70 3.17
CA ALA C 354 -29.69 8.96 2.81
C ALA C 354 -30.89 8.65 1.92
N ARG C 355 -30.73 7.80 0.90
CA ARG C 355 -31.84 7.42 -0.03
C ARG C 355 -32.97 6.78 0.82
N HIS C 356 -32.61 5.95 1.80
CA HIS C 356 -33.53 5.20 2.68
C HIS C 356 -34.35 6.17 3.53
N VAL C 357 -33.71 7.18 4.11
CA VAL C 357 -34.38 8.21 4.96
C VAL C 357 -35.32 9.04 4.08
N GLN C 358 -34.87 9.37 2.87
CA GLN C 358 -35.64 10.16 1.95
C GLN C 358 -36.86 9.38 1.50
N GLN C 359 -36.69 8.10 1.22
CA GLN C 359 -37.80 7.26 0.80
C GLN C 359 -38.84 7.16 1.92
N LYS C 360 -38.36 7.00 3.14
CA LYS C 360 -39.25 6.92 4.30
C LYS C 360 -40.03 8.21 4.54
N HIS C 361 -39.35 9.34 4.39
CA HIS C 361 -39.98 10.64 4.60
C HIS C 361 -40.57 11.20 3.33
N GLU D 15 -20.30 -21.81 21.82
CA GLU D 15 -19.26 -22.88 22.00
C GLU D 15 -19.26 -23.81 20.77
N MET D 16 -20.43 -24.10 20.19
CA MET D 16 -20.59 -24.92 18.96
C MET D 16 -19.87 -24.26 17.78
N SER D 17 -19.98 -22.94 17.62
CA SER D 17 -19.36 -22.16 16.53
C SER D 17 -17.85 -22.01 16.77
N VAL D 18 -17.46 -21.62 17.97
CA VAL D 18 -16.06 -21.38 18.30
C VAL D 18 -15.17 -22.60 18.52
N LEU D 19 -15.74 -23.72 18.99
CA LEU D 19 -14.92 -24.90 19.26
C LEU D 19 -15.00 -26.03 18.22
N LYS D 20 -15.40 -25.68 17.00
CA LYS D 20 -15.42 -26.65 15.89
C LYS D 20 -14.12 -27.45 15.74
N LYS D 21 -14.27 -28.76 15.53
CA LYS D 21 -13.12 -29.69 15.37
C LYS D 21 -12.52 -29.47 13.97
N SER D 22 -11.21 -29.68 13.84
CA SER D 22 -10.42 -29.36 12.61
C SER D 22 -9.84 -30.66 12.03
N SER D 23 -9.77 -30.74 10.70
CA SER D 23 -9.12 -31.84 9.94
C SER D 23 -7.63 -31.89 10.29
N THR D 24 -7.00 -33.06 10.15
CA THR D 24 -5.54 -33.24 10.35
C THR D 24 -4.83 -32.63 9.13
N MET D 25 -3.73 -31.93 9.36
CA MET D 25 -2.89 -31.34 8.29
C MET D 25 -2.07 -32.45 7.64
N PRO D 26 -1.73 -32.36 6.33
CA PRO D 26 -0.82 -33.32 5.69
C PRO D 26 0.47 -33.52 6.50
N ALA D 27 1.07 -34.70 6.41
CA ALA D 27 2.23 -35.13 7.24
C ALA D 27 3.50 -34.35 6.84
N ASP D 28 3.55 -33.82 5.62
CA ASP D 28 4.73 -33.07 5.09
C ASP D 28 4.62 -31.57 5.45
N SER D 29 3.50 -31.13 6.06
CA SER D 29 3.20 -29.70 6.33
C SER D 29 4.34 -29.06 7.12
N THR D 30 4.69 -27.81 6.78
CA THR D 30 5.80 -27.01 7.38
C THR D 30 5.32 -26.31 8.65
N ILE D 31 5.98 -26.56 9.78
CA ILE D 31 5.67 -25.92 11.09
C ILE D 31 6.29 -24.51 11.08
N ILE D 32 5.55 -23.51 11.58
CA ILE D 32 6.02 -22.15 11.68
C ILE D 32 6.97 -22.04 12.90
N LYS D 33 8.25 -21.80 12.64
CA LYS D 33 9.33 -21.62 13.66
C LYS D 33 10.40 -20.72 13.03
N GLY D 34 10.70 -19.60 13.66
CA GLY D 34 11.73 -18.71 13.17
C GLY D 34 13.09 -19.16 13.68
N TYR D 35 14.11 -18.42 13.30
CA TYR D 35 15.50 -18.74 13.68
C TYR D 35 15.73 -18.34 15.14
N ASP D 36 16.38 -19.25 15.88
CA ASP D 36 16.71 -19.09 17.31
C ASP D 36 18.14 -18.57 17.43
N PHE D 37 18.31 -17.32 17.86
CA PHE D 37 19.64 -16.66 17.99
C PHE D 37 20.40 -17.23 19.21
N ASN D 38 19.78 -18.09 20.02
CA ASN D 38 20.51 -18.90 21.04
C ASN D 38 21.53 -19.81 20.33
N GLU D 39 21.29 -20.17 19.07
CA GLU D 39 22.22 -21.00 18.25
C GLU D 39 23.37 -20.14 17.72
N GLY D 40 23.37 -18.83 17.97
CA GLY D 40 24.40 -17.90 17.46
C GLY D 40 24.00 -17.26 16.13
N ILE D 41 24.79 -16.29 15.67
CA ILE D 41 24.50 -15.47 14.44
C ILE D 41 25.06 -16.20 13.21
N ASN D 42 24.22 -16.99 12.54
CA ASN D 42 24.52 -17.73 11.30
C ASN D 42 23.54 -17.24 10.22
N TYR D 43 23.99 -16.36 9.32
CA TYR D 43 23.11 -15.66 8.35
C TYR D 43 22.54 -16.66 7.34
N ASP D 44 23.31 -17.67 6.93
CA ASP D 44 22.86 -18.68 5.93
C ASP D 44 21.70 -19.49 6.52
N ALA D 45 21.81 -19.93 7.78
CA ALA D 45 20.78 -20.70 8.49
C ALA D 45 19.54 -19.81 8.72
N LEU D 46 19.75 -18.58 9.20
CA LEU D 46 18.69 -17.57 9.41
C LEU D 46 17.83 -17.46 8.14
N LEU D 47 18.47 -17.28 6.98
CA LEU D 47 17.74 -16.99 5.72
C LEU D 47 17.11 -18.27 5.17
N ASP D 48 17.69 -19.45 5.43
CA ASP D 48 17.04 -20.75 5.11
C ASP D 48 15.72 -20.85 5.89
N GLN D 49 15.76 -20.45 7.15
CA GLN D 49 14.62 -20.49 8.05
C GLN D 49 13.53 -19.44 7.83
N TYR D 50 13.70 -18.59 6.81
CA TYR D 50 12.68 -17.69 6.31
C TYR D 50 11.49 -18.50 5.73
N MET D 51 11.75 -19.70 5.19
CA MET D 51 10.73 -20.58 4.66
C MET D 51 9.70 -20.94 5.73
N SER D 52 10.14 -21.24 6.95
CA SER D 52 9.20 -21.59 8.03
C SER D 52 8.67 -20.35 8.77
N THR D 53 9.28 -19.20 8.53
CA THR D 53 8.87 -17.94 9.11
C THR D 53 7.48 -17.40 8.71
N GLY D 54 7.09 -17.52 7.45
CA GLY D 54 5.78 -17.04 7.04
C GLY D 54 5.76 -15.68 6.36
N PHE D 55 4.59 -15.35 5.82
CA PHE D 55 4.37 -14.10 5.10
C PHE D 55 5.42 -13.90 3.99
N GLN D 56 5.99 -12.71 3.90
CA GLN D 56 6.97 -12.43 2.86
C GLN D 56 8.28 -13.19 3.04
N ALA D 57 8.63 -13.48 4.29
CA ALA D 57 9.84 -14.21 4.58
C ALA D 57 9.79 -15.57 3.87
N SER D 58 8.62 -16.19 3.84
CA SER D 58 8.47 -17.48 3.19
C SER D 58 8.70 -17.33 1.70
N HIS D 59 8.17 -16.25 1.15
CA HIS D 59 8.32 -15.88 -0.29
C HIS D 59 9.80 -15.65 -0.61
N PHE D 60 10.57 -15.02 0.28
CA PHE D 60 12.03 -14.84 0.10
C PHE D 60 12.67 -16.22 -0.09
N ALA D 61 12.37 -17.18 0.79
CA ALA D 61 12.98 -18.52 0.78
C ALA D 61 12.56 -19.28 -0.48
N GLN D 62 11.31 -19.14 -0.92
CA GLN D 62 10.79 -19.77 -2.16
C GLN D 62 11.49 -19.15 -3.38
N ALA D 63 11.79 -17.85 -3.35
CA ALA D 63 12.47 -17.13 -4.45
C ALA D 63 13.91 -17.62 -4.59
N VAL D 64 14.61 -17.83 -3.48
CA VAL D 64 15.98 -18.42 -3.44
C VAL D 64 15.97 -19.77 -4.17
N GLN D 65 14.99 -20.63 -3.87
CA GLN D 65 14.84 -21.98 -4.48
C GLN D 65 14.61 -21.85 -5.99
N GLN D 66 13.73 -20.94 -6.41
CA GLN D 66 13.39 -20.73 -7.84
C GLN D 66 14.63 -20.28 -8.63
N ILE D 67 15.38 -19.30 -8.11
CA ILE D 67 16.57 -18.73 -8.80
C ILE D 67 17.68 -19.80 -8.82
N ASN D 68 17.89 -20.52 -7.72
CA ASN D 68 18.89 -21.61 -7.65
C ASN D 68 18.53 -22.72 -8.64
N THR D 69 17.24 -22.96 -8.88
CA THR D 69 16.77 -23.93 -9.91
C THR D 69 17.18 -23.41 -11.29
N MET D 70 16.93 -22.14 -11.58
CA MET D 70 17.30 -21.53 -12.85
C MET D 70 18.79 -21.66 -13.10
N LEU D 71 19.58 -21.24 -12.12
CA LEU D 71 21.02 -21.29 -12.23
C LEU D 71 21.55 -22.70 -12.40
N THR D 72 21.03 -23.63 -11.62
CA THR D 72 21.47 -25.03 -11.70
C THR D 72 21.14 -25.62 -13.06
N ILE D 73 19.93 -25.35 -13.54
CA ILE D 73 19.48 -25.86 -14.83
C ILE D 73 20.30 -25.28 -15.97
N ARG D 74 20.67 -24.02 -15.84
CA ARG D 74 21.42 -23.29 -16.87
C ARG D 74 22.74 -23.94 -17.21
N GLU D 75 23.42 -24.48 -16.21
CA GLU D 75 24.72 -25.10 -16.40
C GLU D 75 24.68 -26.43 -17.16
N GLU D 76 23.56 -27.15 -17.08
CA GLU D 76 23.40 -28.41 -17.79
C GLU D 76 23.40 -28.38 -19.34
N GLN D 77 23.61 -29.57 -19.92
CA GLN D 77 23.60 -29.80 -21.38
C GLN D 77 22.15 -29.89 -21.84
N PHE D 78 21.86 -29.52 -23.10
CA PHE D 78 20.53 -29.53 -23.70
C PHE D 78 20.59 -29.87 -25.21
N GLU D 79 19.42 -30.08 -25.81
CA GLU D 79 19.28 -30.47 -27.24
C GLU D 79 19.11 -29.22 -28.11
N GLY D 80 19.65 -29.26 -29.33
CA GLY D 80 19.36 -28.30 -30.42
C GLY D 80 20.51 -27.35 -30.69
N ASP D 81 20.19 -26.24 -31.35
CA ASP D 81 21.13 -25.21 -31.69
C ASP D 81 21.69 -24.61 -30.40
N HIS D 82 23.01 -24.42 -30.32
CA HIS D 82 23.63 -23.89 -29.13
C HIS D 82 23.99 -22.42 -29.24
N THR D 83 23.49 -21.74 -30.26
CA THR D 83 23.78 -20.33 -30.45
C THR D 83 22.50 -19.53 -30.63
N LEU D 84 22.54 -18.25 -30.29
CA LEU D 84 21.38 -17.39 -30.45
C LEU D 84 21.65 -16.39 -31.57
N PRO D 85 20.56 -15.96 -32.27
CA PRO D 85 20.83 -15.05 -33.38
C PRO D 85 21.25 -13.65 -32.96
N TYR D 86 20.71 -13.10 -31.87
CA TYR D 86 21.02 -11.73 -31.48
C TYR D 86 21.48 -11.56 -30.03
N PRO D 87 22.71 -11.07 -29.77
CA PRO D 87 23.87 -10.61 -30.56
C PRO D 87 24.41 -11.78 -31.36
N GLU D 88 25.11 -11.51 -32.45
CA GLU D 88 25.52 -12.57 -33.35
C GLU D 88 26.35 -13.68 -32.70
N GLY D 89 27.24 -13.33 -31.78
CA GLY D 89 28.04 -14.35 -31.15
C GLY D 89 27.51 -14.90 -29.83
N LYS D 90 26.25 -14.61 -29.52
CA LYS D 90 25.68 -15.09 -28.27
C LYS D 90 25.50 -16.60 -28.20
N GLN D 91 25.85 -17.22 -27.07
CA GLN D 91 25.71 -18.65 -26.93
C GLN D 91 24.49 -18.98 -26.06
N LYS D 92 23.65 -19.91 -26.52
CA LYS D 92 22.47 -20.34 -25.79
C LYS D 92 22.81 -21.25 -24.60
N ARG D 93 22.00 -21.21 -23.55
CA ARG D 93 22.18 -22.08 -22.38
C ARG D 93 20.89 -22.85 -22.17
N ALA D 94 20.97 -23.92 -21.37
CA ALA D 94 19.80 -24.73 -21.05
C ALA D 94 18.61 -23.90 -20.58
N CYS D 95 18.89 -22.78 -19.91
CA CYS D 95 17.86 -21.89 -19.42
C CYS D 95 18.28 -20.44 -19.67
N THR D 96 17.40 -19.68 -20.32
CA THR D 96 17.69 -18.29 -20.62
C THR D 96 17.09 -17.45 -19.51
N ILE D 97 17.91 -16.69 -18.79
CA ILE D 97 17.39 -15.90 -17.69
C ILE D 97 17.17 -14.44 -18.10
N PHE D 98 15.94 -13.95 -18.01
CA PHE D 98 15.66 -12.58 -18.37
C PHE D 98 15.61 -11.81 -17.06
N LEU D 99 16.44 -10.77 -16.95
CA LEU D 99 16.47 -9.93 -15.77
C LEU D 99 15.88 -8.55 -16.09
N GLY D 100 14.94 -8.11 -15.26
CA GLY D 100 14.31 -6.81 -15.46
C GLY D 100 14.40 -5.95 -14.22
N TYR D 101 14.69 -4.66 -14.42
CA TYR D 101 14.77 -3.72 -13.30
C TYR D 101 14.38 -2.30 -13.70
N THR D 102 13.87 -1.54 -12.73
CA THR D 102 13.42 -0.15 -12.93
C THR D 102 14.61 0.79 -12.65
N SER D 103 14.50 2.05 -13.05
CA SER D 103 15.61 3.03 -13.04
C SER D 103 16.05 3.36 -11.60
N ASN D 104 15.12 3.34 -10.64
CA ASN D 104 15.42 3.74 -9.23
C ASN D 104 16.37 2.69 -8.61
N LEU D 105 16.34 1.45 -9.07
CA LEU D 105 17.25 0.39 -8.55
C LEU D 105 18.68 0.64 -9.05
N VAL D 106 18.86 1.29 -10.20
CA VAL D 106 20.20 1.65 -10.74
C VAL D 106 20.68 2.92 -10.02
N THR D 107 19.78 3.82 -9.65
CA THR D 107 20.11 5.00 -8.80
C THR D 107 20.58 4.52 -7.43
N SER D 108 19.99 3.46 -6.89
CA SER D 108 20.37 2.82 -5.61
C SER D 108 21.69 2.06 -5.77
N GLY D 109 22.18 1.50 -4.66
CA GLY D 109 23.39 0.66 -4.62
C GLY D 109 23.13 -0.73 -5.17
N VAL D 110 21.88 -1.06 -5.51
CA VAL D 110 21.53 -2.38 -6.14
C VAL D 110 22.22 -2.47 -7.50
N ARG D 111 22.61 -1.34 -8.08
CA ARG D 111 23.44 -1.23 -9.31
C ARG D 111 24.66 -2.17 -9.20
N GLU D 112 25.34 -2.17 -8.06
CA GLU D 112 26.55 -3.00 -7.82
C GLU D 112 26.17 -4.48 -7.84
N ASN D 113 24.95 -4.82 -7.41
CA ASN D 113 24.46 -6.23 -7.36
C ASN D 113 24.10 -6.68 -8.76
N ILE D 114 23.42 -5.84 -9.53
CA ILE D 114 23.09 -6.11 -10.97
C ILE D 114 24.40 -6.27 -11.73
N ARG D 115 25.35 -5.35 -11.54
CA ARG D 115 26.64 -5.34 -12.27
C ARG D 115 27.36 -6.67 -12.06
N TYR D 116 27.42 -7.15 -10.82
CA TYR D 116 28.02 -8.46 -10.44
C TYR D 116 27.38 -9.58 -11.28
N LEU D 117 26.05 -9.61 -11.39
CA LEU D 117 25.29 -10.64 -12.17
C LEU D 117 25.76 -10.61 -13.62
N VAL D 118 25.80 -9.42 -14.23
CA VAL D 118 26.08 -9.23 -15.67
C VAL D 118 27.57 -9.54 -15.91
N GLU D 119 28.44 -9.05 -15.03
CA GLU D 119 29.91 -9.22 -15.06
C GLU D 119 30.25 -10.72 -15.12
N HIS D 120 29.61 -11.54 -14.29
CA HIS D 120 29.88 -13.00 -14.18
C HIS D 120 28.97 -13.79 -15.13
N ASP D 121 28.37 -13.13 -16.11
CA ASP D 121 27.56 -13.79 -17.14
C ASP D 121 26.57 -14.81 -16.59
N LEU D 122 25.77 -14.36 -15.63
CA LEU D 122 24.77 -15.19 -14.91
C LEU D 122 23.34 -14.91 -15.41
N VAL D 123 23.16 -13.95 -16.30
CA VAL D 123 21.86 -13.64 -16.89
C VAL D 123 22.09 -13.47 -18.37
N ASP D 124 21.09 -13.78 -19.17
CA ASP D 124 21.24 -13.70 -20.62
C ASP D 124 20.62 -12.49 -21.30
N CYS D 125 19.57 -11.95 -20.71
CA CYS D 125 18.88 -10.82 -21.31
C CYS D 125 18.57 -9.76 -20.27
N ILE D 126 18.50 -8.51 -20.69
CA ILE D 126 18.19 -7.44 -19.76
C ILE D 126 17.17 -6.45 -20.34
N VAL D 127 16.12 -6.13 -19.59
CA VAL D 127 15.18 -5.07 -19.98
C VAL D 127 15.14 -4.05 -18.84
N THR D 128 15.34 -2.77 -19.17
CA THR D 128 15.29 -1.64 -18.22
C THR D 128 14.82 -0.39 -18.95
N SER D 129 14.57 0.67 -18.21
CA SER D 129 14.08 1.98 -18.71
C SER D 129 15.30 2.82 -19.08
N ALA D 130 15.04 3.97 -19.70
CA ALA D 130 16.08 4.88 -20.07
C ALA D 130 16.91 5.22 -18.84
N GLY D 131 16.27 5.57 -17.70
CA GLY D 131 16.92 5.88 -16.42
C GLY D 131 17.85 4.77 -15.97
N GLY D 132 17.44 3.51 -16.10
CA GLY D 132 18.29 2.33 -15.77
C GLY D 132 19.58 2.32 -16.57
N VAL D 133 19.59 2.86 -17.77
CA VAL D 133 20.79 2.94 -18.58
C VAL D 133 21.60 4.19 -18.23
N GLU D 134 20.93 5.34 -18.23
CA GLU D 134 21.58 6.62 -17.95
C GLU D 134 22.34 6.68 -16.63
N GLU D 135 21.64 6.34 -15.56
CA GLU D 135 22.18 6.48 -14.18
C GLU D 135 23.41 5.56 -14.02
N ASP D 136 23.43 4.42 -14.70
CA ASP D 136 24.58 3.47 -14.70
C ASP D 136 25.80 4.12 -15.36
N LEU D 137 25.61 4.79 -16.48
CA LEU D 137 26.71 5.44 -17.16
C LEU D 137 27.18 6.69 -16.42
N ILE D 138 26.21 7.50 -15.96
CA ILE D 138 26.49 8.79 -15.26
C ILE D 138 27.28 8.52 -13.97
N LYS D 139 27.08 7.38 -13.32
CA LYS D 139 27.78 7.03 -12.05
C LYS D 139 29.26 6.76 -12.32
N CYS D 140 29.68 6.56 -13.57
CA CYS D 140 31.11 6.43 -13.97
C CYS D 140 31.75 7.82 -14.11
N LEU D 141 30.93 8.87 -14.22
CA LEU D 141 31.39 10.27 -14.42
C LEU D 141 31.36 11.03 -13.09
N ALA D 142 30.30 10.86 -12.31
CA ALA D 142 30.10 11.55 -11.01
C ALA D 142 29.18 10.73 -10.12
N PRO D 143 29.35 10.82 -8.78
CA PRO D 143 28.58 10.03 -7.85
C PRO D 143 27.21 10.66 -7.53
N SER D 144 26.28 9.83 -7.08
CA SER D 144 25.01 10.21 -6.41
C SER D 144 25.21 10.09 -4.90
N TYR D 145 24.42 10.81 -4.10
CA TYR D 145 24.60 10.94 -2.64
C TYR D 145 23.31 10.55 -1.89
N LEU D 146 23.45 10.15 -0.63
CA LEU D 146 22.30 9.80 0.18
C LEU D 146 21.74 11.07 0.80
N GLY D 147 20.45 11.33 0.57
CA GLY D 147 19.79 12.50 1.11
C GLY D 147 18.61 12.13 1.99
N ALA D 148 17.43 12.60 1.61
CA ALA D 148 16.21 12.30 2.36
C ALA D 148 14.97 12.45 1.48
N PHE D 149 13.87 11.81 1.88
CA PHE D 149 12.60 11.87 1.11
C PHE D 149 11.92 13.23 1.28
N ASP D 150 12.12 13.88 2.44
CA ASP D 150 11.34 15.08 2.89
C ASP D 150 12.02 16.40 2.51
N LEU D 151 13.03 16.39 1.62
CA LEU D 151 13.76 17.61 1.21
C LEU D 151 12.86 18.44 0.27
N ASP D 152 12.85 19.76 0.45
CA ASP D 152 11.94 20.70 -0.27
C ASP D 152 12.39 20.89 -1.73
N GLY D 153 11.44 20.77 -2.68
CA GLY D 153 11.69 20.84 -4.13
C GLY D 153 12.27 22.17 -4.59
N LYS D 154 11.68 23.29 -4.17
CA LYS D 154 12.12 24.68 -4.53
C LYS D 154 13.56 24.91 -4.04
N THR D 155 13.87 24.52 -2.80
CA THR D 155 15.23 24.67 -2.19
C THR D 155 16.24 23.81 -2.97
N LEU D 156 15.91 22.56 -3.28
CA LEU D 156 16.76 21.62 -4.05
C LEU D 156 16.99 22.17 -5.46
N ARG D 157 15.95 22.70 -6.10
CA ARG D 157 16.03 23.24 -7.49
C ARG D 157 16.97 24.45 -7.51
N HIS D 158 16.82 25.37 -6.55
CA HIS D 158 17.69 26.57 -6.38
C HIS D 158 19.16 26.14 -6.33
N ASN D 159 19.46 24.98 -5.75
CA ASN D 159 20.84 24.43 -5.57
C ASN D 159 21.21 23.43 -6.68
N GLY D 160 20.36 23.28 -7.70
CA GLY D 160 20.58 22.34 -8.83
C GLY D 160 20.76 20.90 -8.38
N LEU D 161 20.09 20.50 -7.29
CA LEU D 161 20.13 19.12 -6.73
C LEU D 161 18.83 18.40 -7.07
N ASN D 162 18.89 17.37 -7.91
CA ASN D 162 17.73 16.52 -8.30
C ASN D 162 17.53 15.45 -7.23
N ARG D 163 16.29 15.18 -6.83
CA ARG D 163 15.93 14.14 -5.82
C ARG D 163 15.28 12.94 -6.51
N ALA D 164 15.78 11.74 -6.22
CA ALA D 164 15.15 10.43 -6.52
C ALA D 164 15.04 9.64 -5.21
N GLY D 165 13.85 9.61 -4.62
CA GLY D 165 13.62 9.08 -3.26
C GLY D 165 14.44 9.84 -2.24
N ASN D 166 15.33 9.16 -1.51
CA ASN D 166 16.26 9.77 -0.53
C ASN D 166 17.68 9.87 -1.13
N ILE D 167 17.79 9.93 -2.45
CA ILE D 167 19.09 10.00 -3.18
C ILE D 167 19.16 11.34 -3.92
N ILE D 168 20.32 12.00 -3.84
CA ILE D 168 20.62 13.30 -4.50
C ILE D 168 21.54 13.03 -5.71
N ILE D 169 21.11 13.48 -6.89
CA ILE D 169 21.88 13.46 -8.15
C ILE D 169 22.11 14.93 -8.55
N PRO D 170 23.27 15.51 -8.20
CA PRO D 170 23.61 16.88 -8.58
C PRO D 170 23.48 17.10 -10.10
N ASN D 171 22.94 18.24 -10.54
CA ASN D 171 22.62 18.50 -11.96
C ASN D 171 23.89 18.52 -12.83
N ASN D 172 25.05 18.85 -12.25
CA ASN D 172 26.34 18.85 -12.99
C ASN D 172 26.60 17.44 -13.53
N ASN D 173 26.14 16.39 -12.83
CA ASN D 173 26.23 14.98 -13.30
C ASN D 173 25.67 14.84 -14.71
N TYR D 174 24.52 15.49 -14.98
CA TYR D 174 23.82 15.44 -16.30
C TYR D 174 24.56 16.30 -17.34
N CYS D 175 25.13 17.43 -16.89
CA CYS D 175 25.95 18.32 -17.75
C CYS D 175 27.19 17.54 -18.24
N GLN D 176 27.85 16.79 -17.36
CA GLN D 176 29.00 15.92 -17.70
C GLN D 176 28.56 14.83 -18.66
N PHE D 177 27.36 14.30 -18.46
CA PHE D 177 26.81 13.26 -19.31
C PHE D 177 26.64 13.76 -20.72
N GLU D 178 26.10 14.96 -20.82
CA GLU D 178 25.86 15.57 -22.12
C GLU D 178 27.18 15.76 -22.85
N ASP D 179 28.21 16.18 -22.14
CA ASP D 179 29.52 16.38 -22.73
C ASP D 179 30.03 15.06 -23.27
N TRP D 180 29.89 14.00 -22.48
CA TRP D 180 30.33 12.67 -22.89
C TRP D 180 29.52 12.08 -24.05
N LEU D 181 28.20 12.24 -24.00
CA LEU D 181 27.32 11.65 -25.00
C LEU D 181 27.25 12.26 -26.41
N MET D 182 27.34 13.58 -26.53
CA MET D 182 27.19 14.19 -27.85
C MET D 182 28.20 13.75 -28.91
N PRO D 183 29.49 13.59 -28.56
CA PRO D 183 30.42 13.11 -29.58
C PRO D 183 30.06 11.71 -30.06
N ILE D 184 29.64 10.85 -29.13
CA ILE D 184 29.24 9.49 -29.47
C ILE D 184 28.03 9.52 -30.41
N LEU D 185 27.09 10.41 -30.12
CA LEU D 185 25.90 10.53 -30.97
C LEU D 185 26.28 11.00 -32.37
N ASP D 186 27.29 11.85 -32.48
CA ASP D 186 27.77 12.33 -33.78
C ASP D 186 28.26 11.17 -34.61
N SER D 187 29.00 10.25 -34.00
CA SER D 187 29.52 9.10 -34.71
C SER D 187 28.37 8.19 -35.16
N CYS D 188 27.41 7.99 -34.28
CA CYS D 188 26.23 7.12 -34.57
C CYS D 188 25.49 7.67 -35.80
N GLU D 189 25.28 8.98 -35.88
CA GLU D 189 24.57 9.65 -37.00
C GLU D 189 25.37 9.44 -38.30
N LEU D 190 26.70 9.62 -38.22
CA LEU D 190 27.64 9.41 -39.36
C LEU D 190 27.49 7.97 -39.87
N GLU D 191 27.47 6.98 -38.96
CA GLU D 191 27.36 5.54 -39.28
C GLU D 191 25.98 5.24 -39.89
N GLN D 192 24.94 5.97 -39.47
CA GLN D 192 23.57 5.85 -40.05
C GLN D 192 23.58 6.34 -41.50
N LYS D 193 24.14 7.54 -41.75
CA LYS D 193 24.17 8.21 -43.08
C LYS D 193 25.06 7.42 -44.05
N ASN D 194 26.28 7.06 -43.64
CA ASN D 194 27.32 6.47 -44.54
C ASN D 194 27.08 4.98 -44.76
N ASN D 195 26.77 4.23 -43.70
CA ASN D 195 26.73 2.74 -43.74
C ASN D 195 25.28 2.24 -43.80
N ASP D 196 24.31 3.15 -43.91
CA ASP D 196 22.86 2.81 -44.00
C ASP D 196 22.47 1.92 -42.80
N PHE D 197 23.04 2.20 -41.62
CA PHE D 197 22.86 1.40 -40.39
C PHE D 197 21.57 1.84 -39.68
N SER D 198 20.75 0.86 -39.27
CA SER D 198 19.48 1.09 -38.52
C SER D 198 19.71 0.88 -37.02
N TRP D 199 19.76 1.97 -36.26
CA TRP D 199 19.88 1.97 -34.78
C TRP D 199 18.57 1.46 -34.15
N THR D 200 18.72 0.63 -33.11
CA THR D 200 17.67 0.22 -32.15
C THR D 200 18.17 0.59 -30.75
N PRO D 201 17.28 0.67 -29.74
CA PRO D 201 17.73 0.92 -28.37
C PRO D 201 18.86 -0.03 -27.93
N SER D 202 18.70 -1.34 -28.17
CA SER D 202 19.67 -2.38 -27.74
C SER D 202 21.03 -2.11 -28.39
N LYS D 203 21.04 -1.77 -29.69
CA LYS D 203 22.29 -1.46 -30.44
C LYS D 203 22.95 -0.23 -29.83
N LEU D 204 22.16 0.83 -29.55
CA LEU D 204 22.68 2.09 -28.97
C LEU D 204 23.24 1.83 -27.56
N ILE D 205 22.54 1.02 -26.76
CA ILE D 205 22.96 0.74 -25.35
C ILE D 205 24.24 -0.10 -25.37
N ASP D 206 24.33 -1.05 -26.32
CA ASP D 206 25.57 -1.85 -26.54
C ASP D 206 26.74 -0.88 -26.79
N ARG D 207 26.53 0.12 -27.63
CA ARG D 207 27.55 1.11 -28.03
C ARG D 207 27.99 1.94 -26.80
N LEU D 208 27.02 2.47 -26.08
CA LEU D 208 27.30 3.28 -24.92
C LEU D 208 28.14 2.48 -23.94
N GLY D 209 27.78 1.19 -23.68
CA GLY D 209 28.54 0.25 -22.83
C GLY D 209 29.99 0.14 -23.28
N ALA D 210 30.23 0.00 -24.59
CA ALA D 210 31.57 -0.13 -25.18
C ALA D 210 32.33 1.18 -24.91
N GLU D 211 31.69 2.33 -25.11
CA GLU D 211 32.32 3.66 -24.99
C GLU D 211 32.68 3.95 -23.52
N ILE D 212 31.81 3.63 -22.55
CA ILE D 212 32.05 3.98 -21.12
C ILE D 212 33.32 3.29 -20.65
N ASN D 213 33.53 2.03 -21.07
CA ASN D 213 34.81 1.29 -20.90
C ASN D 213 35.22 1.34 -19.42
N ASP D 214 34.29 1.01 -18.53
CA ASP D 214 34.41 1.17 -17.06
C ASP D 214 33.83 -0.08 -16.40
N LYS D 215 34.64 -0.77 -15.60
CA LYS D 215 34.29 -2.09 -15.02
C LYS D 215 33.28 -1.94 -13.88
N ARG D 216 32.89 -0.72 -13.53
CA ARG D 216 31.83 -0.43 -12.53
C ARG D 216 30.45 -0.40 -13.21
N SER D 217 30.39 -0.36 -14.55
CA SER D 217 29.15 -0.14 -15.35
C SER D 217 28.48 -1.48 -15.72
N ILE D 218 27.17 -1.58 -15.49
CA ILE D 218 26.33 -2.72 -15.94
C ILE D 218 26.40 -2.80 -17.46
N CYS D 219 26.21 -1.66 -18.13
CA CYS D 219 26.14 -1.54 -19.61
C CYS D 219 27.48 -1.98 -20.22
N TYR D 220 28.60 -1.61 -19.61
CA TYR D 220 29.95 -2.07 -20.03
C TYR D 220 29.98 -3.59 -20.05
N TRP D 221 29.60 -4.24 -18.94
CA TRP D 221 29.66 -5.72 -18.82
C TRP D 221 28.65 -6.37 -19.76
N ALA D 222 27.49 -5.76 -19.93
CA ALA D 222 26.47 -6.30 -20.83
C ALA D 222 27.03 -6.36 -22.25
N HIS D 223 27.67 -5.28 -22.67
CA HIS D 223 28.26 -5.24 -24.00
C HIS D 223 29.38 -6.26 -24.15
N ARG D 224 30.22 -6.36 -23.14
CA ARG D 224 31.37 -7.26 -23.13
C ARG D 224 31.02 -8.74 -23.14
N ASN D 225 29.92 -9.08 -22.47
CA ASN D 225 29.44 -10.47 -22.31
C ASN D 225 28.30 -10.76 -23.28
N ARG D 226 28.10 -9.89 -24.28
CA ARG D 226 27.05 -10.04 -25.28
C ARG D 226 25.68 -10.30 -24.67
N ILE D 227 25.35 -9.55 -23.63
CA ILE D 227 24.04 -9.67 -23.01
C ILE D 227 23.30 -8.45 -23.52
N PRO D 228 22.21 -8.67 -24.26
CA PRO D 228 21.53 -7.49 -24.80
C PRO D 228 20.66 -6.73 -23.80
N VAL D 229 20.60 -5.41 -23.93
CA VAL D 229 19.75 -4.54 -23.05
C VAL D 229 18.66 -3.93 -23.93
N PHE D 230 17.41 -4.31 -23.72
CA PHE D 230 16.33 -3.76 -24.50
C PHE D 230 15.64 -2.64 -23.69
N SER D 231 15.26 -1.56 -24.37
CA SER D 231 14.57 -0.43 -23.79
C SER D 231 13.65 0.24 -24.81
N PRO D 232 12.40 -0.20 -24.90
CA PRO D 232 11.43 0.34 -25.86
C PRO D 232 11.15 1.83 -25.73
N ALA D 233 11.32 2.39 -24.54
CA ALA D 233 11.10 3.81 -24.34
C ALA D 233 12.39 4.49 -23.90
N LEU D 234 13.43 4.26 -24.69
CA LEU D 234 14.79 4.80 -24.46
C LEU D 234 14.92 6.30 -24.70
N THR D 235 13.86 6.91 -25.22
CA THR D 235 13.79 8.35 -25.45
C THR D 235 13.23 9.07 -24.25
N ASP D 236 12.72 8.32 -23.29
CA ASP D 236 12.13 8.86 -22.10
C ASP D 236 13.15 9.13 -21.00
N GLY D 237 13.88 10.24 -21.11
CA GLY D 237 14.87 10.59 -20.11
C GLY D 237 15.96 11.52 -20.62
N SER D 238 17.08 11.56 -19.91
CA SER D 238 18.22 12.39 -20.27
C SER D 238 18.79 12.03 -21.64
N ILE D 239 18.81 10.73 -21.95
CA ILE D 239 19.31 10.26 -23.24
C ILE D 239 18.43 10.81 -24.34
N GLY D 240 17.11 10.79 -24.11
CA GLY D 240 16.16 11.35 -25.05
C GLY D 240 16.36 12.84 -25.21
N ASP D 241 16.65 13.52 -24.10
CA ASP D 241 16.87 14.95 -24.13
C ASP D 241 18.07 15.26 -25.00
N MET D 242 19.13 14.47 -24.82
CA MET D 242 20.34 14.63 -25.62
C MET D 242 20.00 14.34 -27.09
N LEU D 243 19.20 13.30 -27.33
CA LEU D 243 18.81 12.94 -28.69
C LEU D 243 17.99 14.04 -29.34
N TYR D 244 17.18 14.72 -28.53
CA TYR D 244 16.35 15.81 -29.01
C TYR D 244 17.19 17.00 -29.46
N PHE D 245 18.16 17.38 -28.63
CA PHE D 245 19.04 18.50 -28.94
C PHE D 245 19.95 18.19 -30.11
N HIS D 246 20.45 16.97 -30.14
CA HIS D 246 21.37 16.53 -31.17
C HIS D 246 20.75 16.46 -32.55
N SER D 247 19.44 16.23 -32.60
CA SER D 247 18.71 16.11 -33.89
C SER D 247 18.73 17.44 -34.66
N PHE D 248 18.94 18.56 -33.95
CA PHE D 248 18.94 19.95 -34.50
C PHE D 248 20.24 20.23 -35.30
N ARG D 249 21.27 19.40 -35.17
CA ARG D 249 22.52 19.59 -35.93
C ARG D 249 22.36 19.21 -37.42
N ASN D 250 22.08 17.94 -37.70
CA ASN D 250 21.88 17.45 -39.07
C ASN D 250 20.66 16.54 -39.18
N GLY D 251 19.68 16.71 -38.31
CA GLY D 251 18.48 15.90 -38.38
C GLY D 251 18.37 14.82 -37.32
N GLY D 252 19.51 14.25 -36.92
CA GLY D 252 19.53 13.23 -35.90
C GLY D 252 19.37 11.76 -36.25
N ILE D 253 19.55 10.93 -35.24
CA ILE D 253 19.42 9.48 -35.33
C ILE D 253 17.99 8.99 -35.30
N LYS D 254 17.78 7.78 -35.81
CA LYS D 254 16.49 7.13 -35.81
C LYS D 254 16.59 5.86 -34.98
N LEU D 255 15.68 5.67 -34.03
CA LEU D 255 15.67 4.47 -33.16
C LEU D 255 14.43 3.63 -33.49
N ASP D 256 14.63 2.49 -34.14
CA ASP D 256 13.53 1.54 -34.50
C ASP D 256 13.31 0.57 -33.34
N ILE D 257 12.07 0.49 -32.84
CA ILE D 257 11.69 -0.40 -31.71
C ILE D 257 11.16 -1.73 -32.24
N VAL D 258 10.80 -1.82 -33.54
CA VAL D 258 10.21 -3.06 -34.11
C VAL D 258 11.29 -4.14 -34.25
N GLU D 259 12.47 -3.78 -34.77
CA GLU D 259 13.60 -4.74 -34.89
C GLU D 259 13.93 -5.30 -33.49
N ASP D 260 13.98 -4.45 -32.47
CA ASP D 260 14.33 -4.84 -31.08
C ASP D 260 13.26 -5.79 -30.54
N LEU D 261 12.00 -5.60 -30.92
CA LEU D 261 10.90 -6.53 -30.55
C LEU D 261 11.18 -7.91 -31.17
N ARG D 262 11.56 -7.97 -32.45
CA ARG D 262 11.91 -9.25 -33.13
C ARG D 262 13.01 -9.96 -32.33
N HIS D 263 14.05 -9.22 -31.92
CA HIS D 263 15.24 -9.78 -31.20
C HIS D 263 14.80 -10.42 -29.88
N ILE D 264 14.04 -9.71 -29.03
CA ILE D 264 13.69 -10.24 -27.68
C ILE D 264 12.69 -11.41 -27.83
N ASN D 265 11.71 -11.30 -28.73
CA ASN D 265 10.68 -12.34 -28.92
C ASN D 265 11.34 -13.62 -29.43
N THR D 266 12.25 -13.51 -30.40
CA THR D 266 12.94 -14.67 -31.02
C THR D 266 13.83 -15.34 -29.97
N MET D 267 14.46 -14.54 -29.11
CA MET D 267 15.31 -15.06 -28.04
C MET D 267 14.51 -15.99 -27.14
N ALA D 268 13.27 -15.61 -26.86
CA ALA D 268 12.42 -16.41 -26.01
C ALA D 268 11.91 -17.63 -26.76
N VAL D 269 11.54 -17.45 -28.02
CA VAL D 269 11.00 -18.54 -28.84
C VAL D 269 12.02 -19.64 -29.11
N ARG D 270 13.29 -19.29 -29.16
CA ARG D 270 14.34 -20.27 -29.43
C ARG D 270 14.95 -20.85 -28.16
N SER D 271 14.47 -20.45 -27.01
CA SER D 271 14.97 -20.91 -25.74
C SER D 271 14.60 -22.33 -25.33
N ASN D 272 15.56 -23.11 -24.83
CA ASN D 272 15.25 -24.44 -24.35
C ASN D 272 14.35 -24.31 -23.12
N ARG D 273 14.73 -23.38 -22.24
CA ARG D 273 13.99 -23.07 -21.03
C ARG D 273 14.24 -21.59 -20.75
N THR D 274 13.27 -20.93 -20.13
CA THR D 274 13.41 -19.51 -19.77
C THR D 274 13.05 -19.23 -18.31
N GLY D 275 13.78 -18.31 -17.70
CA GLY D 275 13.54 -17.91 -16.33
C GLY D 275 13.45 -16.38 -16.26
N VAL D 276 12.54 -15.85 -15.46
CA VAL D 276 12.40 -14.41 -15.35
C VAL D 276 12.56 -13.88 -13.92
N ILE D 277 13.35 -12.82 -13.79
CA ILE D 277 13.63 -12.13 -12.50
C ILE D 277 13.31 -10.65 -12.73
N LEU D 278 12.17 -10.19 -12.18
CA LEU D 278 11.62 -8.83 -12.42
C LEU D 278 11.65 -8.03 -11.12
N LEU D 279 12.51 -7.02 -11.04
CA LEU D 279 12.61 -6.07 -9.90
C LEU D 279 11.84 -4.80 -10.27
N GLY D 280 10.65 -4.60 -9.71
CA GLY D 280 9.76 -3.49 -10.07
C GLY D 280 8.75 -3.90 -11.13
N GLY D 281 8.02 -2.93 -11.67
CA GLY D 281 6.95 -3.16 -12.66
C GLY D 281 7.19 -2.34 -13.91
N GLY D 282 6.12 -1.87 -14.55
CA GLY D 282 6.26 -1.05 -15.74
C GLY D 282 6.45 -1.83 -17.02
N VAL D 283 7.01 -1.15 -18.02
CA VAL D 283 7.23 -1.73 -19.33
C VAL D 283 8.17 -2.93 -19.27
N MET D 284 9.19 -2.81 -18.44
CA MET D 284 10.17 -3.86 -18.25
C MET D 284 9.50 -5.21 -17.94
N LYS D 285 8.57 -5.19 -17.00
CA LYS D 285 7.83 -6.41 -16.55
C LYS D 285 6.94 -6.90 -17.70
N HIS D 286 6.14 -6.04 -18.30
CA HIS D 286 5.27 -6.50 -19.36
C HIS D 286 6.03 -6.96 -20.59
N HIS D 287 7.12 -6.31 -20.93
CA HIS D 287 7.92 -6.62 -22.14
C HIS D 287 8.54 -8.02 -22.03
N ILE D 288 9.13 -8.36 -20.88
CA ILE D 288 9.74 -9.70 -20.62
C ILE D 288 8.63 -10.74 -20.61
N ASN D 289 7.52 -10.46 -19.91
CA ASN D 289 6.37 -11.40 -19.82
C ASN D 289 5.81 -11.62 -21.23
N ASN D 290 5.72 -10.58 -22.04
CA ASN D 290 5.12 -10.64 -23.40
C ASN D 290 6.03 -11.48 -24.32
N ALA D 291 7.36 -11.32 -24.22
CA ALA D 291 8.33 -12.13 -24.99
C ALA D 291 8.11 -13.61 -24.69
N ASN D 292 7.89 -13.95 -23.42
CA ASN D 292 7.71 -15.34 -23.01
C ASN D 292 6.36 -15.94 -23.42
N LEU D 293 5.39 -15.08 -23.75
CA LEU D 293 4.08 -15.50 -24.23
C LEU D 293 4.18 -16.24 -25.57
N MET D 294 5.14 -15.82 -26.41
CA MET D 294 5.42 -16.41 -27.73
C MET D 294 5.80 -17.89 -27.65
N ARG D 295 6.48 -18.27 -26.56
CA ARG D 295 6.88 -19.64 -26.28
C ARG D 295 5.95 -20.34 -25.26
N ASN D 296 4.73 -19.83 -25.08
CA ASN D 296 3.72 -20.34 -24.14
C ASN D 296 4.13 -20.28 -22.66
N GLY D 297 4.83 -19.21 -22.33
CA GLY D 297 5.22 -18.91 -20.96
C GLY D 297 6.59 -19.32 -20.45
N SER D 298 7.05 -18.64 -19.41
CA SER D 298 8.32 -18.94 -18.78
C SER D 298 8.16 -20.12 -17.84
N ASP D 299 9.25 -20.81 -17.57
CA ASP D 299 9.21 -21.97 -16.69
C ASP D 299 9.36 -21.57 -15.22
N TYR D 300 10.23 -20.59 -14.99
CA TYR D 300 10.56 -20.08 -13.63
C TYR D 300 10.33 -18.55 -13.63
N ALA D 301 9.81 -18.02 -12.52
CA ALA D 301 9.42 -16.60 -12.40
C ALA D 301 9.54 -16.15 -10.93
N VAL D 302 10.35 -15.13 -10.69
CA VAL D 302 10.43 -14.38 -9.42
C VAL D 302 10.11 -12.91 -9.70
N TYR D 303 9.11 -12.36 -9.01
CA TYR D 303 8.80 -10.91 -8.92
C TYR D 303 9.28 -10.37 -7.58
N VAL D 304 9.94 -9.22 -7.58
CA VAL D 304 10.17 -8.40 -6.36
C VAL D 304 9.62 -7.01 -6.65
N ASN D 305 8.45 -6.66 -6.10
CA ASN D 305 7.88 -5.30 -6.28
C ASN D 305 6.93 -4.95 -5.12
N THR D 306 6.54 -3.68 -5.06
CA THR D 306 5.65 -3.09 -4.01
C THR D 306 4.26 -2.84 -4.59
N GLY D 307 4.01 -3.27 -5.83
CA GLY D 307 2.72 -3.07 -6.53
C GLY D 307 1.60 -3.79 -5.82
N GLN D 308 0.40 -3.20 -5.83
CA GLN D 308 -0.83 -3.84 -5.28
C GLN D 308 -1.84 -4.10 -6.41
N GLU D 309 -2.62 -5.17 -6.23
CA GLU D 309 -3.56 -5.78 -7.21
C GLU D 309 -4.80 -4.90 -7.42
N PHE D 310 -5.34 -4.35 -6.32
CA PHE D 310 -6.60 -3.58 -6.25
C PHE D 310 -6.96 -2.53 -7.31
N ASP D 311 -5.96 -1.88 -7.89
CA ASP D 311 -6.20 -0.89 -8.93
C ASP D 311 -6.28 -1.47 -10.37
N GLY D 312 -6.01 -2.77 -10.50
CA GLY D 312 -6.04 -3.52 -11.78
C GLY D 312 -4.83 -3.26 -12.65
N SER D 313 -3.78 -2.68 -12.11
CA SER D 313 -2.61 -2.36 -12.88
C SER D 313 -1.85 -3.61 -13.22
N ASP D 314 -1.13 -3.58 -14.33
CA ASP D 314 -0.30 -4.72 -14.71
C ASP D 314 0.86 -4.79 -13.72
N SER D 315 1.26 -3.63 -13.21
CA SER D 315 2.35 -3.52 -12.24
C SER D 315 2.10 -4.24 -10.92
N GLY D 316 0.89 -4.14 -10.40
CA GLY D 316 0.55 -4.76 -9.15
C GLY D 316 -0.06 -6.14 -9.28
N ALA D 317 -0.22 -6.59 -10.51
CA ALA D 317 -0.80 -7.92 -10.80
C ALA D 317 0.07 -9.02 -10.16
N ARG D 318 -0.57 -10.01 -9.53
CA ARG D 318 0.08 -11.24 -9.01
C ARG D 318 0.60 -12.05 -10.20
N PRO D 319 1.62 -12.91 -10.01
CA PRO D 319 2.10 -13.80 -11.07
C PRO D 319 0.99 -14.66 -11.72
N ASP D 320 -0.03 -15.05 -10.95
CA ASP D 320 -1.15 -15.92 -11.43
C ASP D 320 -1.98 -15.17 -12.49
N GLU D 321 -1.91 -13.85 -12.54
CA GLU D 321 -2.60 -13.12 -13.59
C GLU D 321 -1.89 -13.44 -14.90
N ALA D 322 -0.56 -13.37 -14.86
CA ALA D 322 0.31 -13.62 -16.04
C ALA D 322 0.07 -15.05 -16.57
N VAL D 323 -0.27 -15.98 -15.68
CA VAL D 323 -0.61 -17.40 -16.05
C VAL D 323 -1.84 -17.41 -16.95
N SER D 324 -2.87 -16.61 -16.62
CA SER D 324 -4.13 -16.51 -17.41
C SER D 324 -3.83 -16.13 -18.87
N TRP D 325 -2.82 -15.28 -19.10
CA TRP D 325 -2.44 -14.85 -20.45
C TRP D 325 -1.53 -15.82 -21.19
N GLY D 326 -0.92 -16.75 -20.45
CA GLY D 326 0.06 -17.71 -20.98
C GLY D 326 1.48 -17.15 -21.02
N LYS D 327 1.72 -16.05 -20.29
CA LYS D 327 3.03 -15.36 -20.19
C LYS D 327 3.91 -16.09 -19.17
N VAL D 328 3.28 -16.77 -18.21
CA VAL D 328 3.93 -17.71 -17.24
C VAL D 328 3.21 -19.05 -17.34
N ARG D 329 3.95 -20.16 -17.36
CA ARG D 329 3.38 -21.48 -17.51
C ARG D 329 2.55 -21.93 -16.33
N SER D 330 1.65 -22.88 -16.60
CA SER D 330 0.78 -23.50 -15.56
C SER D 330 1.64 -24.35 -14.59
N ASP D 331 2.63 -25.08 -15.09
CA ASP D 331 3.48 -25.99 -14.27
C ASP D 331 4.53 -25.18 -13.50
N CYS D 332 4.67 -23.89 -13.79
CA CYS D 332 5.61 -23.07 -13.07
C CYS D 332 5.01 -22.73 -11.71
N ARG D 333 5.86 -22.39 -10.76
CA ARG D 333 5.41 -22.03 -9.42
C ARG D 333 6.00 -20.67 -9.13
N PRO D 334 5.39 -19.62 -9.69
CA PRO D 334 5.83 -18.23 -9.58
C PRO D 334 5.81 -17.72 -8.15
N VAL D 335 6.85 -16.95 -7.82
CA VAL D 335 7.01 -16.34 -6.48
C VAL D 335 7.04 -14.82 -6.64
N LYS D 336 6.22 -14.10 -5.87
CA LYS D 336 6.34 -12.63 -5.70
C LYS D 336 6.74 -12.32 -4.26
N ILE D 337 7.80 -11.54 -4.06
CA ILE D 337 8.14 -10.90 -2.75
C ILE D 337 7.62 -9.46 -2.78
N TYR D 338 6.68 -9.11 -1.92
CA TYR D 338 6.16 -7.73 -1.75
C TYR D 338 7.15 -6.97 -0.87
N ALA D 339 8.08 -6.22 -1.50
CA ALA D 339 9.18 -5.53 -0.79
C ALA D 339 9.91 -4.56 -1.72
N ASP D 340 10.50 -3.52 -1.14
CA ASP D 340 11.56 -2.67 -1.74
C ASP D 340 12.74 -3.61 -2.07
N ALA D 341 13.13 -3.67 -3.34
CA ALA D 341 14.20 -4.56 -3.82
C ALA D 341 15.55 -4.17 -3.21
N THR D 342 15.71 -2.94 -2.71
CA THR D 342 16.98 -2.52 -2.05
C THR D 342 17.17 -3.30 -0.74
N LEU D 343 16.09 -3.77 -0.12
CA LEU D 343 16.15 -4.60 1.10
C LEU D 343 16.45 -6.06 0.73
N VAL D 344 15.75 -6.64 -0.26
CA VAL D 344 15.75 -8.12 -0.44
C VAL D 344 16.74 -8.56 -1.53
N PHE D 345 16.95 -7.78 -2.60
CA PHE D 345 17.74 -8.26 -3.76
C PHE D 345 19.20 -8.53 -3.37
N PRO D 346 19.90 -7.64 -2.62
CA PRO D 346 21.28 -7.95 -2.20
C PRO D 346 21.37 -9.30 -1.48
N LEU D 347 20.34 -9.65 -0.69
CA LEU D 347 20.32 -10.91 0.11
C LEU D 347 20.00 -12.09 -0.82
N LEU D 348 19.14 -11.90 -1.81
CA LEU D 348 18.86 -12.93 -2.84
C LEU D 348 20.17 -13.30 -3.54
N VAL D 349 20.96 -12.29 -3.90
CA VAL D 349 22.26 -12.47 -4.61
C VAL D 349 23.21 -13.24 -3.69
N ALA D 350 23.27 -12.90 -2.40
CA ALA D 350 24.09 -13.61 -1.39
C ALA D 350 23.75 -15.11 -1.38
N LYS D 351 22.47 -15.45 -1.47
CA LYS D 351 22.03 -16.83 -1.41
C LYS D 351 21.94 -17.58 -2.74
N THR D 352 21.91 -16.86 -3.85
CA THR D 352 21.81 -17.54 -5.14
C THR D 352 22.98 -17.32 -6.10
N PHE D 353 23.05 -16.13 -6.69
CA PHE D 353 24.08 -15.82 -7.67
C PHE D 353 25.51 -15.86 -7.13
N ALA D 354 25.73 -15.32 -5.93
CA ALA D 354 27.06 -15.31 -5.36
C ALA D 354 27.47 -16.71 -4.92
N ARG D 355 26.54 -17.45 -4.33
CA ARG D 355 26.82 -18.85 -3.88
C ARG D 355 27.24 -19.67 -5.11
N HIS D 356 26.56 -19.46 -6.23
CA HIS D 356 26.82 -20.15 -7.48
C HIS D 356 28.24 -19.91 -8.01
N VAL D 357 28.64 -18.66 -8.03
CA VAL D 357 30.00 -18.24 -8.50
C VAL D 357 31.05 -18.84 -7.55
N GLN D 358 30.77 -18.85 -6.25
CA GLN D 358 31.66 -19.42 -5.19
C GLN D 358 31.78 -20.95 -5.39
N GLN D 359 30.69 -21.63 -5.76
CA GLN D 359 30.63 -23.11 -5.93
C GLN D 359 31.51 -23.55 -7.10
N LYS D 360 31.39 -22.91 -8.28
CA LYS D 360 32.12 -23.30 -9.52
C LYS D 360 33.60 -22.92 -9.40
#